data_5ZJL
# 
_entry.id   5ZJL 
# 
_audit_conform.dict_name       mmcif_pdbx.dic 
_audit_conform.dict_version    5.398 
_audit_conform.dict_location   http://mmcif.pdb.org/dictionaries/ascii/mmcif_pdbx.dic 
# 
loop_
_database_2.database_id 
_database_2.database_code 
_database_2.pdbx_database_accession 
_database_2.pdbx_DOI 
PDB   5ZJL         pdb_00005zjl 10.2210/pdb5zjl/pdb 
WWPDB D_1300007174 ?            ?                   
# 
loop_
_pdbx_audit_revision_history.ordinal 
_pdbx_audit_revision_history.data_content_type 
_pdbx_audit_revision_history.major_revision 
_pdbx_audit_revision_history.minor_revision 
_pdbx_audit_revision_history.revision_date 
1 'Structure model' 1 0 2018-05-23 
2 'Structure model' 1 1 2023-11-22 
3 'Structure model' 1 2 2024-11-13 
# 
_pdbx_audit_revision_details.ordinal             1 
_pdbx_audit_revision_details.revision_ordinal    1 
_pdbx_audit_revision_details.data_content_type   'Structure model' 
_pdbx_audit_revision_details.provider            repository 
_pdbx_audit_revision_details.type                'Initial release' 
_pdbx_audit_revision_details.description         ? 
_pdbx_audit_revision_details.details             ? 
# 
loop_
_pdbx_audit_revision_group.ordinal 
_pdbx_audit_revision_group.revision_ordinal 
_pdbx_audit_revision_group.data_content_type 
_pdbx_audit_revision_group.group 
1 2 'Structure model' 'Data collection'        
2 2 'Structure model' 'Database references'    
3 2 'Structure model' 'Refinement description' 
4 3 'Structure model' 'Structure summary'      
# 
loop_
_pdbx_audit_revision_category.ordinal 
_pdbx_audit_revision_category.revision_ordinal 
_pdbx_audit_revision_category.data_content_type 
_pdbx_audit_revision_category.category 
1 2 'Structure model' chem_comp_atom                
2 2 'Structure model' chem_comp_bond                
3 2 'Structure model' database_2                    
4 2 'Structure model' pdbx_initial_refinement_model 
5 2 'Structure model' struct_ncs_dom_lim            
6 3 'Structure model' pdbx_entry_details            
7 3 'Structure model' pdbx_modification_feature     
# 
loop_
_pdbx_audit_revision_item.ordinal 
_pdbx_audit_revision_item.revision_ordinal 
_pdbx_audit_revision_item.data_content_type 
_pdbx_audit_revision_item.item 
1  2 'Structure model' '_database_2.pdbx_DOI'                  
2  2 'Structure model' '_database_2.pdbx_database_accession'   
3  2 'Structure model' '_struct_ncs_dom_lim.beg_auth_comp_id'  
4  2 'Structure model' '_struct_ncs_dom_lim.beg_label_asym_id' 
5  2 'Structure model' '_struct_ncs_dom_lim.beg_label_comp_id' 
6  2 'Structure model' '_struct_ncs_dom_lim.beg_label_seq_id'  
7  2 'Structure model' '_struct_ncs_dom_lim.end_auth_comp_id'  
8  2 'Structure model' '_struct_ncs_dom_lim.end_label_asym_id' 
9  2 'Structure model' '_struct_ncs_dom_lim.end_label_comp_id' 
10 2 'Structure model' '_struct_ncs_dom_lim.end_label_seq_id'  
# 
_pdbx_database_status.status_code                     REL 
_pdbx_database_status.status_code_sf                  REL 
_pdbx_database_status.status_code_mr                  ? 
_pdbx_database_status.entry_id                        5ZJL 
_pdbx_database_status.recvd_initial_deposition_date   2018-03-20 
_pdbx_database_status.SG_entry                        N 
_pdbx_database_status.deposit_site                    PDBJ 
_pdbx_database_status.process_site                    PDBJ 
_pdbx_database_status.status_code_cs                  ? 
_pdbx_database_status.methods_development_category    ? 
_pdbx_database_status.pdb_format_compatible           Y 
_pdbx_database_status.status_code_nmr_data            ? 
# 
loop_
_audit_author.name 
_audit_author.pdbx_ordinal 
_audit_author.identifier_ORCID 
'Ji, K.'    1 ? 
'Chen, J.'  2 ? 
'Sun, J.L.' 3 ? 
'Hu, J.'    4 ? 
'Cai, Z.'   5 ? 
# 
_citation.abstract                  ? 
_citation.abstract_id_CAS           ? 
_citation.book_id_ISBN              ? 
_citation.book_publisher            ? 
_citation.book_publisher_city       ? 
_citation.book_title                ? 
_citation.coordinate_linkage        ? 
_citation.country                   ? 
_citation.database_id_Medline       ? 
_citation.details                   ? 
_citation.id                        primary 
_citation.journal_abbrev            'To Be Published' 
_citation.journal_id_ASTM           ? 
_citation.journal_id_CSD            0353 
_citation.journal_id_ISSN           ? 
_citation.journal_full              ? 
_citation.journal_issue             ? 
_citation.journal_volume            ? 
_citation.language                  ? 
_citation.page_first                ? 
_citation.page_last                 ? 
_citation.title                     'Crystal Structure of the dust mite allergen Der f 23 from Dermatophagoides farinae' 
_citation.year                      ? 
_citation.database_id_CSD           ? 
_citation.pdbx_database_id_DOI      ? 
_citation.pdbx_database_id_PubMed   ? 
_citation.unpublished_flag          ? 
# 
loop_
_citation_author.citation_id 
_citation_author.name 
_citation_author.ordinal 
_citation_author.identifier_ORCID 
primary 'Ji, K.'    1 ? 
primary 'Chen, J.'  2 ? 
primary 'Sun, J.L.' 3 ? 
primary 'Hu, J.'    4 ? 
primary 'Cai, Z.'   5 ? 
# 
_entity.id                         1 
_entity.type                       polymer 
_entity.src_method                 man 
_entity.pdbx_description           'Der f 23 allergen' 
_entity.formula_weight             3665.183 
_entity.pdbx_number_of_molecules   2 
_entity.pdbx_ec                    ? 
_entity.pdbx_mutation              ? 
_entity.pdbx_fragment              'UNP residues 144-174' 
_entity.details                    ? 
# 
_entity_poly.entity_id                      1 
_entity_poly.type                           'polypeptide(L)' 
_entity_poly.nstd_linkage                   no 
_entity_poly.nstd_monomer                   no 
_entity_poly.pdbx_seq_one_letter_code       PCKFYICSNWEAIHKSCPGNTRWNEKELTCT 
_entity_poly.pdbx_seq_one_letter_code_can   PCKFYICSNWEAIHKSCPGNTRWNEKELTCT 
_entity_poly.pdbx_strand_id                 A,B 
_entity_poly.pdbx_target_identifier         ? 
# 
loop_
_entity_poly_seq.entity_id 
_entity_poly_seq.num 
_entity_poly_seq.mon_id 
_entity_poly_seq.hetero 
1 1  PRO n 
1 2  CYS n 
1 3  LYS n 
1 4  PHE n 
1 5  TYR n 
1 6  ILE n 
1 7  CYS n 
1 8  SER n 
1 9  ASN n 
1 10 TRP n 
1 11 GLU n 
1 12 ALA n 
1 13 ILE n 
1 14 HIS n 
1 15 LYS n 
1 16 SER n 
1 17 CYS n 
1 18 PRO n 
1 19 GLY n 
1 20 ASN n 
1 21 THR n 
1 22 ARG n 
1 23 TRP n 
1 24 ASN n 
1 25 GLU n 
1 26 LYS n 
1 27 GLU n 
1 28 LEU n 
1 29 THR n 
1 30 CYS n 
1 31 THR n 
# 
_entity_src_gen.entity_id                          1 
_entity_src_gen.pdbx_src_id                        1 
_entity_src_gen.pdbx_alt_source_flag               sample 
_entity_src_gen.pdbx_seq_type                      'Biological sequence' 
_entity_src_gen.pdbx_beg_seq_num                   1 
_entity_src_gen.pdbx_end_seq_num                   31 
_entity_src_gen.gene_src_common_name               'American house dust mite' 
_entity_src_gen.gene_src_genus                     ? 
_entity_src_gen.pdbx_gene_src_gene                 ? 
_entity_src_gen.gene_src_species                   ? 
_entity_src_gen.gene_src_strain                    ? 
_entity_src_gen.gene_src_tissue                    ? 
_entity_src_gen.gene_src_tissue_fraction           ? 
_entity_src_gen.gene_src_details                   ? 
_entity_src_gen.pdbx_gene_src_fragment             ? 
_entity_src_gen.pdbx_gene_src_scientific_name      'Dermatophagoides farinae' 
_entity_src_gen.pdbx_gene_src_ncbi_taxonomy_id     6954 
_entity_src_gen.pdbx_gene_src_variant              ? 
_entity_src_gen.pdbx_gene_src_cell_line            ? 
_entity_src_gen.pdbx_gene_src_atcc                 ? 
_entity_src_gen.pdbx_gene_src_organ                ? 
_entity_src_gen.pdbx_gene_src_organelle            ? 
_entity_src_gen.pdbx_gene_src_cell                 ? 
_entity_src_gen.pdbx_gene_src_cellular_location    ? 
_entity_src_gen.host_org_common_name               ? 
_entity_src_gen.pdbx_host_org_scientific_name      'Escherichia coli BL21' 
_entity_src_gen.pdbx_host_org_ncbi_taxonomy_id     511693 
_entity_src_gen.host_org_genus                     ? 
_entity_src_gen.pdbx_host_org_gene                 ? 
_entity_src_gen.pdbx_host_org_organ                ? 
_entity_src_gen.host_org_species                   ? 
_entity_src_gen.pdbx_host_org_tissue               ? 
_entity_src_gen.pdbx_host_org_tissue_fraction      ? 
_entity_src_gen.pdbx_host_org_strain               BL21 
_entity_src_gen.pdbx_host_org_variant              ? 
_entity_src_gen.pdbx_host_org_cell_line            ? 
_entity_src_gen.pdbx_host_org_atcc                 ? 
_entity_src_gen.pdbx_host_org_culture_collection   ? 
_entity_src_gen.pdbx_host_org_cell                 ? 
_entity_src_gen.pdbx_host_org_organelle            ? 
_entity_src_gen.pdbx_host_org_cellular_location    ? 
_entity_src_gen.pdbx_host_org_vector_type          ? 
_entity_src_gen.pdbx_host_org_vector               ? 
_entity_src_gen.host_org_details                   ? 
_entity_src_gen.expression_system_id               ? 
_entity_src_gen.plasmid_name                       ? 
_entity_src_gen.plasmid_details                    ? 
_entity_src_gen.pdbx_description                   ? 
# 
loop_
_chem_comp.id 
_chem_comp.type 
_chem_comp.mon_nstd_flag 
_chem_comp.name 
_chem_comp.pdbx_synonyms 
_chem_comp.formula 
_chem_comp.formula_weight 
ALA 'L-peptide linking' y ALANINE         ? 'C3 H7 N O2'     89.093  
ARG 'L-peptide linking' y ARGININE        ? 'C6 H15 N4 O2 1' 175.209 
ASN 'L-peptide linking' y ASPARAGINE      ? 'C4 H8 N2 O3'    132.118 
CYS 'L-peptide linking' y CYSTEINE        ? 'C3 H7 N O2 S'   121.158 
GLU 'L-peptide linking' y 'GLUTAMIC ACID' ? 'C5 H9 N O4'     147.129 
GLY 'peptide linking'   y GLYCINE         ? 'C2 H5 N O2'     75.067  
HIS 'L-peptide linking' y HISTIDINE       ? 'C6 H10 N3 O2 1' 156.162 
ILE 'L-peptide linking' y ISOLEUCINE      ? 'C6 H13 N O2'    131.173 
LEU 'L-peptide linking' y LEUCINE         ? 'C6 H13 N O2'    131.173 
LYS 'L-peptide linking' y LYSINE          ? 'C6 H15 N2 O2 1' 147.195 
PHE 'L-peptide linking' y PHENYLALANINE   ? 'C9 H11 N O2'    165.189 
PRO 'L-peptide linking' y PROLINE         ? 'C5 H9 N O2'     115.130 
SER 'L-peptide linking' y SERINE          ? 'C3 H7 N O3'     105.093 
THR 'L-peptide linking' y THREONINE       ? 'C4 H9 N O3'     119.119 
TRP 'L-peptide linking' y TRYPTOPHAN      ? 'C11 H12 N2 O2'  204.225 
TYR 'L-peptide linking' y TYROSINE        ? 'C9 H11 N O3'    181.189 
# 
loop_
_pdbx_poly_seq_scheme.asym_id 
_pdbx_poly_seq_scheme.entity_id 
_pdbx_poly_seq_scheme.seq_id 
_pdbx_poly_seq_scheme.mon_id 
_pdbx_poly_seq_scheme.ndb_seq_num 
_pdbx_poly_seq_scheme.pdb_seq_num 
_pdbx_poly_seq_scheme.auth_seq_num 
_pdbx_poly_seq_scheme.pdb_mon_id 
_pdbx_poly_seq_scheme.auth_mon_id 
_pdbx_poly_seq_scheme.pdb_strand_id 
_pdbx_poly_seq_scheme.pdb_ins_code 
_pdbx_poly_seq_scheme.hetero 
A 1 1  PRO 1  9  9  PRO PRO A . n 
A 1 2  CYS 2  10 10 CYS CYS A . n 
A 1 3  LYS 3  11 11 LYS LYS A . n 
A 1 4  PHE 4  12 12 PHE PHE A . n 
A 1 5  TYR 5  13 13 TYR TYR A . n 
A 1 6  ILE 6  14 14 ILE ILE A . n 
A 1 7  CYS 7  15 15 CYS CYS A . n 
A 1 8  SER 8  16 16 SER SER A . n 
A 1 9  ASN 9  17 17 ASN ASN A . n 
A 1 10 TRP 10 18 18 TRP TRP A . n 
A 1 11 GLU 11 19 19 GLU GLU A . n 
A 1 12 ALA 12 20 20 ALA ALA A . n 
A 1 13 ILE 13 21 21 ILE ILE A . n 
A 1 14 HIS 14 22 22 HIS HIS A . n 
A 1 15 LYS 15 23 23 LYS LYS A . n 
A 1 16 SER 16 24 24 SER SER A . n 
A 1 17 CYS 17 25 25 CYS CYS A . n 
A 1 18 PRO 18 26 26 PRO PRO A . n 
A 1 19 GLY 19 27 27 GLY GLY A . n 
A 1 20 ASN 20 28 28 ASN ASN A . n 
A 1 21 THR 21 29 29 THR THR A . n 
A 1 22 ARG 22 30 30 ARG ARG A . n 
A 1 23 TRP 23 31 31 TRP TRP A . n 
A 1 24 ASN 24 32 32 ASN ASN A . n 
A 1 25 GLU 25 33 33 GLU GLU A . n 
A 1 26 LYS 26 34 34 LYS LYS A . n 
A 1 27 GLU 27 35 35 GLU GLU A . n 
A 1 28 LEU 28 36 36 LEU LEU A . n 
A 1 29 THR 29 37 37 THR THR A . n 
A 1 30 CYS 30 38 38 CYS CYS A . n 
A 1 31 THR 31 39 39 THR THR A . n 
B 1 1  PRO 1  9  9  PRO PRO B . n 
B 1 2  CYS 2  10 10 CYS CYS B . n 
B 1 3  LYS 3  11 11 LYS LYS B . n 
B 1 4  PHE 4  12 12 PHE PHE B . n 
B 1 5  TYR 5  13 13 TYR TYR B . n 
B 1 6  ILE 6  14 14 ILE ILE B . n 
B 1 7  CYS 7  15 15 CYS CYS B . n 
B 1 8  SER 8  16 16 SER SER B . n 
B 1 9  ASN 9  17 17 ASN ASN B . n 
B 1 10 TRP 10 18 18 TRP TRP B . n 
B 1 11 GLU 11 19 19 GLU GLU B . n 
B 1 12 ALA 12 20 20 ALA ALA B . n 
B 1 13 ILE 13 21 21 ILE ILE B . n 
B 1 14 HIS 14 22 22 HIS HIS B . n 
B 1 15 LYS 15 23 23 LYS LYS B . n 
B 1 16 SER 16 24 24 SER SER B . n 
B 1 17 CYS 17 25 25 CYS CYS B . n 
B 1 18 PRO 18 26 26 PRO PRO B . n 
B 1 19 GLY 19 27 27 GLY GLY B . n 
B 1 20 ASN 20 28 28 ASN ASN B . n 
B 1 21 THR 21 29 29 THR THR B . n 
B 1 22 ARG 22 30 30 ARG ARG B . n 
B 1 23 TRP 23 31 31 TRP TRP B . n 
B 1 24 ASN 24 32 32 ASN ASN B . n 
B 1 25 GLU 25 33 33 GLU GLU B . n 
B 1 26 LYS 26 34 34 LYS LYS B . n 
B 1 27 GLU 27 35 35 GLU GLU B . n 
B 1 28 LEU 28 36 36 LEU LEU B . n 
B 1 29 THR 29 37 37 THR THR B . n 
B 1 30 CYS 30 38 38 CYS CYS B . n 
B 1 31 THR 31 39 39 THR THR B . n 
# 
loop_
_software.citation_id 
_software.classification 
_software.compiler_name 
_software.compiler_version 
_software.contact_author 
_software.contact_author_email 
_software.date 
_software.description 
_software.dependencies 
_software.hardware 
_software.language 
_software.location 
_software.mods 
_software.name 
_software.os 
_software.os_version 
_software.type 
_software.version 
_software.pdbx_ordinal 
? refinement       ? ? ? ? ? ? ? ? ? ? ? REFMAC   ? ? ? 5.8.0189 1 
? 'data reduction' ? ? ? ? ? ? ? ? ? ? ? HKL-3000 ? ? ? .        2 
? 'data scaling'   ? ? ? ? ? ? ? ? ? ? ? HKL-3000 ? ? ? .        3 
? phasing          ? ? ? ? ? ? ? ? ? ? ? PHASER   ? ? ? .        4 
# 
_cell.angle_alpha                  90.00 
_cell.angle_alpha_esd              ? 
_cell.angle_beta                   89.99 
_cell.angle_beta_esd               ? 
_cell.angle_gamma                  90.00 
_cell.angle_gamma_esd              ? 
_cell.entry_id                     5ZJL 
_cell.details                      ? 
_cell.formula_units_Z              ? 
_cell.length_a                     39.049 
_cell.length_a_esd                 ? 
_cell.length_b                     39.048 
_cell.length_b_esd                 ? 
_cell.length_c                     109.970 
_cell.length_c_esd                 ? 
_cell.volume                       ? 
_cell.volume_esd                   ? 
_cell.Z_PDB                        8 
_cell.reciprocal_angle_alpha       ? 
_cell.reciprocal_angle_beta        ? 
_cell.reciprocal_angle_gamma       ? 
_cell.reciprocal_angle_alpha_esd   ? 
_cell.reciprocal_angle_beta_esd    ? 
_cell.reciprocal_angle_gamma_esd   ? 
_cell.reciprocal_length_a          ? 
_cell.reciprocal_length_b          ? 
_cell.reciprocal_length_c          ? 
_cell.reciprocal_length_a_esd      ? 
_cell.reciprocal_length_b_esd      ? 
_cell.reciprocal_length_c_esd      ? 
_cell.pdbx_unique_axis             ? 
# 
_symmetry.entry_id                         5ZJL 
_symmetry.cell_setting                     ? 
_symmetry.Int_Tables_number                5 
_symmetry.space_group_name_Hall            ? 
_symmetry.space_group_name_H-M             'C 1 2 1' 
_symmetry.pdbx_full_space_group_name_H-M   ? 
# 
_exptl.absorpt_coefficient_mu     ? 
_exptl.absorpt_correction_T_max   ? 
_exptl.absorpt_correction_T_min   ? 
_exptl.absorpt_correction_type    ? 
_exptl.absorpt_process_details    ? 
_exptl.entry_id                   5ZJL 
_exptl.crystals_number            1 
_exptl.details                    ? 
_exptl.method                     'X-RAY DIFFRACTION' 
_exptl.method_details             ? 
# 
_exptl_crystal.colour                      ? 
_exptl_crystal.density_diffrn              ? 
_exptl_crystal.density_Matthews            5.72 
_exptl_crystal.density_method              ? 
_exptl_crystal.density_percent_sol         78.49 
_exptl_crystal.description                 ? 
_exptl_crystal.F_000                       ? 
_exptl_crystal.id                          1 
_exptl_crystal.preparation                 ? 
_exptl_crystal.size_max                    ? 
_exptl_crystal.size_mid                    ? 
_exptl_crystal.size_min                    ? 
_exptl_crystal.size_rad                    ? 
_exptl_crystal.colour_lustre               ? 
_exptl_crystal.colour_modifier             ? 
_exptl_crystal.colour_primary              ? 
_exptl_crystal.density_meas                ? 
_exptl_crystal.density_meas_esd            ? 
_exptl_crystal.density_meas_gt             ? 
_exptl_crystal.density_meas_lt             ? 
_exptl_crystal.density_meas_temp           ? 
_exptl_crystal.density_meas_temp_esd       ? 
_exptl_crystal.density_meas_temp_gt        ? 
_exptl_crystal.density_meas_temp_lt        ? 
_exptl_crystal.pdbx_crystal_image_url      ? 
_exptl_crystal.pdbx_crystal_image_format   ? 
_exptl_crystal.pdbx_mosaicity              ? 
_exptl_crystal.pdbx_mosaicity_esd          ? 
# 
_exptl_crystal_grow.apparatus       ? 
_exptl_crystal_grow.atmosphere      ? 
_exptl_crystal_grow.crystal_id      1 
_exptl_crystal_grow.details         ? 
_exptl_crystal_grow.method          'VAPOR DIFFUSION, HANGING DROP' 
_exptl_crystal_grow.method_ref      ? 
_exptl_crystal_grow.pH              ? 
_exptl_crystal_grow.pressure        ? 
_exptl_crystal_grow.pressure_esd    ? 
_exptl_crystal_grow.seeding         ? 
_exptl_crystal_grow.seeding_ref     ? 
_exptl_crystal_grow.temp            293 
_exptl_crystal_grow.temp_details    ? 
_exptl_crystal_grow.temp_esd        ? 
_exptl_crystal_grow.time            ? 
_exptl_crystal_grow.pdbx_details    '0.2M MgCl2, 0.1 Sodium Citrate (pH 5.0), 2% PEG2000' 
_exptl_crystal_grow.pdbx_pH_range   ? 
# 
_diffrn.ambient_environment    ? 
_diffrn.ambient_temp           100 
_diffrn.ambient_temp_details   ? 
_diffrn.ambient_temp_esd       ? 
_diffrn.crystal_id             1 
_diffrn.crystal_support        ? 
_diffrn.crystal_treatment      ? 
_diffrn.details                ? 
_diffrn.id                     1 
_diffrn.ambient_pressure       ? 
_diffrn.ambient_pressure_esd   ? 
_diffrn.ambient_pressure_gt    ? 
_diffrn.ambient_pressure_lt    ? 
_diffrn.ambient_temp_gt        ? 
_diffrn.ambient_temp_lt        ? 
# 
_diffrn_detector.details                      ? 
_diffrn_detector.detector                     CCD 
_diffrn_detector.diffrn_id                    1 
_diffrn_detector.type                         'ADSC QUANTUM 315r' 
_diffrn_detector.area_resol_mean              ? 
_diffrn_detector.dtime                        ? 
_diffrn_detector.pdbx_frames_total            ? 
_diffrn_detector.pdbx_collection_time_total   ? 
_diffrn_detector.pdbx_collection_date         2017-05-12 
# 
_diffrn_radiation.collimation                      ? 
_diffrn_radiation.diffrn_id                        1 
_diffrn_radiation.filter_edge                      ? 
_diffrn_radiation.inhomogeneity                    ? 
_diffrn_radiation.monochromator                    ? 
_diffrn_radiation.polarisn_norm                    ? 
_diffrn_radiation.polarisn_ratio                   ? 
_diffrn_radiation.probe                            ? 
_diffrn_radiation.type                             ? 
_diffrn_radiation.xray_symbol                      ? 
_diffrn_radiation.wavelength_id                    1 
_diffrn_radiation.pdbx_monochromatic_or_laue_m_l   M 
_diffrn_radiation.pdbx_wavelength_list             ? 
_diffrn_radiation.pdbx_wavelength                  ? 
_diffrn_radiation.pdbx_diffrn_protocol             'SINGLE WAVELENGTH' 
_diffrn_radiation.pdbx_analyzer                    ? 
_diffrn_radiation.pdbx_scattering_type             x-ray 
# 
_diffrn_radiation_wavelength.id           1 
_diffrn_radiation_wavelength.wavelength   0.97915 
_diffrn_radiation_wavelength.wt           1.0 
# 
_diffrn_source.current                     ? 
_diffrn_source.details                     ? 
_diffrn_source.diffrn_id                   1 
_diffrn_source.power                       ? 
_diffrn_source.size                        ? 
_diffrn_source.source                      SYNCHROTRON 
_diffrn_source.target                      ? 
_diffrn_source.type                        'SSRF BEAMLINE BL17U1' 
_diffrn_source.voltage                     ? 
_diffrn_source.take-off_angle              ? 
_diffrn_source.pdbx_wavelength_list        0.97915 
_diffrn_source.pdbx_wavelength             ? 
_diffrn_source.pdbx_synchrotron_beamline   BL17U1 
_diffrn_source.pdbx_synchrotron_site       SSRF 
# 
_reflns.B_iso_Wilson_estimate            ? 
_reflns.entry_id                         5ZJL 
_reflns.data_reduction_details           ? 
_reflns.data_reduction_method            ? 
_reflns.d_resolution_high                1.70 
_reflns.d_resolution_low                 25.00 
_reflns.details                          ? 
_reflns.limit_h_max                      ? 
_reflns.limit_h_min                      ? 
_reflns.limit_k_max                      ? 
_reflns.limit_k_min                      ? 
_reflns.limit_l_max                      ? 
_reflns.limit_l_min                      ? 
_reflns.number_all                       ? 
_reflns.number_obs                       15991 
_reflns.observed_criterion               ? 
_reflns.observed_criterion_F_max         ? 
_reflns.observed_criterion_F_min         ? 
_reflns.observed_criterion_I_max         ? 
_reflns.observed_criterion_I_min         ? 
_reflns.observed_criterion_sigma_F       ? 
_reflns.observed_criterion_sigma_I       ? 
_reflns.percent_possible_obs             87.0 
_reflns.R_free_details                   ? 
_reflns.Rmerge_F_all                     ? 
_reflns.Rmerge_F_obs                     ? 
_reflns.Friedel_coverage                 ? 
_reflns.number_gt                        ? 
_reflns.threshold_expression             ? 
_reflns.pdbx_redundancy                  5.8 
_reflns.pdbx_Rmerge_I_obs                ? 
_reflns.pdbx_Rmerge_I_all                ? 
_reflns.pdbx_Rsym_value                  ? 
_reflns.pdbx_netI_over_av_sigmaI         ? 
_reflns.pdbx_netI_over_sigmaI            10 
_reflns.pdbx_res_netI_over_av_sigmaI_2   ? 
_reflns.pdbx_res_netI_over_sigmaI_2      ? 
_reflns.pdbx_chi_squared                 ? 
_reflns.pdbx_scaling_rejects             ? 
_reflns.pdbx_d_res_high_opt              ? 
_reflns.pdbx_d_res_low_opt               ? 
_reflns.pdbx_d_res_opt_method            ? 
_reflns.phase_calculation_details        ? 
_reflns.pdbx_Rrim_I_all                  ? 
_reflns.pdbx_Rpim_I_all                  ? 
_reflns.pdbx_d_opt                       ? 
_reflns.pdbx_number_measured_all         ? 
_reflns.pdbx_diffrn_id                   1 
_reflns.pdbx_ordinal                     1 
_reflns.pdbx_CC_half                     ? 
_reflns.pdbx_R_split                     ? 
# 
_reflns_shell.d_res_high                  1.70 
_reflns_shell.d_res_low                   1.73 
_reflns_shell.meanI_over_sigI_all         ? 
_reflns_shell.meanI_over_sigI_obs         ? 
_reflns_shell.number_measured_all         ? 
_reflns_shell.number_measured_obs         ? 
_reflns_shell.number_possible             ? 
_reflns_shell.number_unique_all           ? 
_reflns_shell.number_unique_obs           ? 
_reflns_shell.percent_possible_all        ? 
_reflns_shell.percent_possible_obs        ? 
_reflns_shell.Rmerge_F_all                ? 
_reflns_shell.Rmerge_F_obs                ? 
_reflns_shell.Rmerge_I_all                ? 
_reflns_shell.Rmerge_I_obs                ? 
_reflns_shell.meanI_over_sigI_gt          ? 
_reflns_shell.meanI_over_uI_all           ? 
_reflns_shell.meanI_over_uI_gt            ? 
_reflns_shell.number_measured_gt          ? 
_reflns_shell.number_unique_gt            ? 
_reflns_shell.percent_possible_gt         ? 
_reflns_shell.Rmerge_F_gt                 ? 
_reflns_shell.Rmerge_I_gt                 ? 
_reflns_shell.pdbx_redundancy             ? 
_reflns_shell.pdbx_Rsym_value             ? 
_reflns_shell.pdbx_chi_squared            ? 
_reflns_shell.pdbx_netI_over_sigmaI_all   ? 
_reflns_shell.pdbx_netI_over_sigmaI_obs   ? 
_reflns_shell.pdbx_Rrim_I_all             ? 
_reflns_shell.pdbx_Rpim_I_all             ? 
_reflns_shell.pdbx_rejects                ? 
_reflns_shell.pdbx_ordinal                1 
_reflns_shell.pdbx_diffrn_id              1 
_reflns_shell.pdbx_CC_half                ? 
_reflns_shell.pdbx_R_split                ? 
# 
_refine.aniso_B[1][1]                            -7.81 
_refine.aniso_B[1][2]                            0.00 
_refine.aniso_B[1][3]                            -1.25 
_refine.aniso_B[2][2]                            -7.41 
_refine.aniso_B[2][3]                            0.00 
_refine.aniso_B[3][3]                            15.22 
_refine.B_iso_max                                ? 
_refine.B_iso_mean                               15.562 
_refine.B_iso_min                                ? 
_refine.correlation_coeff_Fo_to_Fc               0.783 
_refine.correlation_coeff_Fo_to_Fc_free          0.779 
_refine.details                                  'HYDROGENS HAVE BEEN ADDED IN THE RIDING POSITIONS' 
_refine.diff_density_max                         ? 
_refine.diff_density_max_esd                     ? 
_refine.diff_density_min                         ? 
_refine.diff_density_min_esd                     ? 
_refine.diff_density_rms                         ? 
_refine.diff_density_rms_esd                     ? 
_refine.entry_id                                 5ZJL 
_refine.pdbx_refine_id                           'X-RAY DIFFRACTION' 
_refine.ls_abs_structure_details                 ? 
_refine.ls_abs_structure_Flack                   ? 
_refine.ls_abs_structure_Flack_esd               ? 
_refine.ls_abs_structure_Rogers                  ? 
_refine.ls_abs_structure_Rogers_esd              ? 
_refine.ls_d_res_high                            1.70 
_refine.ls_d_res_low                             21.99 
_refine.ls_extinction_coef                       ? 
_refine.ls_extinction_coef_esd                   ? 
_refine.ls_extinction_expression                 ? 
_refine.ls_extinction_method                     ? 
_refine.ls_goodness_of_fit_all                   ? 
_refine.ls_goodness_of_fit_all_esd               ? 
_refine.ls_goodness_of_fit_obs                   ? 
_refine.ls_goodness_of_fit_obs_esd               ? 
_refine.ls_hydrogen_treatment                    ? 
_refine.ls_matrix_type                           ? 
_refine.ls_number_constraints                    ? 
_refine.ls_number_parameters                     ? 
_refine.ls_number_reflns_all                     ? 
_refine.ls_number_reflns_obs                     15058 
_refine.ls_number_reflns_R_free                  818 
_refine.ls_number_reflns_R_work                  ? 
_refine.ls_number_restraints                     ? 
_refine.ls_percent_reflns_obs                    86.21 
_refine.ls_percent_reflns_R_free                 5.2 
_refine.ls_R_factor_all                          ? 
_refine.ls_R_factor_obs                          0.28712 
_refine.ls_R_factor_R_free                       0.30091 
_refine.ls_R_factor_R_free_error                 ? 
_refine.ls_R_factor_R_free_error_details         ? 
_refine.ls_R_factor_R_work                       0.28630 
_refine.ls_R_Fsqd_factor_obs                     ? 
_refine.ls_R_I_factor_obs                        ? 
_refine.ls_redundancy_reflns_all                 ? 
_refine.ls_redundancy_reflns_obs                 ? 
_refine.ls_restrained_S_all                      ? 
_refine.ls_restrained_S_obs                      ? 
_refine.ls_shift_over_esd_max                    ? 
_refine.ls_shift_over_esd_mean                   ? 
_refine.ls_structure_factor_coef                 ? 
_refine.ls_weighting_details                     ? 
_refine.ls_weighting_scheme                      ? 
_refine.ls_wR_factor_all                         ? 
_refine.ls_wR_factor_obs                         ? 
_refine.ls_wR_factor_R_free                      ? 
_refine.ls_wR_factor_R_work                      ? 
_refine.occupancy_max                            ? 
_refine.occupancy_min                            ? 
_refine.solvent_model_details                    ? 
_refine.solvent_model_param_bsol                 ? 
_refine.solvent_model_param_ksol                 ? 
_refine.ls_R_factor_gt                           ? 
_refine.ls_goodness_of_fit_gt                    ? 
_refine.ls_goodness_of_fit_ref                   ? 
_refine.ls_shift_over_su_max                     ? 
_refine.ls_shift_over_su_max_lt                  ? 
_refine.ls_shift_over_su_mean                    ? 
_refine.ls_shift_over_su_mean_lt                 ? 
_refine.pdbx_ls_sigma_I                          ? 
_refine.pdbx_ls_sigma_F                          ? 
_refine.pdbx_ls_sigma_Fsqd                       ? 
_refine.pdbx_data_cutoff_high_absF               ? 
_refine.pdbx_data_cutoff_high_rms_absF           ? 
_refine.pdbx_data_cutoff_low_absF                ? 
_refine.pdbx_isotropic_thermal_model             ? 
_refine.pdbx_ls_cross_valid_method               THROUGHOUT 
_refine.pdbx_method_to_determine_struct          'MOLECULAR REPLACEMENT' 
_refine.pdbx_starting_model                      4ZCE 
_refine.pdbx_stereochemistry_target_values       ? 
_refine.pdbx_R_Free_selection_details            RANDOM 
_refine.pdbx_stereochem_target_val_spec_case     ? 
_refine.pdbx_overall_ESU_R                       0.024 
_refine.pdbx_overall_ESU_R_Free                  0.021 
_refine.pdbx_solvent_vdw_probe_radii             1.20 
_refine.pdbx_solvent_ion_probe_radii             0.80 
_refine.pdbx_solvent_shrinkage_radii             0.80 
_refine.pdbx_real_space_R                        ? 
_refine.pdbx_density_correlation                 ? 
_refine.pdbx_pd_number_of_powder_patterns        ? 
_refine.pdbx_pd_number_of_points                 ? 
_refine.pdbx_pd_meas_number_of_points            ? 
_refine.pdbx_pd_proc_ls_prof_R_factor            ? 
_refine.pdbx_pd_proc_ls_prof_wR_factor           ? 
_refine.pdbx_pd_Marquardt_correlation_coeff      ? 
_refine.pdbx_pd_Fsqrd_R_factor                   ? 
_refine.pdbx_pd_ls_matrix_band_width             ? 
_refine.pdbx_overall_phase_error                 ? 
_refine.pdbx_overall_SU_R_free_Cruickshank_DPI   ? 
_refine.pdbx_overall_SU_R_free_Blow_DPI          ? 
_refine.pdbx_overall_SU_R_Blow_DPI               ? 
_refine.pdbx_TLS_residual_ADP_flag               ? 
_refine.pdbx_diffrn_id                           1 
_refine.overall_SU_B                             5.321 
_refine.overall_SU_ML                            0.078 
_refine.overall_SU_R_Cruickshank_DPI             ? 
_refine.overall_SU_R_free                        ? 
_refine.overall_FOM_free_R_set                   ? 
_refine.overall_FOM_work_R_set                   ? 
_refine.pdbx_average_fsc_overall                 ? 
_refine.pdbx_average_fsc_work                    ? 
_refine.pdbx_average_fsc_free                    ? 
# 
_refine_hist.pdbx_refine_id                   'X-RAY DIFFRACTION' 
_refine_hist.cycle_id                         1 
_refine_hist.pdbx_number_atoms_protein        508 
_refine_hist.pdbx_number_atoms_nucleic_acid   0 
_refine_hist.pdbx_number_atoms_ligand         0 
_refine_hist.number_atoms_solvent             0 
_refine_hist.number_atoms_total               508 
_refine_hist.d_res_high                       1.70 
_refine_hist.d_res_low                        21.99 
# 
loop_
_refine_ls_restr.pdbx_refine_id 
_refine_ls_restr.criterion 
_refine_ls_restr.dev_ideal 
_refine_ls_restr.dev_ideal_target 
_refine_ls_restr.number 
_refine_ls_restr.rejects 
_refine_ls_restr.type 
_refine_ls_restr.weight 
_refine_ls_restr.pdbx_restraint_function 
'X-RAY DIFFRACTION' ? 0.042  0.020  525  ? r_bond_refined_d             ? ? 
'X-RAY DIFFRACTION' ? 0.007  0.020  448  ? r_bond_other_d               ? ? 
'X-RAY DIFFRACTION' ? 2.980  1.890  710  ? r_angle_refined_deg          ? ? 
'X-RAY DIFFRACTION' ? 1.940  3.000  1052 ? r_angle_other_deg            ? ? 
'X-RAY DIFFRACTION' ? 6.465  5.000  60   ? r_dihedral_angle_1_deg       ? ? 
'X-RAY DIFFRACTION' ? 35.622 24.167 24   ? r_dihedral_angle_2_deg       ? ? 
'X-RAY DIFFRACTION' ? 20.324 15.000 88   ? r_dihedral_angle_3_deg       ? ? 
'X-RAY DIFFRACTION' ? 13.389 15.000 2    ? r_dihedral_angle_4_deg       ? ? 
'X-RAY DIFFRACTION' ? 0.204  0.200  72   ? r_chiral_restr               ? ? 
'X-RAY DIFFRACTION' ? 0.018  0.020  562  ? r_gen_planes_refined         ? ? 
'X-RAY DIFFRACTION' ? 0.003  0.020  112  ? r_gen_planes_other           ? ? 
'X-RAY DIFFRACTION' ? ?      ?      ?    ? r_nbd_refined                ? ? 
'X-RAY DIFFRACTION' ? ?      ?      ?    ? r_nbd_other                  ? ? 
'X-RAY DIFFRACTION' ? ?      ?      ?    ? r_nbtor_refined              ? ? 
'X-RAY DIFFRACTION' ? ?      ?      ?    ? r_nbtor_other                ? ? 
'X-RAY DIFFRACTION' ? ?      ?      ?    ? r_xyhbond_nbd_refined        ? ? 
'X-RAY DIFFRACTION' ? ?      ?      ?    ? r_xyhbond_nbd_other          ? ? 
'X-RAY DIFFRACTION' ? ?      ?      ?    ? r_metal_ion_refined          ? ? 
'X-RAY DIFFRACTION' ? ?      ?      ?    ? r_metal_ion_other            ? ? 
'X-RAY DIFFRACTION' ? ?      ?      ?    ? r_symmetry_vdw_refined       ? ? 
'X-RAY DIFFRACTION' ? ?      ?      ?    ? r_symmetry_vdw_other         ? ? 
'X-RAY DIFFRACTION' ? ?      ?      ?    ? r_symmetry_hbond_refined     ? ? 
'X-RAY DIFFRACTION' ? ?      ?      ?    ? r_symmetry_hbond_other       ? ? 
'X-RAY DIFFRACTION' ? ?      ?      ?    ? r_symmetry_metal_ion_refined ? ? 
'X-RAY DIFFRACTION' ? ?      ?      ?    ? r_symmetry_metal_ion_other   ? ? 
'X-RAY DIFFRACTION' ? 2.195  1.183  246  ? r_mcbond_it                  ? ? 
'X-RAY DIFFRACTION' ? 2.193  52.029 245  ? r_mcbond_other               ? ? 
'X-RAY DIFFRACTION' ? 2.283  1.787  304  ? r_mcangle_it                 ? ? 
'X-RAY DIFFRACTION' ? 2.281  ?      305  ? r_mcangle_other              ? ? 
'X-RAY DIFFRACTION' ? 2.428  1.189  276  ? r_scbond_it                  ? ? 
'X-RAY DIFFRACTION' ? 2.424  ?      277  ? r_scbond_other               ? ? 
'X-RAY DIFFRACTION' ? ?      ?      ?    ? r_scangle_it                 ? ? 
'X-RAY DIFFRACTION' ? 2.178  1.783  405  ? r_scangle_other              ? ? 
'X-RAY DIFFRACTION' ? 2.255  13.470 624  ? r_long_range_B_refined       ? ? 
'X-RAY DIFFRACTION' ? 2.253  13.650 625  ? r_long_range_B_other         ? ? 
'X-RAY DIFFRACTION' ? 15.480 3.000  522  ? r_rigid_bond_restr           ? ? 
'X-RAY DIFFRACTION' ? ?      ?      ?    ? r_sphericity_free            ? ? 
'X-RAY DIFFRACTION' ? 4.981  5.000  508  ? r_sphericity_bonded          ? ? 
# 
loop_
_refine_ls_restr_ncs.pdbx_refine_id 
_refine_ls_restr_ncs.dom_id 
_refine_ls_restr_ncs.pdbx_ens_id 
_refine_ls_restr_ncs.pdbx_ordinal 
_refine_ls_restr_ncs.ncs_model_details 
_refine_ls_restr_ncs.rms_dev_position 
_refine_ls_restr_ncs.weight_position 
_refine_ls_restr_ncs.rms_dev_B_iso 
_refine_ls_restr_ncs.weight_B_iso 
_refine_ls_restr_ncs.pdbx_auth_asym_id 
_refine_ls_restr_ncs.pdbx_number 
_refine_ls_restr_ncs.pdbx_type 
_refine_ls_restr_ncs.pdbx_asym_id 
_refine_ls_restr_ncs.pdbx_rms 
_refine_ls_restr_ncs.pdbx_weight 
'X-RAY DIFFRACTION' 1 1 1 ? 0.22 0.05 ? ? A 1690 'interatomic distance' ? ? ? 
'X-RAY DIFFRACTION' 2 1 2 ? 0.22 0.05 ? ? B 1690 'interatomic distance' ? ? ? 
# 
_refine_ls_shell.pdbx_refine_id                   'X-RAY DIFFRACTION' 
_refine_ls_shell.d_res_high                       1.701 
_refine_ls_shell.d_res_low                        1.745 
_refine_ls_shell.number_reflns_all                ? 
_refine_ls_shell.number_reflns_obs                ? 
_refine_ls_shell.number_reflns_R_free             60 
_refine_ls_shell.number_reflns_R_work             1217 
_refine_ls_shell.percent_reflns_obs               95.66 
_refine_ls_shell.percent_reflns_R_free            ? 
_refine_ls_shell.R_factor_all                     ? 
_refine_ls_shell.R_factor_obs                     ? 
_refine_ls_shell.R_factor_R_free                  0.589 
_refine_ls_shell.R_factor_R_free_error            ? 
_refine_ls_shell.R_factor_R_work                  0.340 
_refine_ls_shell.redundancy_reflns_all            ? 
_refine_ls_shell.redundancy_reflns_obs            ? 
_refine_ls_shell.wR_factor_all                    ? 
_refine_ls_shell.wR_factor_obs                    ? 
_refine_ls_shell.wR_factor_R_free                 ? 
_refine_ls_shell.wR_factor_R_work                 ? 
_refine_ls_shell.pdbx_total_number_of_bins_used   20 
_refine_ls_shell.pdbx_phase_error                 ? 
_refine_ls_shell.pdbx_fsc_work                    ? 
_refine_ls_shell.pdbx_fsc_free                    ? 
# 
loop_
_struct_ncs_dom.id 
_struct_ncs_dom.details 
_struct_ncs_dom.pdbx_ens_id 
1 A 1 
2 B 1 
# 
loop_
_struct_ncs_dom_lim.pdbx_ens_id 
_struct_ncs_dom_lim.dom_id 
_struct_ncs_dom_lim.pdbx_component_id 
_struct_ncs_dom_lim.beg_label_asym_id 
_struct_ncs_dom_lim.beg_label_comp_id 
_struct_ncs_dom_lim.beg_label_seq_id 
_struct_ncs_dom_lim.beg_label_alt_id 
_struct_ncs_dom_lim.end_label_asym_id 
_struct_ncs_dom_lim.end_label_comp_id 
_struct_ncs_dom_lim.end_label_seq_id 
_struct_ncs_dom_lim.end_label_alt_id 
_struct_ncs_dom_lim.beg_auth_asym_id 
_struct_ncs_dom_lim.beg_auth_comp_id 
_struct_ncs_dom_lim.beg_auth_seq_id 
_struct_ncs_dom_lim.end_auth_asym_id 
_struct_ncs_dom_lim.end_auth_comp_id 
_struct_ncs_dom_lim.end_auth_seq_id 
_struct_ncs_dom_lim.pdbx_refine_code 
_struct_ncs_dom_lim.selection_details 
1 1 0 A PRO 1 . A THR 31 . A PRO 9 A THR 39 0 ? 
1 2 0 B PRO 1 . B THR 31 . B PRO 9 B THR 39 0 ? 
# 
_struct_ncs_ens.id        1 
_struct_ncs_ens.details   ? 
# 
_struct.entry_id                     5ZJL 
_struct.title                        'Crystal Structure of the dust mite allergen Der f 23 from Dermatophagoides farinae' 
_struct.pdbx_model_details           ? 
_struct.pdbx_formula_weight          ? 
_struct.pdbx_formula_weight_method   ? 
_struct.pdbx_model_type_details      ? 
_struct.pdbx_CASP_flag               N 
# 
_struct_keywords.entry_id        5ZJL 
_struct_keywords.text            Allergen 
_struct_keywords.pdbx_keywords   ALLERGEN 
# 
loop_
_struct_asym.id 
_struct_asym.pdbx_blank_PDB_chainid_flag 
_struct_asym.pdbx_modified 
_struct_asym.entity_id 
_struct_asym.details 
A N N 1 ? 
B N N 1 ? 
# 
_struct_ref.id                         1 
_struct_ref.db_name                    UNP 
_struct_ref.db_code                    A0A0U3JM87_DERFA 
_struct_ref.pdbx_db_accession          A0A0U3JM87 
_struct_ref.pdbx_db_isoform            ? 
_struct_ref.entity_id                  1 
_struct_ref.pdbx_seq_one_letter_code   PCKFYICSNWEAIHKSCPGNTRWNEKELTCT 
_struct_ref.pdbx_align_begin           144 
# 
loop_
_struct_ref_seq.align_id 
_struct_ref_seq.ref_id 
_struct_ref_seq.pdbx_PDB_id_code 
_struct_ref_seq.pdbx_strand_id 
_struct_ref_seq.seq_align_beg 
_struct_ref_seq.pdbx_seq_align_beg_ins_code 
_struct_ref_seq.seq_align_end 
_struct_ref_seq.pdbx_seq_align_end_ins_code 
_struct_ref_seq.pdbx_db_accession 
_struct_ref_seq.db_align_beg 
_struct_ref_seq.pdbx_db_align_beg_ins_code 
_struct_ref_seq.db_align_end 
_struct_ref_seq.pdbx_db_align_end_ins_code 
_struct_ref_seq.pdbx_auth_seq_align_beg 
_struct_ref_seq.pdbx_auth_seq_align_end 
1 1 5ZJL A 1 ? 31 ? A0A0U3JM87 144 ? 174 ? 9 39 
2 1 5ZJL B 1 ? 31 ? A0A0U3JM87 144 ? 174 ? 9 39 
# 
loop_
_pdbx_struct_assembly.id 
_pdbx_struct_assembly.details 
_pdbx_struct_assembly.method_details 
_pdbx_struct_assembly.oligomeric_details 
_pdbx_struct_assembly.oligomeric_count 
1 author_defined_assembly ? monomeric 1 
2 author_defined_assembly ? monomeric 1 
# 
loop_
_pdbx_struct_assembly_gen.assembly_id 
_pdbx_struct_assembly_gen.oper_expression 
_pdbx_struct_assembly_gen.asym_id_list 
1 1 A 
2 1 B 
# 
_pdbx_struct_assembly_auth_evidence.id                     1 
_pdbx_struct_assembly_auth_evidence.assembly_id            1 
_pdbx_struct_assembly_auth_evidence.experimental_support   none 
_pdbx_struct_assembly_auth_evidence.details                ? 
# 
_pdbx_struct_oper_list.id                   1 
_pdbx_struct_oper_list.type                 'identity operation' 
_pdbx_struct_oper_list.name                 1_555 
_pdbx_struct_oper_list.symmetry_operation   x,y,z 
_pdbx_struct_oper_list.matrix[1][1]         1.0000000000 
_pdbx_struct_oper_list.matrix[1][2]         0.0000000000 
_pdbx_struct_oper_list.matrix[1][3]         0.0000000000 
_pdbx_struct_oper_list.vector[1]            0.0000000000 
_pdbx_struct_oper_list.matrix[2][1]         0.0000000000 
_pdbx_struct_oper_list.matrix[2][2]         1.0000000000 
_pdbx_struct_oper_list.matrix[2][3]         0.0000000000 
_pdbx_struct_oper_list.vector[2]            0.0000000000 
_pdbx_struct_oper_list.matrix[3][1]         0.0000000000 
_pdbx_struct_oper_list.matrix[3][2]         0.0000000000 
_pdbx_struct_oper_list.matrix[3][3]         1.0000000000 
_pdbx_struct_oper_list.vector[3]            0.0000000000 
# 
_struct_conn.id                            disulf1 
_struct_conn.conn_type_id                  disulf 
_struct_conn.pdbx_leaving_atom_flag        ? 
_struct_conn.pdbx_PDB_id                   ? 
_struct_conn.ptnr1_label_asym_id           B 
_struct_conn.ptnr1_label_comp_id           CYS 
_struct_conn.ptnr1_label_seq_id            17 
_struct_conn.ptnr1_label_atom_id           SG 
_struct_conn.pdbx_ptnr1_label_alt_id       ? 
_struct_conn.pdbx_ptnr1_PDB_ins_code       ? 
_struct_conn.pdbx_ptnr1_standard_comp_id   ? 
_struct_conn.ptnr1_symmetry                1_555 
_struct_conn.ptnr2_label_asym_id           B 
_struct_conn.ptnr2_label_comp_id           CYS 
_struct_conn.ptnr2_label_seq_id            30 
_struct_conn.ptnr2_label_atom_id           SG 
_struct_conn.pdbx_ptnr2_label_alt_id       ? 
_struct_conn.pdbx_ptnr2_PDB_ins_code       ? 
_struct_conn.ptnr1_auth_asym_id            B 
_struct_conn.ptnr1_auth_comp_id            CYS 
_struct_conn.ptnr1_auth_seq_id             25 
_struct_conn.ptnr2_auth_asym_id            B 
_struct_conn.ptnr2_auth_comp_id            CYS 
_struct_conn.ptnr2_auth_seq_id             38 
_struct_conn.ptnr2_symmetry                1_555 
_struct_conn.pdbx_ptnr3_label_atom_id      ? 
_struct_conn.pdbx_ptnr3_label_seq_id       ? 
_struct_conn.pdbx_ptnr3_label_comp_id      ? 
_struct_conn.pdbx_ptnr3_label_asym_id      ? 
_struct_conn.pdbx_ptnr3_label_alt_id       ? 
_struct_conn.pdbx_ptnr3_PDB_ins_code       ? 
_struct_conn.details                       ? 
_struct_conn.pdbx_dist_value               2.256 
_struct_conn.pdbx_value_order              ? 
_struct_conn.pdbx_role                     ? 
# 
_struct_conn_type.id          disulf 
_struct_conn_type.criteria    ? 
_struct_conn_type.reference   ? 
# 
_pdbx_modification_feature.ordinal                            1 
_pdbx_modification_feature.label_comp_id                      CYS 
_pdbx_modification_feature.label_asym_id                      B 
_pdbx_modification_feature.label_seq_id                       17 
_pdbx_modification_feature.label_alt_id                       ? 
_pdbx_modification_feature.modified_residue_label_comp_id     CYS 
_pdbx_modification_feature.modified_residue_label_asym_id     B 
_pdbx_modification_feature.modified_residue_label_seq_id      30 
_pdbx_modification_feature.modified_residue_label_alt_id      ? 
_pdbx_modification_feature.auth_comp_id                       CYS 
_pdbx_modification_feature.auth_asym_id                       B 
_pdbx_modification_feature.auth_seq_id                        25 
_pdbx_modification_feature.PDB_ins_code                       ? 
_pdbx_modification_feature.symmetry                           1_555 
_pdbx_modification_feature.modified_residue_auth_comp_id      CYS 
_pdbx_modification_feature.modified_residue_auth_asym_id      B 
_pdbx_modification_feature.modified_residue_auth_seq_id       38 
_pdbx_modification_feature.modified_residue_PDB_ins_code      ? 
_pdbx_modification_feature.modified_residue_symmetry          1_555 
_pdbx_modification_feature.comp_id_linking_atom               SG 
_pdbx_modification_feature.modified_residue_id_linking_atom   SG 
_pdbx_modification_feature.modified_residue_id                . 
_pdbx_modification_feature.ref_pcm_id                         . 
_pdbx_modification_feature.ref_comp_id                        . 
_pdbx_modification_feature.type                               None 
_pdbx_modification_feature.category                           'Disulfide bridge' 
# 
loop_
_struct_sheet.id 
_struct_sheet.type 
_struct_sheet.number_strands 
_struct_sheet.details 
AA1 ? 2 ? 
AA2 ? 2 ? 
AA3 ? 2 ? 
AA4 ? 2 ? 
# 
loop_
_struct_sheet_order.sheet_id 
_struct_sheet_order.range_id_1 
_struct_sheet_order.range_id_2 
_struct_sheet_order.offset 
_struct_sheet_order.sense 
AA1 1 2 ? anti-parallel 
AA2 1 2 ? anti-parallel 
AA3 1 2 ? anti-parallel 
AA4 1 2 ? anti-parallel 
# 
loop_
_struct_sheet_range.sheet_id 
_struct_sheet_range.id 
_struct_sheet_range.beg_label_comp_id 
_struct_sheet_range.beg_label_asym_id 
_struct_sheet_range.beg_label_seq_id 
_struct_sheet_range.pdbx_beg_PDB_ins_code 
_struct_sheet_range.end_label_comp_id 
_struct_sheet_range.end_label_asym_id 
_struct_sheet_range.end_label_seq_id 
_struct_sheet_range.pdbx_end_PDB_ins_code 
_struct_sheet_range.beg_auth_comp_id 
_struct_sheet_range.beg_auth_asym_id 
_struct_sheet_range.beg_auth_seq_id 
_struct_sheet_range.end_auth_comp_id 
_struct_sheet_range.end_auth_asym_id 
_struct_sheet_range.end_auth_seq_id 
AA1 1 LYS A 3  ? CYS A 7  ? LYS A 11 CYS A 15 
AA1 2 ALA A 12 ? SER A 16 ? ALA A 20 SER A 24 
AA2 1 TRP A 23 ? ASN A 24 ? TRP A 31 ASN A 32 
AA2 2 THR A 29 ? CYS A 30 ? THR A 37 CYS A 38 
AA3 1 LYS B 3  ? CYS B 7  ? LYS B 11 CYS B 15 
AA3 2 ALA B 12 ? SER B 16 ? ALA B 20 SER B 24 
AA4 1 TRP B 23 ? ASN B 24 ? TRP B 31 ASN B 32 
AA4 2 THR B 29 ? CYS B 30 ? THR B 37 CYS B 38 
# 
loop_
_pdbx_struct_sheet_hbond.sheet_id 
_pdbx_struct_sheet_hbond.range_id_1 
_pdbx_struct_sheet_hbond.range_id_2 
_pdbx_struct_sheet_hbond.range_1_label_atom_id 
_pdbx_struct_sheet_hbond.range_1_label_comp_id 
_pdbx_struct_sheet_hbond.range_1_label_asym_id 
_pdbx_struct_sheet_hbond.range_1_label_seq_id 
_pdbx_struct_sheet_hbond.range_1_PDB_ins_code 
_pdbx_struct_sheet_hbond.range_1_auth_atom_id 
_pdbx_struct_sheet_hbond.range_1_auth_comp_id 
_pdbx_struct_sheet_hbond.range_1_auth_asym_id 
_pdbx_struct_sheet_hbond.range_1_auth_seq_id 
_pdbx_struct_sheet_hbond.range_2_label_atom_id 
_pdbx_struct_sheet_hbond.range_2_label_comp_id 
_pdbx_struct_sheet_hbond.range_2_label_asym_id 
_pdbx_struct_sheet_hbond.range_2_label_seq_id 
_pdbx_struct_sheet_hbond.range_2_PDB_ins_code 
_pdbx_struct_sheet_hbond.range_2_auth_atom_id 
_pdbx_struct_sheet_hbond.range_2_auth_comp_id 
_pdbx_struct_sheet_hbond.range_2_auth_asym_id 
_pdbx_struct_sheet_hbond.range_2_auth_seq_id 
AA1 1 2 N ILE A 6  ? N ILE A 14 O ILE A 13 ? O ILE A 21 
AA2 1 2 N ASN A 24 ? N ASN A 32 O THR A 29 ? O THR A 37 
AA3 1 2 N ILE B 6  ? N ILE B 14 O ILE B 13 ? O ILE B 21 
AA4 1 2 O ASN B 24 ? O ASN B 32 N THR B 29 ? N THR B 37 
# 
_pdbx_entry_details.entry_id                   5ZJL 
_pdbx_entry_details.compound_details           ? 
_pdbx_entry_details.source_details             ? 
_pdbx_entry_details.nonpolymer_details         ? 
_pdbx_entry_details.sequence_details           ? 
_pdbx_entry_details.has_ligand_of_interest     ? 
_pdbx_entry_details.has_protein_modification   Y 
# 
loop_
_pdbx_validate_rmsd_bond.id 
_pdbx_validate_rmsd_bond.PDB_model_num 
_pdbx_validate_rmsd_bond.auth_atom_id_1 
_pdbx_validate_rmsd_bond.auth_asym_id_1 
_pdbx_validate_rmsd_bond.auth_comp_id_1 
_pdbx_validate_rmsd_bond.auth_seq_id_1 
_pdbx_validate_rmsd_bond.PDB_ins_code_1 
_pdbx_validate_rmsd_bond.label_alt_id_1 
_pdbx_validate_rmsd_bond.auth_atom_id_2 
_pdbx_validate_rmsd_bond.auth_asym_id_2 
_pdbx_validate_rmsd_bond.auth_comp_id_2 
_pdbx_validate_rmsd_bond.auth_seq_id_2 
_pdbx_validate_rmsd_bond.PDB_ins_code_2 
_pdbx_validate_rmsd_bond.label_alt_id_2 
_pdbx_validate_rmsd_bond.bond_value 
_pdbx_validate_rmsd_bond.bond_target_value 
_pdbx_validate_rmsd_bond.bond_deviation 
_pdbx_validate_rmsd_bond.bond_standard_deviation 
_pdbx_validate_rmsd_bond.linker_flag 
1  1 CG A TYR 13 ? ? CD1 A TYR 13 ? ? 1.487 1.387 0.100  0.013 N 
2  1 CB A CYS 15 ? ? SG  A CYS 15 ? ? 1.691 1.812 -0.121 0.016 N 
3  1 CD A GLU 19 ? ? OE1 A GLU 19 ? ? 1.325 1.252 0.073  0.011 N 
4  1 N  A GLY 27 ? ? CA  A GLY 27 ? ? 1.547 1.456 0.091  0.015 N 
5  1 CB A TRP 31 ? ? CG  A TRP 31 ? ? 1.384 1.498 -0.114 0.018 N 
6  1 CD A GLU 33 ? ? OE1 A GLU 33 ? ? 1.174 1.252 -0.078 0.011 N 
7  1 CG B TYR 13 ? ? CD1 B TYR 13 ? ? 1.498 1.387 0.111  0.013 N 
8  1 CB B CYS 15 ? ? SG  B CYS 15 ? ? 1.706 1.812 -0.106 0.016 N 
9  1 CG B TRP 18 ? ? CD1 B TRP 18 ? ? 1.448 1.363 0.085  0.014 N 
10 1 C  B CYS 38 ? ? O   B CYS 38 ? ? 1.082 1.229 -0.147 0.019 N 
# 
loop_
_pdbx_validate_rmsd_angle.id 
_pdbx_validate_rmsd_angle.PDB_model_num 
_pdbx_validate_rmsd_angle.auth_atom_id_1 
_pdbx_validate_rmsd_angle.auth_asym_id_1 
_pdbx_validate_rmsd_angle.auth_comp_id_1 
_pdbx_validate_rmsd_angle.auth_seq_id_1 
_pdbx_validate_rmsd_angle.PDB_ins_code_1 
_pdbx_validate_rmsd_angle.label_alt_id_1 
_pdbx_validate_rmsd_angle.auth_atom_id_2 
_pdbx_validate_rmsd_angle.auth_asym_id_2 
_pdbx_validate_rmsd_angle.auth_comp_id_2 
_pdbx_validate_rmsd_angle.auth_seq_id_2 
_pdbx_validate_rmsd_angle.PDB_ins_code_2 
_pdbx_validate_rmsd_angle.label_alt_id_2 
_pdbx_validate_rmsd_angle.auth_atom_id_3 
_pdbx_validate_rmsd_angle.auth_asym_id_3 
_pdbx_validate_rmsd_angle.auth_comp_id_3 
_pdbx_validate_rmsd_angle.auth_seq_id_3 
_pdbx_validate_rmsd_angle.PDB_ins_code_3 
_pdbx_validate_rmsd_angle.label_alt_id_3 
_pdbx_validate_rmsd_angle.angle_value 
_pdbx_validate_rmsd_angle.angle_target_value 
_pdbx_validate_rmsd_angle.angle_deviation 
_pdbx_validate_rmsd_angle.angle_standard_deviation 
_pdbx_validate_rmsd_angle.linker_flag 
1 1 NE A ARG 30 ? ? CZ A ARG 30 ? ? NH2 A ARG 30 ? ? 115.48 120.30 -4.82  0.50 N 
2 1 CB B CYS 25 ? ? CA B CYS 25 ? ? C   B CYS 25 ? ? 120.53 111.50 9.03   1.20 N 
3 1 NE B ARG 30 ? ? CZ B ARG 30 ? ? NH1 B ARG 30 ? ? 124.08 120.30 3.78   0.50 N 
4 1 NE B ARG 30 ? ? CZ B ARG 30 ? ? NH2 B ARG 30 ? ? 116.47 120.30 -3.83  0.50 N 
5 1 CA B LEU 36 ? ? CB B LEU 36 ? ? CG  B LEU 36 ? ? 129.35 115.30 14.05  2.30 N 
6 1 CB B LEU 36 ? ? CG B LEU 36 ? ? CD2 B LEU 36 ? ? 100.77 111.00 -10.23 1.70 N 
# 
loop_
_pdbx_validate_torsion.id 
_pdbx_validate_torsion.PDB_model_num 
_pdbx_validate_torsion.auth_comp_id 
_pdbx_validate_torsion.auth_asym_id 
_pdbx_validate_torsion.auth_seq_id 
_pdbx_validate_torsion.PDB_ins_code 
_pdbx_validate_torsion.label_alt_id 
_pdbx_validate_torsion.phi 
_pdbx_validate_torsion.psi 
1 1 PHE A 12 ? ? -132.89 -158.93 
2 1 THR A 37 ? ? -172.21 145.84  
# 
loop_
_pdbx_refine_tls.pdbx_refine_id 
_pdbx_refine_tls.id 
_pdbx_refine_tls.details 
_pdbx_refine_tls.method 
_pdbx_refine_tls.origin_x 
_pdbx_refine_tls.origin_y 
_pdbx_refine_tls.origin_z 
_pdbx_refine_tls.T[1][1] 
_pdbx_refine_tls.T[2][2] 
_pdbx_refine_tls.T[3][3] 
_pdbx_refine_tls.T[1][2] 
_pdbx_refine_tls.T[1][3] 
_pdbx_refine_tls.T[2][3] 
_pdbx_refine_tls.L[1][1] 
_pdbx_refine_tls.L[2][2] 
_pdbx_refine_tls.L[3][3] 
_pdbx_refine_tls.L[1][2] 
_pdbx_refine_tls.L[1][3] 
_pdbx_refine_tls.L[2][3] 
_pdbx_refine_tls.S[1][1] 
_pdbx_refine_tls.S[1][2] 
_pdbx_refine_tls.S[1][3] 
_pdbx_refine_tls.S[2][1] 
_pdbx_refine_tls.S[2][2] 
_pdbx_refine_tls.S[2][3] 
_pdbx_refine_tls.S[3][1] 
_pdbx_refine_tls.S[3][2] 
_pdbx_refine_tls.S[3][3] 
'X-RAY DIFFRACTION' 1 ? refined -3.1498 7.4501  -3.8030 0.0652 0.0429 0.0449 -0.0162 0.0080 -0.0373 0.0729 0.3574 0.4867 0.1150  -0.1259 -0.0526 -0.0098 0.0094  -0.0096 0.0378  0.0226 -0.0018 0.0278 0.0141 -0.0127 
'X-RAY DIFFRACTION' 2 ? refined 3.2324  -7.0438 3.2404  0.0777 0.0520 0.0439 -0.0212 0.0062 -0.0458 0.1808 0.5486 0.0477 -0.3146 0.0925  -0.1617 0.0037  -0.0026 -0.0041 -0.0163 0.0024 0.0097  0.0067 0.0005 -0.0061 
# 
loop_
_pdbx_refine_tls_group.pdbx_refine_id 
_pdbx_refine_tls_group.id 
_pdbx_refine_tls_group.refine_tls_id 
_pdbx_refine_tls_group.beg_auth_asym_id 
_pdbx_refine_tls_group.beg_auth_seq_id 
_pdbx_refine_tls_group.beg_label_asym_id 
_pdbx_refine_tls_group.beg_label_seq_id 
_pdbx_refine_tls_group.end_auth_asym_id 
_pdbx_refine_tls_group.end_auth_seq_id 
_pdbx_refine_tls_group.end_label_asym_id 
_pdbx_refine_tls_group.end_label_seq_id 
_pdbx_refine_tls_group.selection 
_pdbx_refine_tls_group.selection_details 
'X-RAY DIFFRACTION' 1 1 A 9 ? ? A 39 ? ? ? ? 
'X-RAY DIFFRACTION' 2 2 B 9 ? ? B 39 ? ? ? ? 
# 
loop_
_chem_comp_atom.comp_id 
_chem_comp_atom.atom_id 
_chem_comp_atom.type_symbol 
_chem_comp_atom.pdbx_aromatic_flag 
_chem_comp_atom.pdbx_stereo_config 
_chem_comp_atom.pdbx_ordinal 
ALA N    N N N 1   
ALA CA   C N S 2   
ALA C    C N N 3   
ALA O    O N N 4   
ALA CB   C N N 5   
ALA OXT  O N N 6   
ALA H    H N N 7   
ALA H2   H N N 8   
ALA HA   H N N 9   
ALA HB1  H N N 10  
ALA HB2  H N N 11  
ALA HB3  H N N 12  
ALA HXT  H N N 13  
ARG N    N N N 14  
ARG CA   C N S 15  
ARG C    C N N 16  
ARG O    O N N 17  
ARG CB   C N N 18  
ARG CG   C N N 19  
ARG CD   C N N 20  
ARG NE   N N N 21  
ARG CZ   C N N 22  
ARG NH1  N N N 23  
ARG NH2  N N N 24  
ARG OXT  O N N 25  
ARG H    H N N 26  
ARG H2   H N N 27  
ARG HA   H N N 28  
ARG HB2  H N N 29  
ARG HB3  H N N 30  
ARG HG2  H N N 31  
ARG HG3  H N N 32  
ARG HD2  H N N 33  
ARG HD3  H N N 34  
ARG HE   H N N 35  
ARG HH11 H N N 36  
ARG HH12 H N N 37  
ARG HH21 H N N 38  
ARG HH22 H N N 39  
ARG HXT  H N N 40  
ASN N    N N N 41  
ASN CA   C N S 42  
ASN C    C N N 43  
ASN O    O N N 44  
ASN CB   C N N 45  
ASN CG   C N N 46  
ASN OD1  O N N 47  
ASN ND2  N N N 48  
ASN OXT  O N N 49  
ASN H    H N N 50  
ASN H2   H N N 51  
ASN HA   H N N 52  
ASN HB2  H N N 53  
ASN HB3  H N N 54  
ASN HD21 H N N 55  
ASN HD22 H N N 56  
ASN HXT  H N N 57  
CYS N    N N N 58  
CYS CA   C N R 59  
CYS C    C N N 60  
CYS O    O N N 61  
CYS CB   C N N 62  
CYS SG   S N N 63  
CYS OXT  O N N 64  
CYS H    H N N 65  
CYS H2   H N N 66  
CYS HA   H N N 67  
CYS HB2  H N N 68  
CYS HB3  H N N 69  
CYS HG   H N N 70  
CYS HXT  H N N 71  
GLU N    N N N 72  
GLU CA   C N S 73  
GLU C    C N N 74  
GLU O    O N N 75  
GLU CB   C N N 76  
GLU CG   C N N 77  
GLU CD   C N N 78  
GLU OE1  O N N 79  
GLU OE2  O N N 80  
GLU OXT  O N N 81  
GLU H    H N N 82  
GLU H2   H N N 83  
GLU HA   H N N 84  
GLU HB2  H N N 85  
GLU HB3  H N N 86  
GLU HG2  H N N 87  
GLU HG3  H N N 88  
GLU HE2  H N N 89  
GLU HXT  H N N 90  
GLY N    N N N 91  
GLY CA   C N N 92  
GLY C    C N N 93  
GLY O    O N N 94  
GLY OXT  O N N 95  
GLY H    H N N 96  
GLY H2   H N N 97  
GLY HA2  H N N 98  
GLY HA3  H N N 99  
GLY HXT  H N N 100 
HIS N    N N N 101 
HIS CA   C N S 102 
HIS C    C N N 103 
HIS O    O N N 104 
HIS CB   C N N 105 
HIS CG   C Y N 106 
HIS ND1  N Y N 107 
HIS CD2  C Y N 108 
HIS CE1  C Y N 109 
HIS NE2  N Y N 110 
HIS OXT  O N N 111 
HIS H    H N N 112 
HIS H2   H N N 113 
HIS HA   H N N 114 
HIS HB2  H N N 115 
HIS HB3  H N N 116 
HIS HD1  H N N 117 
HIS HD2  H N N 118 
HIS HE1  H N N 119 
HIS HE2  H N N 120 
HIS HXT  H N N 121 
ILE N    N N N 122 
ILE CA   C N S 123 
ILE C    C N N 124 
ILE O    O N N 125 
ILE CB   C N S 126 
ILE CG1  C N N 127 
ILE CG2  C N N 128 
ILE CD1  C N N 129 
ILE OXT  O N N 130 
ILE H    H N N 131 
ILE H2   H N N 132 
ILE HA   H N N 133 
ILE HB   H N N 134 
ILE HG12 H N N 135 
ILE HG13 H N N 136 
ILE HG21 H N N 137 
ILE HG22 H N N 138 
ILE HG23 H N N 139 
ILE HD11 H N N 140 
ILE HD12 H N N 141 
ILE HD13 H N N 142 
ILE HXT  H N N 143 
LEU N    N N N 144 
LEU CA   C N S 145 
LEU C    C N N 146 
LEU O    O N N 147 
LEU CB   C N N 148 
LEU CG   C N N 149 
LEU CD1  C N N 150 
LEU CD2  C N N 151 
LEU OXT  O N N 152 
LEU H    H N N 153 
LEU H2   H N N 154 
LEU HA   H N N 155 
LEU HB2  H N N 156 
LEU HB3  H N N 157 
LEU HG   H N N 158 
LEU HD11 H N N 159 
LEU HD12 H N N 160 
LEU HD13 H N N 161 
LEU HD21 H N N 162 
LEU HD22 H N N 163 
LEU HD23 H N N 164 
LEU HXT  H N N 165 
LYS N    N N N 166 
LYS CA   C N S 167 
LYS C    C N N 168 
LYS O    O N N 169 
LYS CB   C N N 170 
LYS CG   C N N 171 
LYS CD   C N N 172 
LYS CE   C N N 173 
LYS NZ   N N N 174 
LYS OXT  O N N 175 
LYS H    H N N 176 
LYS H2   H N N 177 
LYS HA   H N N 178 
LYS HB2  H N N 179 
LYS HB3  H N N 180 
LYS HG2  H N N 181 
LYS HG3  H N N 182 
LYS HD2  H N N 183 
LYS HD3  H N N 184 
LYS HE2  H N N 185 
LYS HE3  H N N 186 
LYS HZ1  H N N 187 
LYS HZ2  H N N 188 
LYS HZ3  H N N 189 
LYS HXT  H N N 190 
PHE N    N N N 191 
PHE CA   C N S 192 
PHE C    C N N 193 
PHE O    O N N 194 
PHE CB   C N N 195 
PHE CG   C Y N 196 
PHE CD1  C Y N 197 
PHE CD2  C Y N 198 
PHE CE1  C Y N 199 
PHE CE2  C Y N 200 
PHE CZ   C Y N 201 
PHE OXT  O N N 202 
PHE H    H N N 203 
PHE H2   H N N 204 
PHE HA   H N N 205 
PHE HB2  H N N 206 
PHE HB3  H N N 207 
PHE HD1  H N N 208 
PHE HD2  H N N 209 
PHE HE1  H N N 210 
PHE HE2  H N N 211 
PHE HZ   H N N 212 
PHE HXT  H N N 213 
PRO N    N N N 214 
PRO CA   C N S 215 
PRO C    C N N 216 
PRO O    O N N 217 
PRO CB   C N N 218 
PRO CG   C N N 219 
PRO CD   C N N 220 
PRO OXT  O N N 221 
PRO H    H N N 222 
PRO HA   H N N 223 
PRO HB2  H N N 224 
PRO HB3  H N N 225 
PRO HG2  H N N 226 
PRO HG3  H N N 227 
PRO HD2  H N N 228 
PRO HD3  H N N 229 
PRO HXT  H N N 230 
SER N    N N N 231 
SER CA   C N S 232 
SER C    C N N 233 
SER O    O N N 234 
SER CB   C N N 235 
SER OG   O N N 236 
SER OXT  O N N 237 
SER H    H N N 238 
SER H2   H N N 239 
SER HA   H N N 240 
SER HB2  H N N 241 
SER HB3  H N N 242 
SER HG   H N N 243 
SER HXT  H N N 244 
THR N    N N N 245 
THR CA   C N S 246 
THR C    C N N 247 
THR O    O N N 248 
THR CB   C N R 249 
THR OG1  O N N 250 
THR CG2  C N N 251 
THR OXT  O N N 252 
THR H    H N N 253 
THR H2   H N N 254 
THR HA   H N N 255 
THR HB   H N N 256 
THR HG1  H N N 257 
THR HG21 H N N 258 
THR HG22 H N N 259 
THR HG23 H N N 260 
THR HXT  H N N 261 
TRP N    N N N 262 
TRP CA   C N S 263 
TRP C    C N N 264 
TRP O    O N N 265 
TRP CB   C N N 266 
TRP CG   C Y N 267 
TRP CD1  C Y N 268 
TRP CD2  C Y N 269 
TRP NE1  N Y N 270 
TRP CE2  C Y N 271 
TRP CE3  C Y N 272 
TRP CZ2  C Y N 273 
TRP CZ3  C Y N 274 
TRP CH2  C Y N 275 
TRP OXT  O N N 276 
TRP H    H N N 277 
TRP H2   H N N 278 
TRP HA   H N N 279 
TRP HB2  H N N 280 
TRP HB3  H N N 281 
TRP HD1  H N N 282 
TRP HE1  H N N 283 
TRP HE3  H N N 284 
TRP HZ2  H N N 285 
TRP HZ3  H N N 286 
TRP HH2  H N N 287 
TRP HXT  H N N 288 
TYR N    N N N 289 
TYR CA   C N S 290 
TYR C    C N N 291 
TYR O    O N N 292 
TYR CB   C N N 293 
TYR CG   C Y N 294 
TYR CD1  C Y N 295 
TYR CD2  C Y N 296 
TYR CE1  C Y N 297 
TYR CE2  C Y N 298 
TYR CZ   C Y N 299 
TYR OH   O N N 300 
TYR OXT  O N N 301 
TYR H    H N N 302 
TYR H2   H N N 303 
TYR HA   H N N 304 
TYR HB2  H N N 305 
TYR HB3  H N N 306 
TYR HD1  H N N 307 
TYR HD2  H N N 308 
TYR HE1  H N N 309 
TYR HE2  H N N 310 
TYR HH   H N N 311 
TYR HXT  H N N 312 
# 
loop_
_chem_comp_bond.comp_id 
_chem_comp_bond.atom_id_1 
_chem_comp_bond.atom_id_2 
_chem_comp_bond.value_order 
_chem_comp_bond.pdbx_aromatic_flag 
_chem_comp_bond.pdbx_stereo_config 
_chem_comp_bond.pdbx_ordinal 
ALA N   CA   sing N N 1   
ALA N   H    sing N N 2   
ALA N   H2   sing N N 3   
ALA CA  C    sing N N 4   
ALA CA  CB   sing N N 5   
ALA CA  HA   sing N N 6   
ALA C   O    doub N N 7   
ALA C   OXT  sing N N 8   
ALA CB  HB1  sing N N 9   
ALA CB  HB2  sing N N 10  
ALA CB  HB3  sing N N 11  
ALA OXT HXT  sing N N 12  
ARG N   CA   sing N N 13  
ARG N   H    sing N N 14  
ARG N   H2   sing N N 15  
ARG CA  C    sing N N 16  
ARG CA  CB   sing N N 17  
ARG CA  HA   sing N N 18  
ARG C   O    doub N N 19  
ARG C   OXT  sing N N 20  
ARG CB  CG   sing N N 21  
ARG CB  HB2  sing N N 22  
ARG CB  HB3  sing N N 23  
ARG CG  CD   sing N N 24  
ARG CG  HG2  sing N N 25  
ARG CG  HG3  sing N N 26  
ARG CD  NE   sing N N 27  
ARG CD  HD2  sing N N 28  
ARG CD  HD3  sing N N 29  
ARG NE  CZ   sing N N 30  
ARG NE  HE   sing N N 31  
ARG CZ  NH1  sing N N 32  
ARG CZ  NH2  doub N N 33  
ARG NH1 HH11 sing N N 34  
ARG NH1 HH12 sing N N 35  
ARG NH2 HH21 sing N N 36  
ARG NH2 HH22 sing N N 37  
ARG OXT HXT  sing N N 38  
ASN N   CA   sing N N 39  
ASN N   H    sing N N 40  
ASN N   H2   sing N N 41  
ASN CA  C    sing N N 42  
ASN CA  CB   sing N N 43  
ASN CA  HA   sing N N 44  
ASN C   O    doub N N 45  
ASN C   OXT  sing N N 46  
ASN CB  CG   sing N N 47  
ASN CB  HB2  sing N N 48  
ASN CB  HB3  sing N N 49  
ASN CG  OD1  doub N N 50  
ASN CG  ND2  sing N N 51  
ASN ND2 HD21 sing N N 52  
ASN ND2 HD22 sing N N 53  
ASN OXT HXT  sing N N 54  
CYS N   CA   sing N N 55  
CYS N   H    sing N N 56  
CYS N   H2   sing N N 57  
CYS CA  C    sing N N 58  
CYS CA  CB   sing N N 59  
CYS CA  HA   sing N N 60  
CYS C   O    doub N N 61  
CYS C   OXT  sing N N 62  
CYS CB  SG   sing N N 63  
CYS CB  HB2  sing N N 64  
CYS CB  HB3  sing N N 65  
CYS SG  HG   sing N N 66  
CYS OXT HXT  sing N N 67  
GLU N   CA   sing N N 68  
GLU N   H    sing N N 69  
GLU N   H2   sing N N 70  
GLU CA  C    sing N N 71  
GLU CA  CB   sing N N 72  
GLU CA  HA   sing N N 73  
GLU C   O    doub N N 74  
GLU C   OXT  sing N N 75  
GLU CB  CG   sing N N 76  
GLU CB  HB2  sing N N 77  
GLU CB  HB3  sing N N 78  
GLU CG  CD   sing N N 79  
GLU CG  HG2  sing N N 80  
GLU CG  HG3  sing N N 81  
GLU CD  OE1  doub N N 82  
GLU CD  OE2  sing N N 83  
GLU OE2 HE2  sing N N 84  
GLU OXT HXT  sing N N 85  
GLY N   CA   sing N N 86  
GLY N   H    sing N N 87  
GLY N   H2   sing N N 88  
GLY CA  C    sing N N 89  
GLY CA  HA2  sing N N 90  
GLY CA  HA3  sing N N 91  
GLY C   O    doub N N 92  
GLY C   OXT  sing N N 93  
GLY OXT HXT  sing N N 94  
HIS N   CA   sing N N 95  
HIS N   H    sing N N 96  
HIS N   H2   sing N N 97  
HIS CA  C    sing N N 98  
HIS CA  CB   sing N N 99  
HIS CA  HA   sing N N 100 
HIS C   O    doub N N 101 
HIS C   OXT  sing N N 102 
HIS CB  CG   sing N N 103 
HIS CB  HB2  sing N N 104 
HIS CB  HB3  sing N N 105 
HIS CG  ND1  sing Y N 106 
HIS CG  CD2  doub Y N 107 
HIS ND1 CE1  doub Y N 108 
HIS ND1 HD1  sing N N 109 
HIS CD2 NE2  sing Y N 110 
HIS CD2 HD2  sing N N 111 
HIS CE1 NE2  sing Y N 112 
HIS CE1 HE1  sing N N 113 
HIS NE2 HE2  sing N N 114 
HIS OXT HXT  sing N N 115 
ILE N   CA   sing N N 116 
ILE N   H    sing N N 117 
ILE N   H2   sing N N 118 
ILE CA  C    sing N N 119 
ILE CA  CB   sing N N 120 
ILE CA  HA   sing N N 121 
ILE C   O    doub N N 122 
ILE C   OXT  sing N N 123 
ILE CB  CG1  sing N N 124 
ILE CB  CG2  sing N N 125 
ILE CB  HB   sing N N 126 
ILE CG1 CD1  sing N N 127 
ILE CG1 HG12 sing N N 128 
ILE CG1 HG13 sing N N 129 
ILE CG2 HG21 sing N N 130 
ILE CG2 HG22 sing N N 131 
ILE CG2 HG23 sing N N 132 
ILE CD1 HD11 sing N N 133 
ILE CD1 HD12 sing N N 134 
ILE CD1 HD13 sing N N 135 
ILE OXT HXT  sing N N 136 
LEU N   CA   sing N N 137 
LEU N   H    sing N N 138 
LEU N   H2   sing N N 139 
LEU CA  C    sing N N 140 
LEU CA  CB   sing N N 141 
LEU CA  HA   sing N N 142 
LEU C   O    doub N N 143 
LEU C   OXT  sing N N 144 
LEU CB  CG   sing N N 145 
LEU CB  HB2  sing N N 146 
LEU CB  HB3  sing N N 147 
LEU CG  CD1  sing N N 148 
LEU CG  CD2  sing N N 149 
LEU CG  HG   sing N N 150 
LEU CD1 HD11 sing N N 151 
LEU CD1 HD12 sing N N 152 
LEU CD1 HD13 sing N N 153 
LEU CD2 HD21 sing N N 154 
LEU CD2 HD22 sing N N 155 
LEU CD2 HD23 sing N N 156 
LEU OXT HXT  sing N N 157 
LYS N   CA   sing N N 158 
LYS N   H    sing N N 159 
LYS N   H2   sing N N 160 
LYS CA  C    sing N N 161 
LYS CA  CB   sing N N 162 
LYS CA  HA   sing N N 163 
LYS C   O    doub N N 164 
LYS C   OXT  sing N N 165 
LYS CB  CG   sing N N 166 
LYS CB  HB2  sing N N 167 
LYS CB  HB3  sing N N 168 
LYS CG  CD   sing N N 169 
LYS CG  HG2  sing N N 170 
LYS CG  HG3  sing N N 171 
LYS CD  CE   sing N N 172 
LYS CD  HD2  sing N N 173 
LYS CD  HD3  sing N N 174 
LYS CE  NZ   sing N N 175 
LYS CE  HE2  sing N N 176 
LYS CE  HE3  sing N N 177 
LYS NZ  HZ1  sing N N 178 
LYS NZ  HZ2  sing N N 179 
LYS NZ  HZ3  sing N N 180 
LYS OXT HXT  sing N N 181 
PHE N   CA   sing N N 182 
PHE N   H    sing N N 183 
PHE N   H2   sing N N 184 
PHE CA  C    sing N N 185 
PHE CA  CB   sing N N 186 
PHE CA  HA   sing N N 187 
PHE C   O    doub N N 188 
PHE C   OXT  sing N N 189 
PHE CB  CG   sing N N 190 
PHE CB  HB2  sing N N 191 
PHE CB  HB3  sing N N 192 
PHE CG  CD1  doub Y N 193 
PHE CG  CD2  sing Y N 194 
PHE CD1 CE1  sing Y N 195 
PHE CD1 HD1  sing N N 196 
PHE CD2 CE2  doub Y N 197 
PHE CD2 HD2  sing N N 198 
PHE CE1 CZ   doub Y N 199 
PHE CE1 HE1  sing N N 200 
PHE CE2 CZ   sing Y N 201 
PHE CE2 HE2  sing N N 202 
PHE CZ  HZ   sing N N 203 
PHE OXT HXT  sing N N 204 
PRO N   CA   sing N N 205 
PRO N   CD   sing N N 206 
PRO N   H    sing N N 207 
PRO CA  C    sing N N 208 
PRO CA  CB   sing N N 209 
PRO CA  HA   sing N N 210 
PRO C   O    doub N N 211 
PRO C   OXT  sing N N 212 
PRO CB  CG   sing N N 213 
PRO CB  HB2  sing N N 214 
PRO CB  HB3  sing N N 215 
PRO CG  CD   sing N N 216 
PRO CG  HG2  sing N N 217 
PRO CG  HG3  sing N N 218 
PRO CD  HD2  sing N N 219 
PRO CD  HD3  sing N N 220 
PRO OXT HXT  sing N N 221 
SER N   CA   sing N N 222 
SER N   H    sing N N 223 
SER N   H2   sing N N 224 
SER CA  C    sing N N 225 
SER CA  CB   sing N N 226 
SER CA  HA   sing N N 227 
SER C   O    doub N N 228 
SER C   OXT  sing N N 229 
SER CB  OG   sing N N 230 
SER CB  HB2  sing N N 231 
SER CB  HB3  sing N N 232 
SER OG  HG   sing N N 233 
SER OXT HXT  sing N N 234 
THR N   CA   sing N N 235 
THR N   H    sing N N 236 
THR N   H2   sing N N 237 
THR CA  C    sing N N 238 
THR CA  CB   sing N N 239 
THR CA  HA   sing N N 240 
THR C   O    doub N N 241 
THR C   OXT  sing N N 242 
THR CB  OG1  sing N N 243 
THR CB  CG2  sing N N 244 
THR CB  HB   sing N N 245 
THR OG1 HG1  sing N N 246 
THR CG2 HG21 sing N N 247 
THR CG2 HG22 sing N N 248 
THR CG2 HG23 sing N N 249 
THR OXT HXT  sing N N 250 
TRP N   CA   sing N N 251 
TRP N   H    sing N N 252 
TRP N   H2   sing N N 253 
TRP CA  C    sing N N 254 
TRP CA  CB   sing N N 255 
TRP CA  HA   sing N N 256 
TRP C   O    doub N N 257 
TRP C   OXT  sing N N 258 
TRP CB  CG   sing N N 259 
TRP CB  HB2  sing N N 260 
TRP CB  HB3  sing N N 261 
TRP CG  CD1  doub Y N 262 
TRP CG  CD2  sing Y N 263 
TRP CD1 NE1  sing Y N 264 
TRP CD1 HD1  sing N N 265 
TRP CD2 CE2  doub Y N 266 
TRP CD2 CE3  sing Y N 267 
TRP NE1 CE2  sing Y N 268 
TRP NE1 HE1  sing N N 269 
TRP CE2 CZ2  sing Y N 270 
TRP CE3 CZ3  doub Y N 271 
TRP CE3 HE3  sing N N 272 
TRP CZ2 CH2  doub Y N 273 
TRP CZ2 HZ2  sing N N 274 
TRP CZ3 CH2  sing Y N 275 
TRP CZ3 HZ3  sing N N 276 
TRP CH2 HH2  sing N N 277 
TRP OXT HXT  sing N N 278 
TYR N   CA   sing N N 279 
TYR N   H    sing N N 280 
TYR N   H2   sing N N 281 
TYR CA  C    sing N N 282 
TYR CA  CB   sing N N 283 
TYR CA  HA   sing N N 284 
TYR C   O    doub N N 285 
TYR C   OXT  sing N N 286 
TYR CB  CG   sing N N 287 
TYR CB  HB2  sing N N 288 
TYR CB  HB3  sing N N 289 
TYR CG  CD1  doub Y N 290 
TYR CG  CD2  sing Y N 291 
TYR CD1 CE1  sing Y N 292 
TYR CD1 HD1  sing N N 293 
TYR CD2 CE2  doub Y N 294 
TYR CD2 HD2  sing N N 295 
TYR CE1 CZ   doub Y N 296 
TYR CE1 HE1  sing N N 297 
TYR CE2 CZ   sing Y N 298 
TYR CE2 HE2  sing N N 299 
TYR CZ  OH   sing N N 300 
TYR OH  HH   sing N N 301 
TYR OXT HXT  sing N N 302 
# 
loop_
_pdbx_audit_support.funding_organization 
_pdbx_audit_support.country 
_pdbx_audit_support.grant_number 
_pdbx_audit_support.ordinal 
'National Science Foundation (China)' China 81571570 1 
'National Science Foundation (China)' China 30671943 2 
# 
_pdbx_initial_refinement_model.id               1 
_pdbx_initial_refinement_model.entity_id_list   ? 
_pdbx_initial_refinement_model.type             'experimental model' 
_pdbx_initial_refinement_model.source_name      PDB 
_pdbx_initial_refinement_model.accession_code   4ZCE 
_pdbx_initial_refinement_model.details          ? 
# 
loop_
_pdbx_reflns_twin.domain_id 
_pdbx_reflns_twin.crystal_id 
_pdbx_reflns_twin.diffrn_id 
_pdbx_reflns_twin.type 
_pdbx_reflns_twin.operator 
_pdbx_reflns_twin.fraction 
1 1 1 ? 'H, K, L'    0.250 
2 1 1 ? '-K, -H, -L' 0.248 
3 1 1 ? 'K, H, -L'   0.234 
4 1 1 ? -h,-k,l      0.268 
# 
_atom_sites.entry_id                    5ZJL 
_atom_sites.fract_transf_matrix[1][1]   -0.02069567 
_atom_sites.fract_transf_matrix[1][2]   -0.00817245 
_atom_sites.fract_transf_matrix[1][3]   0.01267759 
_atom_sites.fract_transf_matrix[2][1]   -0.01460262 
_atom_sites.fract_transf_matrix[2][2]   0.01625050 
_atom_sites.fract_transf_matrix[2][3]   -0.01336252 
_atom_sites.fract_transf_matrix[3][1]   -0.00134054 
_atom_sites.fract_transf_matrix[3][2]   -0.00640019 
_atom_sites.fract_transf_matrix[3][3]   -0.00631848 
_atom_sites.fract_transf_vector[1]      0.379345 
_atom_sites.fract_transf_vector[2]      -0.043727 
_atom_sites.fract_transf_vector[3]      0.125016 
# 
loop_
_atom_type.symbol 
C 
N 
O 
S 
# 
loop_
_atom_site.group_PDB 
_atom_site.id 
_atom_site.type_symbol 
_atom_site.label_atom_id 
_atom_site.label_alt_id 
_atom_site.label_comp_id 
_atom_site.label_asym_id 
_atom_site.label_entity_id 
_atom_site.label_seq_id 
_atom_site.pdbx_PDB_ins_code 
_atom_site.Cartn_x 
_atom_site.Cartn_y 
_atom_site.Cartn_z 
_atom_site.occupancy 
_atom_site.B_iso_or_equiv 
_atom_site.pdbx_formal_charge 
_atom_site.auth_seq_id 
_atom_site.auth_comp_id 
_atom_site.auth_asym_id 
_atom_site.auth_atom_id 
_atom_site.pdbx_PDB_model_num 
ATOM 1   N N   . PRO A 1 1  ? -9.323  13.136  -6.104  1.00 17.50 ? 9  PRO A N   1 
ATOM 2   C CA  . PRO A 1 1  ? -8.348  13.953  -5.276  1.00 16.23 ? 9  PRO A CA  1 
ATOM 3   C C   . PRO A 1 1  ? -8.253  13.385  -3.854  1.00 15.12 ? 9  PRO A C   1 
ATOM 4   O O   . PRO A 1 1  ? -7.389  13.839  -3.144  1.00 15.57 ? 9  PRO A O   1 
ATOM 5   C CB  . PRO A 1 1  ? -8.989  15.365  -5.325  1.00 15.74 ? 9  PRO A CB  1 
ATOM 6   C CG  . PRO A 1 1  ? -10.477 15.106  -5.750  1.00 19.53 ? 9  PRO A CG  1 
ATOM 7   C CD  . PRO A 1 1  ? -10.677 13.584  -5.829  1.00 16.94 ? 9  PRO A CD  1 
ATOM 8   N N   . CYS A 1 2  ? -9.114  12.416  -3.477  1.00 14.56 ? 10 CYS A N   1 
ATOM 9   C CA  . CYS A 1 2  ? -9.173  11.671  -2.220  1.00 16.12 ? 10 CYS A CA  1 
ATOM 10  C C   . CYS A 1 2  ? -9.061  10.123  -2.368  1.00 14.25 ? 10 CYS A C   1 
ATOM 11  O O   . CYS A 1 2  ? -9.466  9.369   -1.508  1.00 16.91 ? 10 CYS A O   1 
ATOM 12  C CB  . CYS A 1 2  ? -10.337 12.099  -1.334  1.00 13.47 ? 10 CYS A CB  1 
ATOM 13  S SG  . CYS A 1 2  ? -10.069 13.799  -0.970  1.00 17.51 ? 10 CYS A SG  1 
ATOM 14  N N   . LYS A 1 3  ? -8.442  9.760   -3.507  1.00 15.26 ? 11 LYS A N   1 
ATOM 15  C CA  . LYS A 1 3  ? -7.865  8.506   -3.703  1.00 15.07 ? 11 LYS A CA  1 
ATOM 16  C C   . LYS A 1 3  ? -6.651  8.696   -4.638  1.00 14.13 ? 11 LYS A C   1 
ATOM 17  O O   . LYS A 1 3  ? -6.579  9.644   -5.395  1.00 15.03 ? 11 LYS A O   1 
ATOM 18  C CB  . LYS A 1 3  ? -8.949  7.542   -4.392  1.00 13.46 ? 11 LYS A CB  1 
ATOM 19  C CG  . LYS A 1 3  ? -10.358 7.492   -3.959  1.00 15.35 ? 11 LYS A CG  1 
ATOM 20  C CD  . LYS A 1 3  ? -10.989 6.152   -4.263  1.00 16.45 ? 11 LYS A CD  1 
ATOM 21  C CE  . LYS A 1 3  ? -12.489 6.019   -4.294  1.00 15.11 ? 11 LYS A CE  1 
ATOM 22  N NZ  . LYS A 1 3  ? -13.109 5.968   -5.668  1.00 15.44 ? 11 LYS A NZ  1 
ATOM 23  N N   . PHE A 1 4  ? -5.789  7.685   -4.740  1.00 16.08 ? 12 PHE A N   1 
ATOM 24  C CA  . PHE A 1 4  ? -4.670  7.686   -5.695  1.00 14.99 ? 12 PHE A CA  1 
ATOM 25  C C   . PHE A 1 4  ? -4.596  6.387   -6.434  1.00 15.35 ? 12 PHE A C   1 
ATOM 26  O O   . PHE A 1 4  ? -5.602  5.634   -6.438  1.00 14.56 ? 12 PHE A O   1 
ATOM 27  C CB  . PHE A 1 4  ? -3.420  7.874   -4.839  1.00 15.10 ? 12 PHE A CB  1 
ATOM 28  C CG  . PHE A 1 4  ? -3.284  6.903   -3.713  1.00 13.92 ? 12 PHE A CG  1 
ATOM 29  C CD1 . PHE A 1 4  ? -4.056  7.114   -2.485  1.00 16.20 ? 12 PHE A CD1 1 
ATOM 30  C CD2 . PHE A 1 4  ? -2.467  5.804   -3.781  1.00 18.20 ? 12 PHE A CD2 1 
ATOM 31  C CE1 . PHE A 1 4  ? -3.934  6.143   -1.457  1.00 15.87 ? 12 PHE A CE1 1 
ATOM 32  C CE2 . PHE A 1 4  ? -2.364  4.942   -2.806  1.00 15.27 ? 12 PHE A CE2 1 
ATOM 33  C CZ  . PHE A 1 4  ? -3.048  5.115   -1.623  1.00 16.17 ? 12 PHE A CZ  1 
ATOM 34  N N   . TYR A 1 5  ? -3.431  6.080   -6.987  1.00 15.78 ? 13 TYR A N   1 
ATOM 35  C CA  . TYR A 1 5  ? -3.224  4.789   -7.563  1.00 15.50 ? 13 TYR A CA  1 
ATOM 36  C C   . TYR A 1 5  ? -1.937  4.271   -7.131  1.00 15.88 ? 13 TYR A C   1 
ATOM 37  O O   . TYR A 1 5  ? -0.930  5.051   -7.169  1.00 15.05 ? 13 TYR A O   1 
ATOM 38  C CB  . TYR A 1 5  ? -3.291  4.834   -9.129  1.00 16.99 ? 13 TYR A CB  1 
ATOM 39  C CG  . TYR A 1 5  ? -4.599  5.028   -9.683  1.00 17.11 ? 13 TYR A CG  1 
ATOM 40  C CD1 . TYR A 1 5  ? -5.538  3.897   -9.907  1.00 14.48 ? 13 TYR A CD1 1 
ATOM 41  C CD2 . TYR A 1 5  ? -5.065  6.351   -10.016 1.00 17.84 ? 13 TYR A CD2 1 
ATOM 42  C CE1 . TYR A 1 5  ? -6.752  4.176   -10.441 1.00 15.01 ? 13 TYR A CE1 1 
ATOM 43  C CE2 . TYR A 1 5  ? -6.302  6.559   -10.590 1.00 15.45 ? 13 TYR A CE2 1 
ATOM 44  C CZ  . TYR A 1 5  ? -7.139  5.478   -10.851 1.00 15.21 ? 13 TYR A CZ  1 
ATOM 45  O OH  . TYR A 1 5  ? -8.329  5.751   -11.356 1.00 15.22 ? 13 TYR A OH  1 
ATOM 46  N N   . ILE A 1 6  ? -1.869  2.956   -6.963  1.00 16.50 ? 14 ILE A N   1 
ATOM 47  C CA  . ILE A 1 6  ? -0.657  2.213   -6.639  1.00 15.38 ? 14 ILE A CA  1 
ATOM 48  C C   . ILE A 1 6  ? -0.288  1.443   -7.865  1.00 16.81 ? 14 ILE A C   1 
ATOM 49  O O   . ILE A 1 6  ? -1.152  0.704   -8.322  1.00 17.30 ? 14 ILE A O   1 
ATOM 50  C CB  . ILE A 1 6  ? -0.798  1.149   -5.552  1.00 17.78 ? 14 ILE A CB  1 
ATOM 51  C CG1 . ILE A 1 6  ? -1.531  1.662   -4.258  1.00 16.10 ? 14 ILE A CG1 1 
ATOM 52  C CG2 . ILE A 1 6  ? 0.615   0.589   -5.127  1.00 18.59 ? 14 ILE A CG2 1 
ATOM 53  C CD1 . ILE A 1 6  ? -0.637  2.291   -3.258  1.00 17.71 ? 14 ILE A CD1 1 
ATOM 54  N N   . CYS A 1 7  ? 0.873   1.720   -8.402  1.00 14.56 ? 15 CYS A N   1 
ATOM 55  C CA  . CYS A 1 7  ? 1.348   1.017   -9.552  1.00 17.53 ? 15 CYS A CA  1 
ATOM 56  C C   . CYS A 1 7  ? 2.200   -0.160  -9.225  1.00 17.58 ? 15 CYS A C   1 
ATOM 57  O O   . CYS A 1 7  ? 3.107   -0.126  -8.414  1.00 19.55 ? 15 CYS A O   1 
ATOM 58  C CB  . CYS A 1 7  ? 2.166   1.950   -10.430 1.00 17.29 ? 15 CYS A CB  1 
ATOM 59  S SG  . CYS A 1 7  ? 1.253   2.849   -11.534 1.00 16.47 ? 15 CYS A SG  1 
ATOM 60  N N   . SER A 1 8  ? 1.895   -1.236  -9.955  1.00 16.34 ? 16 SER A N   1 
ATOM 61  C CA  . SER A 1 8  ? 2.614   -2.415  -9.917  1.00 19.14 ? 16 SER A CA  1 
ATOM 62  C C   . SER A 1 8  ? 2.588   -3.059  -11.245 1.00 18.31 ? 16 SER A C   1 
ATOM 63  O O   . SER A 1 8  ? 1.538   -3.665  -11.593 1.00 17.80 ? 16 SER A O   1 
ATOM 64  C CB  . SER A 1 8  ? 2.062   -3.342  -8.838  1.00 17.80 ? 16 SER A CB  1 
ATOM 65  O OG  . SER A 1 8  ? 2.736   -3.156  -7.593  1.00 16.62 ? 16 SER A OG  1 
ATOM 66  N N   . ASN A 1 9  ? 3.728   -3.098  -11.913 1.00 18.70 ? 17 ASN A N   1 
ATOM 67  C CA  . ASN A 1 9  ? 3.894   -3.665  -13.224 1.00 17.29 ? 17 ASN A CA  1 
ATOM 68  C C   . ASN A 1 9  ? 3.054   -2.989  -14.204 1.00 19.06 ? 17 ASN A C   1 
ATOM 69  O O   . ASN A 1 9  ? 2.471   -3.600  -15.119 1.00 19.00 ? 17 ASN A O   1 
ATOM 70  C CB  . ASN A 1 9  ? 3.685   -5.198  -13.149 1.00 17.00 ? 17 ASN A CB  1 
ATOM 71  C CG  . ASN A 1 9  ? 4.514   -5.832  -12.010 1.00 16.58 ? 17 ASN A CG  1 
ATOM 72  O OD1 . ASN A 1 9  ? 5.675   -6.242  -12.200 1.00 18.10 ? 17 ASN A OD1 1 
ATOM 73  N ND2 . ASN A 1 9  ? 3.858   -5.999  -10.816 1.00 19.39 ? 17 ASN A ND2 1 
ATOM 74  N N   . TRP A 1 10 ? 3.018   -1.659  -14.096 1.00 18.37 ? 18 TRP A N   1 
ATOM 75  C CA  . TRP A 1 10 ? 2.213   -0.814  -14.942 1.00 17.38 ? 18 TRP A CA  1 
ATOM 76  C C   . TRP A 1 10 ? 0.770   -1.173  -14.686 1.00 16.77 ? 18 TRP A C   1 
ATOM 77  O O   . TRP A 1 10 ? -0.072  -0.874  -15.504 1.00 15.60 ? 18 TRP A O   1 
ATOM 78  C CB  . TRP A 1 10 ? 2.468   -1.105  -16.381 1.00 17.79 ? 18 TRP A CB  1 
ATOM 79  C CG  . TRP A 1 10 ? 3.829   -1.111  -16.974 1.00 19.01 ? 18 TRP A CG  1 
ATOM 80  C CD1 . TRP A 1 10 ? 4.549   -2.189  -17.483 1.00 16.52 ? 18 TRP A CD1 1 
ATOM 81  C CD2 . TRP A 1 10 ? 4.577   0.040   -17.261 1.00 18.65 ? 18 TRP A CD2 1 
ATOM 82  N NE1 . TRP A 1 10 ? 5.719   -1.777  -18.057 1.00 16.51 ? 18 TRP A NE1 1 
ATOM 83  C CE2 . TRP A 1 10 ? 5.745   -0.387  -17.982 1.00 18.53 ? 18 TRP A CE2 1 
ATOM 84  C CE3 . TRP A 1 10 ? 4.329   1.428   -17.090 1.00 18.13 ? 18 TRP A CE3 1 
ATOM 85  C CZ2 . TRP A 1 10 ? 6.725   0.536   -18.392 1.00 16.21 ? 18 TRP A CZ2 1 
ATOM 86  C CZ3 . TRP A 1 10 ? 5.307   2.288   -17.426 1.00 17.75 ? 18 TRP A CZ3 1 
ATOM 87  C CH2 . TRP A 1 10 ? 6.489   1.843   -18.140 1.00 17.51 ? 18 TRP A CH2 1 
ATOM 88  N N   . GLU A 1 11 ? 0.482   -1.680  -13.497 1.00 17.88 ? 19 GLU A N   1 
ATOM 89  C CA  . GLU A 1 11 ? -0.836  -2.091  -13.093 1.00 16.26 ? 19 GLU A CA  1 
ATOM 90  C C   . GLU A 1 11 ? -1.389  -1.240  -11.951 1.00 15.41 ? 19 GLU A C   1 
ATOM 91  O O   . GLU A 1 11 ? -0.908  -1.350  -10.808 1.00 17.84 ? 19 GLU A O   1 
ATOM 92  C CB  . GLU A 1 11 ? -0.857  -3.653  -12.883 1.00 20.70 ? 19 GLU A CB  1 
ATOM 93  C CG  . GLU A 1 11 ? -2.093  -4.442  -12.775 1.00 18.18 ? 19 GLU A CG  1 
ATOM 94  C CD  . GLU A 1 11 ? -2.967  -4.374  -13.943 1.00 18.12 ? 19 GLU A CD  1 
ATOM 95  O OE1 . GLU A 1 11 ? -2.424  -4.097  -15.120 1.00 18.64 ? 19 GLU A OE1 1 
ATOM 96  O OE2 . GLU A 1 11 ? -4.163  -4.507  -13.751 1.00 19.40 ? 19 GLU A OE2 1 
ATOM 97  N N   . ALA A 1 12 ? -2.468  -0.530  -12.273 1.00 18.11 ? 20 ALA A N   1 
ATOM 98  C CA  . ALA A 1 12 ? -3.142  0.461   -11.392 1.00 14.47 ? 20 ALA A CA  1 
ATOM 99  C C   . ALA A 1 12 ? -4.142  -0.224  -10.516 1.00 16.15 ? 20 ALA A C   1 
ATOM 100 O O   . ALA A 1 12 ? -5.228  -0.601  -10.908 1.00 16.06 ? 20 ALA A O   1 
ATOM 101 C CB  . ALA A 1 12 ? -3.787  1.531   -12.202 1.00 14.36 ? 20 ALA A CB  1 
ATOM 102 N N   . ILE A 1 13 ? -3.834  -0.223  -9.219  1.00 16.65 ? 21 ILE A N   1 
ATOM 103 C CA  . ILE A 1 13 ? -4.765  -0.732  -8.240  1.00 15.29 ? 21 ILE A CA  1 
ATOM 104 C C   . ILE A 1 13 ? -5.438  0.477   -7.546  1.00 16.76 ? 21 ILE A C   1 
ATOM 105 O O   . ILE A 1 13 ? -4.847  1.557   -7.352  1.00 17.72 ? 21 ILE A O   1 
ATOM 106 C CB  . ILE A 1 13 ? -4.020  -1.734  -7.355  1.00 15.25 ? 21 ILE A CB  1 
ATOM 107 C CG1 . ILE A 1 13 ? -3.504  -2.910  -8.241  1.00 15.10 ? 21 ILE A CG1 1 
ATOM 108 C CG2 . ILE A 1 13 ? -4.876  -2.215  -6.228  1.00 13.98 ? 21 ILE A CG2 1 
ATOM 109 C CD1 . ILE A 1 13 ? -2.154  -3.479  -7.912  1.00 14.49 ? 21 ILE A CD1 1 
ATOM 110 N N   . HIS A 1 14 ? -6.679  0.286   -7.248  1.00 16.87 ? 22 HIS A N   1 
ATOM 111 C CA  . HIS A 1 14 ? -7.442  1.424   -6.536  1.00 17.74 ? 22 HIS A CA  1 
ATOM 112 C C   . HIS A 1 14 ? -7.350  1.492   -5.069  1.00 16.31 ? 22 HIS A C   1 
ATOM 113 O O   . HIS A 1 14 ? -7.607  0.558   -4.410  1.00 15.25 ? 22 HIS A O   1 
ATOM 114 C CB  . HIS A 1 14 ? -8.905  1.282   -7.076  1.00 17.49 ? 22 HIS A CB  1 
ATOM 115 C CG  . HIS A 1 14 ? -9.608  0.020   -6.728  1.00 16.87 ? 22 HIS A CG  1 
ATOM 116 N ND1 . HIS A 1 14 ? -9.895  -0.390  -5.456  1.00 18.34 ? 22 HIS A ND1 1 
ATOM 117 C CD2 . HIS A 1 14 ? -10.050 -0.973  -7.548  1.00 15.69 ? 22 HIS A CD2 1 
ATOM 118 C CE1 . HIS A 1 14 ? -10.552 -1.553  -5.529  1.00 19.43 ? 22 HIS A CE1 1 
ATOM 119 N NE2 . HIS A 1 14 ? -10.594 -1.935  -6.782  1.00 15.11 ? 22 HIS A NE2 1 
ATOM 120 N N   . LYS A 1 15 ? -6.883  2.665   -4.558  1.00 16.47 ? 23 LYS A N   1 
ATOM 121 C CA  . LYS A 1 15 ? -6.877  3.020   -3.038  1.00 17.82 ? 23 LYS A CA  1 
ATOM 122 C C   . LYS A 1 15 ? -7.607  4.315   -2.888  1.00 15.46 ? 23 LYS A C   1 
ATOM 123 O O   . LYS A 1 15 ? -7.686  5.114   -3.799  1.00 16.35 ? 23 LYS A O   1 
ATOM 124 C CB  . LYS A 1 15 ? -5.440  3.174   -2.541  1.00 17.47 ? 23 LYS A CB  1 
ATOM 125 C CG  . LYS A 1 15 ? -4.578  1.847   -2.518  1.00 16.66 ? 23 LYS A CG  1 
ATOM 126 C CD  . LYS A 1 15 ? -5.192  0.737   -1.781  1.00 15.57 ? 23 LYS A CD  1 
ATOM 127 C CE  . LYS A 1 15 ? -4.965  -0.637  -2.408  1.00 17.09 ? 23 LYS A CE  1 
ATOM 128 N NZ  . LYS A 1 15 ? -5.141  -1.731  -1.392  1.00 17.89 ? 23 LYS A NZ  1 
ATOM 129 N N   . SER A 1 16 ? -8.074  4.555   -1.651  1.00 18.40 ? 24 SER A N   1 
ATOM 130 C CA  . SER A 1 16 ? -8.848  5.656   -1.254  1.00 16.23 ? 24 SER A CA  1 
ATOM 131 C C   . SER A 1 16 ? -8.211  6.212   0.042   1.00 14.36 ? 24 SER A C   1 
ATOM 132 O O   . SER A 1 16 ? -7.635  5.492   0.837   1.00 16.16 ? 24 SER A O   1 
ATOM 133 C CB  . SER A 1 16 ? -10.231 5.252   -1.037  1.00 17.65 ? 24 SER A CB  1 
ATOM 134 O OG  . SER A 1 16 ? -10.589 4.129   -1.824  1.00 15.40 ? 24 SER A OG  1 
ATOM 135 N N   . CYS A 1 17 ? -8.377  7.472   0.271   1.00 15.45 ? 25 CYS A N   1 
ATOM 136 C CA  . CYS A 1 17 ? -7.777  8.113   1.449   1.00 16.09 ? 25 CYS A CA  1 
ATOM 137 C C   . CYS A 1 17 ? -8.862  8.150   2.582   1.00 14.30 ? 25 CYS A C   1 
ATOM 138 O O   . CYS A 1 17 ? -9.980  8.408   2.301   1.00 14.92 ? 25 CYS A O   1 
ATOM 139 C CB  . CYS A 1 17 ? -7.183  9.600   1.162   1.00 16.43 ? 25 CYS A CB  1 
ATOM 140 S SG  . CYS A 1 17 ? -6.042  9.850   -0.311  1.00 17.01 ? 25 CYS A SG  1 
ATOM 141 N N   . PRO A 1 18 ? -8.443  7.955   3.819   1.00 16.13 ? 26 PRO A N   1 
ATOM 142 C CA  . PRO A 1 18 ? -9.301  7.946   4.977   1.00 14.53 ? 26 PRO A CA  1 
ATOM 143 C C   . PRO A 1 18 ? -9.922  9.219   5.523   1.00 17.20 ? 26 PRO A C   1 
ATOM 144 O O   . PRO A 1 18 ? -9.205  10.270  5.758   1.00 15.93 ? 26 PRO A O   1 
ATOM 145 C CB  . PRO A 1 18 ? -8.374  7.364   6.044   1.00 15.05 ? 26 PRO A CB  1 
ATOM 146 C CG  . PRO A 1 18 ? -7.039  7.841   5.685   1.00 16.42 ? 26 PRO A CG  1 
ATOM 147 C CD  . PRO A 1 18 ? -7.117  7.436   4.206   1.00 16.15 ? 26 PRO A CD  1 
ATOM 148 N N   . GLY A 1 19 ? -11.175 9.169   5.818   1.00 15.69 ? 27 GLY A N   1 
ATOM 149 C CA  . GLY A 1 19 ? -11.847 10.409  6.452   1.00 17.19 ? 27 GLY A CA  1 
ATOM 150 C C   . GLY A 1 19 ? -11.903 11.550  5.510   1.00 13.63 ? 27 GLY A C   1 
ATOM 151 O O   . GLY A 1 19 ? -12.370 11.431  4.387   1.00 17.77 ? 27 GLY A O   1 
ATOM 152 N N   . ASN A 1 20 ? -11.455 12.735  5.952   1.00 14.32 ? 28 ASN A N   1 
ATOM 153 C CA  . ASN A 1 20 ? -11.383 14.023  5.173   1.00 19.84 ? 28 ASN A CA  1 
ATOM 154 C C   . ASN A 1 20 ? -9.966  14.352  4.545   1.00 16.08 ? 28 ASN A C   1 
ATOM 155 O O   . ASN A 1 20 ? -9.615  15.452  4.143   1.00 17.29 ? 28 ASN A O   1 
ATOM 156 C CB  . ASN A 1 20 ? -11.907 15.205  6.093   1.00 16.36 ? 28 ASN A CB  1 
ATOM 157 C CG  . ASN A 1 20 ? -13.336 15.719  5.664   1.00 16.80 ? 28 ASN A CG  1 
ATOM 158 O OD1 . ASN A 1 20 ? -13.543 16.233  4.598   1.00 18.04 ? 28 ASN A OD1 1 
ATOM 159 N ND2 . ASN A 1 20 ? -14.305 15.550  6.516   1.00 19.30 ? 28 ASN A ND2 1 
ATOM 160 N N   . THR A 1 21 ? -9.105  13.385  4.572   1.00 17.14 ? 29 THR A N   1 
ATOM 161 C CA  . THR A 1 21 ? -7.739  13.638  3.942   1.00 17.96 ? 29 THR A CA  1 
ATOM 162 C C   . THR A 1 21 ? -7.817  13.598  2.402   1.00 15.57 ? 29 THR A C   1 
ATOM 163 O O   . THR A 1 21 ? -8.848  13.283  1.850   1.00 15.92 ? 29 THR A O   1 
ATOM 164 C CB  . THR A 1 21 ? -6.693  12.623  4.425   1.00 15.85 ? 29 THR A CB  1 
ATOM 165 O OG1 . THR A 1 21 ? -5.490  12.960  3.874   1.00 16.37 ? 29 THR A OG1 1 
ATOM 166 C CG2 . THR A 1 21 ? -7.059  11.090  4.000   1.00 13.19 ? 29 THR A CG2 1 
ATOM 167 N N   . ARG A 1 22 ? -6.663  14.006  1.807   1.00 14.82 ? 30 ARG A N   1 
ATOM 168 C CA  . ARG A 1 22 ? -6.513  14.057  0.401   1.00 17.86 ? 30 ARG A CA  1 
ATOM 169 C C   . ARG A 1 22 ? -5.118  13.397  0.011   1.00 16.24 ? 30 ARG A C   1 
ATOM 170 O O   . ARG A 1 22 ? -4.197  13.377  0.752   1.00 14.79 ? 30 ARG A O   1 
ATOM 171 C CB  . ARG A 1 22 ? -6.622  15.484  -0.041  1.00 13.75 ? 30 ARG A CB  1 
ATOM 172 C CG  . ARG A 1 22 ? -7.952  16.169  0.133   1.00 15.47 ? 30 ARG A CG  1 
ATOM 173 C CD  . ARG A 1 22 ? -7.883  17.677  0.065   1.00 17.42 ? 30 ARG A CD  1 
ATOM 174 N NE  . ARG A 1 22 ? -9.206  18.124  -0.342  1.00 18.41 ? 30 ARG A NE  1 
ATOM 175 C CZ  . ARG A 1 22 ? -9.595  18.628  -1.481  1.00 16.24 ? 30 ARG A CZ  1 
ATOM 176 N NH1 . ARG A 1 22 ? -8.740  18.917  -2.473  1.00 17.44 ? 30 ARG A NH1 1 
ATOM 177 N NH2 . ARG A 1 22 ? -10.885 18.761  -1.624  1.00 16.79 ? 30 ARG A NH2 1 
ATOM 178 N N   . TRP A 1 23 ? -4.960  12.922  -1.198  1.00 15.95 ? 31 TRP A N   1 
ATOM 179 C CA  . TRP A 1 23 ? -3.663  12.459  -1.603  1.00 14.49 ? 31 TRP A CA  1 
ATOM 180 C C   . TRP A 1 23 ? -2.608  13.564  -1.788  1.00 12.98 ? 31 TRP A C   1 
ATOM 181 O O   . TRP A 1 23 ? -2.884  14.555  -2.445  1.00 16.25 ? 31 TRP A O   1 
ATOM 182 C CB  . TRP A 1 23 ? -3.772  11.770  -2.898  1.00 14.38 ? 31 TRP A CB  1 
ATOM 183 C CG  . TRP A 1 23 ? -2.578  11.264  -3.381  1.00 13.92 ? 31 TRP A CG  1 
ATOM 184 C CD1 . TRP A 1 23 ? -1.988  11.530  -4.599  1.00 16.03 ? 31 TRP A CD1 1 
ATOM 185 C CD2 . TRP A 1 23 ? -1.765  10.273  -2.750  1.00 18.05 ? 31 TRP A CD2 1 
ATOM 186 N NE1 . TRP A 1 23 ? -0.808  10.779  -4.748  1.00 15.87 ? 31 TRP A NE1 1 
ATOM 187 C CE2 . TRP A 1 23 ? -0.645  9.973   -3.668  1.00 14.95 ? 31 TRP A CE2 1 
ATOM 188 C CE3 . TRP A 1 23 ? -1.833  9.596   -1.542  1.00 13.93 ? 31 TRP A CE3 1 
ATOM 189 C CZ2 . TRP A 1 23 ? 0.305   9.033   -3.355  1.00 15.82 ? 31 TRP A CZ2 1 
ATOM 190 C CZ3 . TRP A 1 23 ? -0.886  8.681   -1.252  1.00 16.59 ? 31 TRP A CZ3 1 
ATOM 191 C CH2 . TRP A 1 23 ? 0.194   8.411   -2.179  1.00 16.36 ? 31 TRP A CH2 1 
ATOM 192 N N   . ASN A 1 24 ? -1.494  13.430  -1.147  1.00 14.26 ? 32 ASN A N   1 
ATOM 193 C CA  . ASN A 1 24 ? -0.427  14.403  -1.254  1.00 15.00 ? 32 ASN A CA  1 
ATOM 194 C C   . ASN A 1 24 ? 0.742   13.796  -1.949  1.00 13.86 ? 32 ASN A C   1 
ATOM 195 O O   . ASN A 1 24 ? 1.538   13.039  -1.423  1.00 14.08 ? 32 ASN A O   1 
ATOM 196 C CB  . ASN A 1 24 ? 0.020   14.983  0.137   1.00 15.96 ? 32 ASN A CB  1 
ATOM 197 C CG  . ASN A 1 24 ? 1.145   15.978  0.016   1.00 16.10 ? 32 ASN A CG  1 
ATOM 198 O OD1 . ASN A 1 24 ? 2.022   15.937  -0.894  1.00 16.37 ? 32 ASN A OD1 1 
ATOM 199 N ND2 . ASN A 1 24 ? 1.244   16.901  1.044   1.00 18.15 ? 32 ASN A ND2 1 
ATOM 200 N N   . GLU A 1 25 ? 0.821   14.154  -3.211  1.00 15.60 ? 33 GLU A N   1 
ATOM 201 C CA  . GLU A 1 25 ? 1.708   13.564  -4.179  1.00 16.00 ? 33 GLU A CA  1 
ATOM 202 C C   . GLU A 1 25 ? 3.169   13.703  -3.732  1.00 15.96 ? 33 GLU A C   1 
ATOM 203 O O   . GLU A 1 25 ? 3.949   12.799  -3.706  1.00 13.72 ? 33 GLU A O   1 
ATOM 204 C CB  . GLU A 1 25 ? 1.373   14.233  -5.491  1.00 13.95 ? 33 GLU A CB  1 
ATOM 205 C CG  . GLU A 1 25 ? -0.007  14.203  -6.115  1.00 15.38 ? 33 GLU A CG  1 
ATOM 206 C CD  . GLU A 1 25 ? -1.203  14.943  -5.500  1.00 16.55 ? 33 GLU A CD  1 
ATOM 207 O OE1 . GLU A 1 25 ? -1.084  15.478  -4.462  1.00 16.75 ? 33 GLU A OE1 1 
ATOM 208 O OE2 . GLU A 1 25 ? -2.336  14.980  -6.046  1.00 17.11 ? 33 GLU A OE2 1 
ATOM 209 N N   . LYS A 1 26 ? 3.449   14.875  -3.101  1.00 16.79 ? 34 LYS A N   1 
ATOM 210 C CA  . LYS A 1 26 ? 4.777   15.206  -2.721  1.00 16.07 ? 34 LYS A CA  1 
ATOM 211 C C   . LYS A 1 26 ? 5.274   14.274  -1.710  1.00 15.81 ? 34 LYS A C   1 
ATOM 212 O O   . LYS A 1 26 ? 6.343   13.681  -1.893  1.00 16.56 ? 34 LYS A O   1 
ATOM 213 C CB  . LYS A 1 26 ? 4.787   16.672  -2.223  1.00 13.88 ? 34 LYS A CB  1 
ATOM 214 C CG  . LYS A 1 26 ? 4.090   17.644  -3.164  1.00 14.51 ? 34 LYS A CG  1 
ATOM 215 C CD  . LYS A 1 26 ? 3.684   18.966  -2.559  1.00 15.62 ? 34 LYS A CD  1 
ATOM 216 C CE  . LYS A 1 26 ? 2.873   18.840  -1.273  1.00 16.02 ? 34 LYS A CE  1 
ATOM 217 N NZ  . LYS A 1 26 ? 2.480   20.143  -0.545  1.00 17.03 ? 34 LYS A NZ  1 
ATOM 218 N N   . GLU A 1 27 ? 4.539   14.142  -0.587  1.00 17.19 ? 35 GLU A N   1 
ATOM 219 C CA  . GLU A 1 27 ? 4.760   13.194  0.505   1.00 16.39 ? 35 GLU A CA  1 
ATOM 220 C C   . GLU A 1 27 ? 4.351   11.665  0.196   1.00 16.37 ? 35 GLU A C   1 
ATOM 221 O O   . GLU A 1 27 ? 4.762   10.805  0.930   1.00 17.61 ? 35 GLU A O   1 
ATOM 222 C CB  . GLU A 1 27 ? 4.077   13.712  1.828   1.00 18.82 ? 35 GLU A CB  1 
ATOM 223 C CG  . GLU A 1 27 ? 4.882   14.904  2.342   1.00 17.05 ? 35 GLU A CG  1 
ATOM 224 C CD  . GLU A 1 27 ? 4.020   15.935  3.049   1.00 18.78 ? 35 GLU A CD  1 
ATOM 225 O OE1 . GLU A 1 27 ? 2.874   16.233  2.639   1.00 17.64 ? 35 GLU A OE1 1 
ATOM 226 O OE2 . GLU A 1 27 ? 4.545   16.591  4.052   1.00 17.71 ? 35 GLU A OE2 1 
ATOM 227 N N   . LEU A 1 28 ? 3.701   11.394  -0.948  1.00 19.44 ? 36 LEU A N   1 
ATOM 228 C CA  . LEU A 1 28 ? 3.204   10.097  -1.327  1.00 16.19 ? 36 LEU A CA  1 
ATOM 229 C C   . LEU A 1 28 ? 2.372   9.441   -0.194  1.00 17.31 ? 36 LEU A C   1 
ATOM 230 O O   . LEU A 1 28 ? 2.617   8.402   0.329   1.00 16.16 ? 36 LEU A O   1 
ATOM 231 C CB  . LEU A 1 28 ? 4.357   9.240   -1.762  1.00 15.80 ? 36 LEU A CB  1 
ATOM 232 C CG  . LEU A 1 28 ? 4.747   9.251   -3.275  1.00 15.94 ? 36 LEU A CG  1 
ATOM 233 C CD1 . LEU A 1 28 ? 5.712   10.321  -3.466  1.00 18.25 ? 36 LEU A CD1 1 
ATOM 234 C CD2 . LEU A 1 28 ? 5.361   7.913   -3.657  1.00 15.93 ? 36 LEU A CD2 1 
ATOM 235 N N   . THR A 1 29 ? 1.420   10.198  0.247   1.00 18.53 ? 37 THR A N   1 
ATOM 236 C CA  . THR A 1 29 ? 0.564   9.861   1.410   1.00 16.21 ? 37 THR A CA  1 
ATOM 237 C C   . THR A 1 29 ? -0.560  10.874  1.520   1.00 17.35 ? 37 THR A C   1 
ATOM 238 O O   . THR A 1 29 ? -0.428  12.083  1.160   1.00 16.12 ? 37 THR A O   1 
ATOM 239 C CB  . THR A 1 29 ? 1.438   9.777   2.657   1.00 18.63 ? 37 THR A CB  1 
ATOM 240 O OG1 . THR A 1 29 ? 2.118   8.498   2.653   1.00 19.30 ? 37 THR A OG1 1 
ATOM 241 C CG2 . THR A 1 29 ? 0.599   10.007  3.940   1.00 17.42 ? 37 THR A CG2 1 
ATOM 242 N N   . CYS A 1 30 ? -1.696  10.381  1.964   1.00 15.80 ? 38 CYS A N   1 
ATOM 243 C CA  . CYS A 1 30 ? -2.874  11.181  2.091   1.00 17.60 ? 38 CYS A CA  1 
ATOM 244 C C   . CYS A 1 30 ? -2.678  11.973  3.362   1.00 13.86 ? 38 CYS A C   1 
ATOM 245 O O   . CYS A 1 30 ? -2.295  11.388  4.394   1.00 16.29 ? 38 CYS A O   1 
ATOM 246 C CB  . CYS A 1 30 ? -4.080  10.204  2.281   1.00 16.40 ? 38 CYS A CB  1 
ATOM 247 S SG  . CYS A 1 30 ? -4.166  9.523   3.863   1.00 18.70 ? 38 CYS A SG  1 
ATOM 248 N N   . THR A 1 31 ? -2.916  13.257  3.280   1.00 19.37 ? 39 THR A N   1 
ATOM 249 C CA  . THR A 1 31 ? -2.639  14.205  4.400   1.00 17.28 ? 39 THR A CA  1 
ATOM 250 C C   . THR A 1 31 ? -3.689  15.223  4.868   1.00 15.84 ? 39 THR A C   1 
ATOM 251 O O   . THR A 1 31 ? -3.974  15.363  5.994   1.00 15.78 ? 39 THR A O   1 
ATOM 252 C CB  . THR A 1 31 ? -1.363  15.066  4.089   1.00 15.53 ? 39 THR A CB  1 
ATOM 253 O OG1 . THR A 1 31 ? -1.609  15.901  2.957   1.00 14.60 ? 39 THR A OG1 1 
ATOM 254 C CG2 . THR A 1 31 ? -0.184  14.187  3.841   1.00 17.21 ? 39 THR A CG2 1 
ATOM 255 N N   . PRO B 1 1  ? 10.808  -6.277  -1.382  1.00 15.83 ? 9  PRO B N   1 
ATOM 256 C CA  . PRO B 1 1  ? 9.767   -6.948  -2.147  1.00 16.64 ? 9  PRO B CA  1 
ATOM 257 C C   . PRO B 1 1  ? 9.313   -8.300  -1.505  1.00 16.01 ? 9  PRO B C   1 
ATOM 258 O O   . PRO B 1 1  ? 8.337   -8.916  -1.974  1.00 19.18 ? 9  PRO B O   1 
ATOM 259 C CB  . PRO B 1 1  ? 10.539  -7.273  -3.512  1.00 18.07 ? 9  PRO B CB  1 
ATOM 260 C CG  . PRO B 1 1  ? 12.098  -7.067  -3.066  1.00 18.16 ? 9  PRO B CG  1 
ATOM 261 C CD  . PRO B 1 1  ? 12.091  -6.900  -1.605  1.00 17.93 ? 9  PRO B CD  1 
ATOM 262 N N   . CYS B 1 2  ? 9.972   -8.758  -0.405  1.00 15.19 ? 10 CYS B N   1 
ATOM 263 C CA  . CYS B 1 2  ? 9.698   -9.928  0.440   1.00 14.16 ? 10 CYS B CA  1 
ATOM 264 C C   . CYS B 1 2  ? 9.303   -9.523  1.876   1.00 14.66 ? 10 CYS B C   1 
ATOM 265 O O   . CYS B 1 2  ? 9.579   -10.203 2.841   1.00 16.47 ? 10 CYS B O   1 
ATOM 266 C CB  . CYS B 1 2  ? 10.819  -10.918 0.548   1.00 15.24 ? 10 CYS B CB  1 
ATOM 267 S SG  . CYS B 1 2  ? 11.459  -11.537 -1.065  1.00 17.11 ? 10 CYS B SG  1 
ATOM 268 N N   . LYS B 1 3  ? 8.596   -8.428  1.939   1.00 17.90 ? 11 LYS B N   1 
ATOM 269 C CA  . LYS B 1 3  ? 8.083   -7.842  3.116   1.00 17.08 ? 11 LYS B CA  1 
ATOM 270 C C   . LYS B 1 3  ? 6.910   -6.929  2.706   1.00 16.51 ? 11 LYS B C   1 
ATOM 271 O O   . LYS B 1 3  ? 6.722   -6.577  1.584   1.00 16.02 ? 11 LYS B O   1 
ATOM 272 C CB  . LYS B 1 3  ? 9.102   -7.009  3.891   1.00 15.70 ? 11 LYS B CB  1 
ATOM 273 C CG  . LYS B 1 3  ? 10.484  -7.593  4.212   1.00 18.05 ? 11 LYS B CG  1 
ATOM 274 C CD  . LYS B 1 3  ? 10.534  -8.368  5.511   1.00 15.45 ? 11 LYS B CD  1 
ATOM 275 C CE  . LYS B 1 3  ? 11.956  -8.415  6.095   1.00 18.81 ? 11 LYS B CE  1 
ATOM 276 N NZ  . LYS B 1 3  ? 12.773  -7.102  6.231   1.00 17.33 ? 11 LYS B NZ  1 
ATOM 277 N N   . PHE B 1 4  ? 6.184   -6.365  3.675   1.00 16.21 ? 12 PHE B N   1 
ATOM 278 C CA  . PHE B 1 4  ? 5.143   -5.418  3.323   1.00 16.37 ? 12 PHE B CA  1 
ATOM 279 C C   . PHE B 1 4  ? 4.725   -4.813  4.592   1.00 17.65 ? 12 PHE B C   1 
ATOM 280 O O   . PHE B 1 4  ? 5.213   -5.238  5.706   1.00 17.26 ? 12 PHE B O   1 
ATOM 281 C CB  . PHE B 1 4  ? 3.901   -6.255  2.741   1.00 15.07 ? 12 PHE B CB  1 
ATOM 282 C CG  . PHE B 1 4  ? 3.303   -7.264  3.772   1.00 15.24 ? 12 PHE B CG  1 
ATOM 283 C CD1 . PHE B 1 4  ? 3.876   -8.562  3.931   1.00 15.85 ? 12 PHE B CD1 1 
ATOM 284 C CD2 . PHE B 1 4  ? 2.251   -6.914  4.566   1.00 14.11 ? 12 PHE B CD2 1 
ATOM 285 C CE1 . PHE B 1 4  ? 3.339   -9.419  4.896   1.00 15.82 ? 12 PHE B CE1 1 
ATOM 286 C CE2 . PHE B 1 4  ? 1.643   -7.793  5.414   1.00 13.98 ? 12 PHE B CE2 1 
ATOM 287 C CZ  . PHE B 1 4  ? 2.200   -8.991  5.671   1.00 15.81 ? 12 PHE B CZ  1 
ATOM 288 N N   . TYR B 1 5  ? 3.814   -3.888  4.488   1.00 17.56 ? 13 TYR B N   1 
ATOM 289 C CA  . TYR B 1 5  ? 3.379   -3.225  5.693   1.00 15.11 ? 13 TYR B CA  1 
ATOM 290 C C   . TYR B 1 5  ? 1.923   -3.388  5.871   1.00 16.97 ? 13 TYR B C   1 
ATOM 291 O O   . TYR B 1 5  ? 1.075   -3.274  4.893   1.00 16.36 ? 13 TYR B O   1 
ATOM 292 C CB  . TYR B 1 5  ? 3.773   -1.787  5.824   1.00 19.18 ? 13 TYR B CB  1 
ATOM 293 C CG  . TYR B 1 5  ? 5.198   -1.400  5.727   1.00 17.21 ? 13 TYR B CG  1 
ATOM 294 C CD1 . TYR B 1 5  ? 5.968   -1.609  4.460   1.00 14.86 ? 13 TYR B CD1 1 
ATOM 295 C CD2 . TYR B 1 5  ? 5.843   -0.805  6.784   1.00 13.51 ? 13 TYR B CD2 1 
ATOM 296 C CE1 . TYR B 1 5  ? 7.268   -1.260  4.366   1.00 17.52 ? 13 TYR B CE1 1 
ATOM 297 C CE2 . TYR B 1 5  ? 7.209   -0.443  6.677   1.00 17.69 ? 13 TYR B CE2 1 
ATOM 298 C CZ  . TYR B 1 5  ? 7.883   -0.542  5.434   1.00 16.15 ? 13 TYR B CZ  1 
ATOM 299 O OH  . TYR B 1 5  ? 9.170   -0.181  5.312   1.00 17.49 ? 13 TYR B OH  1 
ATOM 300 N N   . ILE B 1 6  ? 1.598   -3.546  7.117   1.00 15.34 ? 14 ILE B N   1 
ATOM 301 C CA  . ILE B 1 6  ? 0.227   -3.464  7.631   1.00 15.96 ? 14 ILE B CA  1 
ATOM 302 C C   . ILE B 1 6  ? 0.145   -2.064  8.282   1.00 16.73 ? 14 ILE B C   1 
ATOM 303 O O   . ILE B 1 6  ? 1.028   -1.794  8.987   1.00 15.65 ? 14 ILE B O   1 
ATOM 304 C CB  . ILE B 1 6  ? -0.089  -4.683  8.580   1.00 18.29 ? 14 ILE B CB  1 
ATOM 305 C CG1 . ILE B 1 6  ? 0.139   -5.926  7.873   1.00 18.41 ? 14 ILE B CG1 1 
ATOM 306 C CG2 . ILE B 1 6  ? -1.489  -4.675  9.107   1.00 16.27 ? 14 ILE B CG2 1 
ATOM 307 C CD1 . ILE B 1 6  ? -0.574  -5.995  6.520   1.00 17.38 ? 14 ILE B CD1 1 
ATOM 308 N N   . CYS B 1 7  ? -0.783  -1.227  7.876   1.00 13.28 ? 15 CYS B N   1 
ATOM 309 C CA  . CYS B 1 7  ? -0.974  0.005   8.647   1.00 17.35 ? 15 CYS B CA  1 
ATOM 310 C C   . CYS B 1 7  ? -2.130  -0.074  9.503   1.00 17.68 ? 15 CYS B C   1 
ATOM 311 O O   . CYS B 1 7  ? -3.208  -0.715  9.113   1.00 18.88 ? 15 CYS B O   1 
ATOM 312 C CB  . CYS B 1 7  ? -1.025  1.260   7.753   1.00 16.67 ? 15 CYS B CB  1 
ATOM 313 S SG  . CYS B 1 7  ? 0.377   1.523   6.817   1.00 17.65 ? 15 CYS B SG  1 
ATOM 314 N N   . SER B 1 8  ? -2.028  0.606   10.623  1.00 16.54 ? 16 SER B N   1 
ATOM 315 C CA  . SER B 1 8  ? -3.122  0.579   11.622  1.00 20.49 ? 16 SER B CA  1 
ATOM 316 C C   . SER B 1 8  ? -3.097  1.812   12.393  1.00 16.61 ? 16 SER B C   1 
ATOM 317 O O   . SER B 1 8  ? -2.200  1.959   13.164  1.00 17.23 ? 16 SER B O   1 
ATOM 318 C CB  . SER B 1 8  ? -3.107  -0.674  12.451  1.00 18.48 ? 16 SER B CB  1 
ATOM 319 O OG  . SER B 1 8  ? -3.411  -1.767  11.507  1.00 20.23 ? 16 SER B OG  1 
ATOM 320 N N   . ASN B 1 9  ? -4.069  2.715   12.141  1.00 16.59 ? 17 ASN B N   1 
ATOM 321 C CA  . ASN B 1 9  ? -3.925  4.102   12.775  1.00 18.32 ? 17 ASN B CA  1 
ATOM 322 C C   . ASN B 1 9  ? -2.748  4.773   12.304  1.00 17.62 ? 17 ASN B C   1 
ATOM 323 O O   . ASN B 1 9  ? -1.966  5.354   13.145  1.00 18.80 ? 17 ASN B O   1 
ATOM 324 C CB  . ASN B 1 9  ? -3.974  4.033   14.341  1.00 18.72 ? 17 ASN B CB  1 
ATOM 325 C CG  . ASN B 1 9  ? -5.340  4.173   14.829  1.00 17.97 ? 17 ASN B CG  1 
ATOM 326 O OD1 . ASN B 1 9  ? -6.208  4.321   13.997  1.00 19.02 ? 17 ASN B OD1 1 
ATOM 327 N ND2 . ASN B 1 9  ? -5.601  4.089   16.163  1.00 18.79 ? 17 ASN B ND2 1 
ATOM 328 N N   . TRP B 1 10 ? -2.533  4.753   10.977  1.00 17.37 ? 18 TRP B N   1 
ATOM 329 C CA  . TRP B 1 10 ? -1.354  5.497   10.424  1.00 16.18 ? 18 TRP B CA  1 
ATOM 330 C C   . TRP B 1 10 ? -0.105  4.937   10.952  1.00 14.49 ? 18 TRP B C   1 
ATOM 331 O O   . TRP B 1 10 ? 0.947   5.631   11.102  1.00 18.53 ? 18 TRP B O   1 
ATOM 332 C CB  . TRP B 1 10 ? -1.501  6.949   10.665  1.00 16.50 ? 18 TRP B CB  1 
ATOM 333 C CG  . TRP B 1 10 ? -2.785  7.558   10.171  1.00 18.28 ? 18 TRP B CG  1 
ATOM 334 C CD1 . TRP B 1 10 ? -3.956  7.890   10.955  1.00 14.78 ? 18 TRP B CD1 1 
ATOM 335 C CD2 . TRP B 1 10 ? -3.027  8.091   8.882   1.00 15.36 ? 18 TRP B CD2 1 
ATOM 336 N NE1 . TRP B 1 10 ? -4.806  8.624   10.215  1.00 14.41 ? 18 TRP B NE1 1 
ATOM 337 C CE2 . TRP B 1 10 ? -4.307  8.755   8.938   1.00 13.99 ? 18 TRP B CE2 1 
ATOM 338 C CE3 . TRP B 1 10 ? -2.289  8.118   7.704   1.00 16.45 ? 18 TRP B CE3 1 
ATOM 339 C CZ2 . TRP B 1 10 ? -4.869  9.390   7.837   1.00 15.73 ? 18 TRP B CZ2 1 
ATOM 340 C CZ3 . TRP B 1 10 ? -2.844  8.807   6.581   1.00 15.23 ? 18 TRP B CZ3 1 
ATOM 341 C CH2 . TRP B 1 10 ? -4.136  9.302   6.616   1.00 15.93 ? 18 TRP B CH2 1 
ATOM 342 N N   . GLU B 1 11 ? -0.118  3.666   11.283  1.00 15.19 ? 19 GLU B N   1 
ATOM 343 C CA  . GLU B 1 11 ? 1.020   3.024   11.931  1.00 16.06 ? 19 GLU B CA  1 
ATOM 344 C C   . GLU B 1 11 ? 1.549   1.825   11.187  1.00 16.80 ? 19 GLU B C   1 
ATOM 345 O O   . GLU B 1 11 ? 0.822   0.838   11.012  1.00 18.04 ? 19 GLU B O   1 
ATOM 346 C CB  . GLU B 1 11 ? 0.716   2.573   13.260  1.00 14.83 ? 19 GLU B CB  1 
ATOM 347 C CG  . GLU B 1 11 ? 0.606   3.689   14.271  1.00 17.03 ? 19 GLU B CG  1 
ATOM 348 C CD  . GLU B 1 11 ? 0.999   3.143   15.559  1.00 17.40 ? 19 GLU B CD  1 
ATOM 349 O OE1 . GLU B 1 11 ? 2.007   2.330   15.589  1.00 20.51 ? 19 GLU B OE1 1 
ATOM 350 O OE2 . GLU B 1 11 ? 0.365   3.539   16.615  1.00 21.67 ? 19 GLU B OE2 1 
ATOM 351 N N   . ALA B 1 12 ? 2.759   1.985   10.710  1.00 18.83 ? 20 ALA B N   1 
ATOM 352 C CA  . ALA B 1 12 ? 3.431   0.943   9.810   1.00 15.39 ? 20 ALA B CA  1 
ATOM 353 C C   . ALA B 1 12 ? 4.020   -0.185  10.666  1.00 16.31 ? 20 ALA B C   1 
ATOM 354 O O   . ALA B 1 12 ? 4.968   -0.023  11.424  1.00 16.47 ? 20 ALA B O   1 
ATOM 355 C CB  . ALA B 1 12 ? 4.504   1.650   9.048   1.00 17.35 ? 20 ALA B CB  1 
ATOM 356 N N   . ILE B 1 13 ? 3.491   -1.413  10.469  1.00 15.68 ? 21 ILE B N   1 
ATOM 357 C CA  . ILE B 1 13 ? 4.140   -2.538  11.121  1.00 15.35 ? 21 ILE B CA  1 
ATOM 358 C C   . ILE B 1 13 ? 4.959   -3.364  10.130  1.00 16.92 ? 21 ILE B C   1 
ATOM 359 O O   . ILE B 1 13 ? 4.371   -3.856  9.182   1.00 17.61 ? 21 ILE B O   1 
ATOM 360 C CB  . ILE B 1 13 ? 3.087   -3.394  11.815  1.00 16.49 ? 21 ILE B CB  1 
ATOM 361 C CG1 . ILE B 1 13 ? 2.512   -2.557  13.076  1.00 17.47 ? 21 ILE B CG1 1 
ATOM 362 C CG2 . ILE B 1 13 ? 3.633   -4.739  12.285  1.00 16.24 ? 21 ILE B CG2 1 
ATOM 363 C CD1 . ILE B 1 13 ? 1.052   -2.219  12.960  1.00 16.10 ? 21 ILE B CD1 1 
ATOM 364 N N   . HIS B 1 14 ? 6.162   -3.716  10.482  1.00 16.18 ? 22 HIS B N   1 
ATOM 365 C CA  . HIS B 1 14 ? 6.929   -4.712  9.597   1.00 19.83 ? 22 HIS B CA  1 
ATOM 366 C C   . HIS B 1 14 ? 6.436   -6.147  9.599   1.00 16.93 ? 22 HIS B C   1 
ATOM 367 O O   . HIS B 1 14 ? 6.076   -6.778  10.613  1.00 19.49 ? 22 HIS B O   1 
ATOM 368 C CB  . HIS B 1 14 ? 8.404   -4.574  10.101  1.00 18.65 ? 22 HIS B CB  1 
ATOM 369 C CG  . HIS B 1 14 ? 8.644   -5.209  11.435  1.00 15.91 ? 22 HIS B CG  1 
ATOM 370 N ND1 . HIS B 1 14 ? 7.742   -5.109  12.485  1.00 17.97 ? 22 HIS B ND1 1 
ATOM 371 C CD2 . HIS B 1 14 ? 9.677   -5.929  11.897  1.00 16.40 ? 22 HIS B CD2 1 
ATOM 372 C CE1 . HIS B 1 14 ? 8.250   -5.687  13.548  1.00 18.81 ? 22 HIS B CE1 1 
ATOM 373 N NE2 . HIS B 1 14 ? 9.402   -6.249  13.200  1.00 16.79 ? 22 HIS B NE2 1 
ATOM 374 N N   . LYS B 1 15 ? 6.232   -6.708  8.385   1.00 17.44 ? 23 LYS B N   1 
ATOM 375 C CA  . LYS B 1 15 ? 5.798   -8.130  8.228   1.00 17.18 ? 23 LYS B CA  1 
ATOM 376 C C   . LYS B 1 15 ? 6.638   -8.561  7.188   1.00 16.27 ? 23 LYS B C   1 
ATOM 377 O O   . LYS B 1 15 ? 6.988   -7.791  6.401   1.00 18.04 ? 23 LYS B O   1 
ATOM 378 C CB  . LYS B 1 15 ? 4.280   -8.248  7.993   1.00 18.65 ? 23 LYS B CB  1 
ATOM 379 C CG  . LYS B 1 15 ? 3.457   -7.942  9.318   1.00 17.13 ? 23 LYS B CG  1 
ATOM 380 C CD  . LYS B 1 15 ? 3.769   -9.012  10.375  1.00 17.27 ? 23 LYS B CD  1 
ATOM 381 C CE  . LYS B 1 15 ? 2.954   -8.735  11.676  1.00 16.16 ? 23 LYS B CE  1 
ATOM 382 N NZ  . LYS B 1 15 ? 3.156   -9.713  12.766  1.00 14.55 ? 23 LYS B NZ  1 
ATOM 383 N N   . SER B 1 16 ? 6.928   -9.872  7.193   1.00 18.37 ? 24 SER B N   1 
ATOM 384 C CA  . SER B 1 16 ? 7.859   -10.536 6.358   1.00 15.27 ? 24 SER B CA  1 
ATOM 385 C C   . SER B 1 16 ? 7.019   -11.461 5.528   1.00 15.48 ? 24 SER B C   1 
ATOM 386 O O   . SER B 1 16 ? 5.953   -11.834 5.849   1.00 15.75 ? 24 SER B O   1 
ATOM 387 C CB  . SER B 1 16 ? 8.824   -11.386 7.174   1.00 17.21 ? 24 SER B CB  1 
ATOM 388 O OG  . SER B 1 16 ? 9.868   -10.524 7.712   1.00 16.17 ? 24 SER B OG  1 
ATOM 389 N N   . CYS B 1 17 ? 7.611   -11.877 4.455   1.00 19.51 ? 25 CYS B N   1 
ATOM 390 C CA  . CYS B 1 17 ? 6.917   -12.810 3.630   1.00 15.52 ? 25 CYS B CA  1 
ATOM 391 C C   . CYS B 1 17 ? 7.670   -14.078 3.943   1.00 17.38 ? 25 CYS B C   1 
ATOM 392 O O   . CYS B 1 17 ? 8.846   -14.108 3.951   1.00 15.59 ? 25 CYS B O   1 
ATOM 393 C CB  . CYS B 1 17 ? 6.899   -12.255 2.221   1.00 15.25 ? 25 CYS B CB  1 
ATOM 394 S SG  . CYS B 1 17 ? 5.506   -11.267 1.668   1.00 16.98 ? 25 CYS B SG  1 
ATOM 395 N N   . PRO B 1 18 ? 6.931   -15.218 4.184   1.00 18.76 ? 26 PRO B N   1 
ATOM 396 C CA  . PRO B 1 18 ? 7.529   -16.381 4.640   1.00 16.43 ? 26 PRO B CA  1 
ATOM 397 C C   . PRO B 1 18 ? 8.184   -17.173 3.452   1.00 15.30 ? 26 PRO B C   1 
ATOM 398 O O   . PRO B 1 18 ? 7.723   -17.019 2.281   1.00 14.76 ? 26 PRO B O   1 
ATOM 399 C CB  . PRO B 1 18 ? 6.408   -17.016 5.311   1.00 18.03 ? 26 PRO B CB  1 
ATOM 400 C CG  . PRO B 1 18 ? 5.255   -16.776 4.321   1.00 17.71 ? 26 PRO B CG  1 
ATOM 401 C CD  . PRO B 1 18 ? 5.483   -15.372 3.949   1.00 16.64 ? 26 PRO B CD  1 
ATOM 402 N N   . GLY B 1 19 ? 9.200   -17.944 3.768   1.00 14.79 ? 27 GLY B N   1 
ATOM 403 C CA  . GLY B 1 19 ? 9.918   -18.766 2.828   1.00 16.73 ? 27 GLY B CA  1 
ATOM 404 C C   . GLY B 1 19 ? 10.306  -18.077 1.570   1.00 16.29 ? 27 GLY B C   1 
ATOM 405 O O   . GLY B 1 19 ? 10.851  -16.973 1.615   1.00 16.96 ? 27 GLY B O   1 
ATOM 406 N N   . ASN B 1 20 ? 10.118  -18.714 0.392   1.00 15.87 ? 28 ASN B N   1 
ATOM 407 C CA  . ASN B 1 20 ? 10.366  -18.036 -0.876  1.00 16.72 ? 28 ASN B CA  1 
ATOM 408 C C   . ASN B 1 20 ? 9.231   -17.153 -1.517  1.00 14.72 ? 28 ASN B C   1 
ATOM 409 O O   . ASN B 1 20 ? 9.384   -16.558 -2.580  1.00 17.04 ? 28 ASN B O   1 
ATOM 410 C CB  . ASN B 1 20 ? 11.129  -18.910 -1.886  1.00 14.08 ? 28 ASN B CB  1 
ATOM 411 C CG  . ASN B 1 20 ? 12.587  -18.583 -1.875  1.00 16.76 ? 28 ASN B CG  1 
ATOM 412 O OD1 . ASN B 1 20 ? 13.008  -17.373 -2.071  1.00 19.48 ? 28 ASN B OD1 1 
ATOM 413 N ND2 . ASN B 1 20 ? 13.392  -19.568 -1.510  1.00 19.50 ? 28 ASN B ND2 1 
ATOM 414 N N   . THR B 1 21 ? 8.056   -17.111 -0.883  1.00 16.01 ? 29 THR B N   1 
ATOM 415 C CA  . THR B 1 21 ? 7.065   -16.143 -1.407  1.00 16.64 ? 29 THR B CA  1 
ATOM 416 C C   . THR B 1 21 ? 7.603   -14.676 -1.420  1.00 15.61 ? 29 THR B C   1 
ATOM 417 O O   . THR B 1 21 ? 8.587   -14.429 -0.848  1.00 17.54 ? 29 THR B O   1 
ATOM 418 C CB  . THR B 1 21 ? 5.742   -16.124 -0.630  1.00 16.70 ? 29 THR B CB  1 
ATOM 419 O OG1 . THR B 1 21 ? 4.840   -15.239 -1.221  1.00 18.49 ? 29 THR B OG1 1 
ATOM 420 C CG2 . THR B 1 21 ? 5.853   -15.757 0.843   1.00 14.32 ? 29 THR B CG2 1 
ATOM 421 N N   . ARG B 1 22 ? 6.874   -13.817 -2.098  1.00 19.73 ? 30 ARG B N   1 
ATOM 422 C CA  . ARG B 1 22 ? 7.150   -12.463 -2.305  1.00 17.87 ? 30 ARG B CA  1 
ATOM 423 C C   . ARG B 1 22 ? 5.753   -11.743 -2.053  1.00 19.37 ? 30 ARG B C   1 
ATOM 424 O O   . ARG B 1 22 ? 4.756   -12.292 -2.134  1.00 18.51 ? 30 ARG B O   1 
ATOM 425 C CB  . ARG B 1 22 ? 7.727   -12.226 -3.775  1.00 15.29 ? 30 ARG B CB  1 
ATOM 426 C CG  . ARG B 1 22 ? 9.095   -12.847 -3.987  1.00 17.25 ? 30 ARG B CG  1 
ATOM 427 C CD  . ARG B 1 22 ? 9.451   -13.050 -5.524  1.00 15.96 ? 30 ARG B CD  1 
ATOM 428 N NE  . ARG B 1 22 ? 9.826   -11.844 -6.224  1.00 18.97 ? 30 ARG B NE  1 
ATOM 429 C CZ  . ARG B 1 22 ? 10.990  -11.247 -6.333  1.00 16.73 ? 30 ARG B CZ  1 
ATOM 430 N NH1 . ARG B 1 22 ? 12.106  -11.734 -5.872  1.00 18.35 ? 30 ARG B NH1 1 
ATOM 431 N NH2 . ARG B 1 22 ? 11.027  -10.165 -7.086  1.00 18.91 ? 30 ARG B NH2 1 
ATOM 432 N N   . TRP B 1 23 ? 5.750   -10.449 -1.917  1.00 17.72 ? 31 TRP B N   1 
ATOM 433 C CA  . TRP B 1 23 ? 4.548   -9.738  -1.751  1.00 18.41 ? 31 TRP B CA  1 
ATOM 434 C C   . TRP B 1 23 ? 3.580   -9.632  -3.029  1.00 16.81 ? 31 TRP B C   1 
ATOM 435 O O   . TRP B 1 23 ? 4.006   -9.362  -4.166  1.00 17.02 ? 31 TRP B O   1 
ATOM 436 C CB  . TRP B 1 23 ? 4.822   -8.385  -1.110  1.00 15.81 ? 31 TRP B CB  1 
ATOM 437 C CG  . TRP B 1 23 ? 3.584   -7.614  -0.811  1.00 17.19 ? 31 TRP B CG  1 
ATOM 438 C CD1 . TRP B 1 23 ? 3.273   -6.376  -1.247  1.00 16.41 ? 31 TRP B CD1 1 
ATOM 439 C CD2 . TRP B 1 23 ? 2.430   -8.061  -0.047  1.00 19.85 ? 31 TRP B CD2 1 
ATOM 440 N NE1 . TRP B 1 23 ? 2.032   -5.929  -0.699  1.00 17.42 ? 31 TRP B NE1 1 
ATOM 441 C CE2 . TRP B 1 23 ? 1.480   -6.966  0.009   1.00 16.39 ? 31 TRP B CE2 1 
ATOM 442 C CE3 . TRP B 1 23 ? 2.152   -9.207  0.691   1.00 15.23 ? 31 TRP B CE3 1 
ATOM 443 C CZ2 . TRP B 1 23 ? 0.274   -7.105  0.615   1.00 15.18 ? 31 TRP B CZ2 1 
ATOM 444 C CZ3 . TRP B 1 23 ? 0.992   -9.314  1.327   1.00 17.05 ? 31 TRP B CZ3 1 
ATOM 445 C CH2 . TRP B 1 23 ? 0.112   -8.210  1.404   1.00 15.98 ? 31 TRP B CH2 1 
ATOM 446 N N   . ASN B 1 24 ? 2.347   -9.811  -2.798  1.00 16.34 ? 32 ASN B N   1 
ATOM 447 C CA  . ASN B 1 24 ? 1.338   -9.480  -3.739  1.00 16.12 ? 32 ASN B CA  1 
ATOM 448 C C   . ASN B 1 24 ? 0.355   -8.394  -3.430  1.00 17.35 ? 32 ASN B C   1 
ATOM 449 O O   . ASN B 1 24 ? -0.658  -8.638  -2.777  1.00 19.36 ? 32 ASN B O   1 
ATOM 450 C CB  . ASN B 1 24 ? 0.589   -10.736 -4.214  1.00 16.83 ? 32 ASN B CB  1 
ATOM 451 C CG  . ASN B 1 24 ? 0.022   -10.527 -5.550  1.00 17.84 ? 32 ASN B CG  1 
ATOM 452 O OD1 . ASN B 1 24 ? -0.828  -9.658  -5.744  1.00 17.30 ? 32 ASN B OD1 1 
ATOM 453 N ND2 . ASN B 1 24 ? 0.478   -11.399 -6.553  1.00 21.00 ? 32 ASN B ND2 1 
ATOM 454 N N   . GLU B 1 25 ? 0.629   -7.214  -3.918  1.00 15.59 ? 33 GLU B N   1 
ATOM 455 C CA  . GLU B 1 25 ? -0.132  -5.989  -3.652  1.00 15.77 ? 33 GLU B CA  1 
ATOM 456 C C   . GLU B 1 25 ? -1.574  -6.015  -4.205  1.00 17.29 ? 33 GLU B C   1 
ATOM 457 O O   . GLU B 1 25 ? -2.525  -5.814  -3.532  1.00 17.07 ? 33 GLU B O   1 
ATOM 458 C CB  . GLU B 1 25 ? 0.722   -4.846  -4.144  1.00 18.56 ? 33 GLU B CB  1 
ATOM 459 C CG  . GLU B 1 25 ? 2.228   -5.020  -3.881  1.00 17.34 ? 33 GLU B CG  1 
ATOM 460 C CD  . GLU B 1 25 ? 3.129   -5.668  -4.869  1.00 18.05 ? 33 GLU B CD  1 
ATOM 461 O OE1 . GLU B 1 25 ? 2.653   -6.370  -5.746  1.00 17.72 ? 33 GLU B OE1 1 
ATOM 462 O OE2 . GLU B 1 25 ? 4.366   -5.539  -4.788  1.00 18.43 ? 33 GLU B OE2 1 
ATOM 463 N N   . LYS B 1 26 ? -1.745  -6.547  -5.440  1.00 18.78 ? 34 LYS B N   1 
ATOM 464 C CA  . LYS B 1 26 ? -3.011  -6.744  -6.032  1.00 16.85 ? 34 LYS B CA  1 
ATOM 465 C C   . LYS B 1 26 ? -3.886  -7.636  -5.129  1.00 18.71 ? 34 LYS B C   1 
ATOM 466 O O   . LYS B 1 26 ? -5.009  -7.273  -4.760  1.00 20.09 ? 34 LYS B O   1 
ATOM 467 C CB  . LYS B 1 26 ? -2.769  -7.555  -7.353  1.00 16.03 ? 34 LYS B CB  1 
ATOM 468 C CG  . LYS B 1 26 ? -1.509  -7.100  -8.108  1.00 16.91 ? 34 LYS B CG  1 
ATOM 469 C CD  . LYS B 1 26 ? -1.264  -7.909  -9.399  1.00 18.43 ? 34 LYS B CD  1 
ATOM 470 C CE  . LYS B 1 26 ? -1.087  -9.354  -9.161  1.00 16.68 ? 34 LYS B CE  1 
ATOM 471 N NZ  . LYS B 1 26 ? -0.440  -10.069 -10.395 1.00 18.55 ? 34 LYS B NZ  1 
ATOM 472 N N   . GLU B 1 27 ? -3.342  -8.779  -4.706  1.00 17.93 ? 35 GLU B N   1 
ATOM 473 C CA  . GLU B 1 27 ? -4.046  -9.782  -3.864  1.00 18.42 ? 35 GLU B CA  1 
ATOM 474 C C   . GLU B 1 27 ? -4.007  -9.501  -2.296  1.00 17.31 ? 35 GLU B C   1 
ATOM 475 O O   . GLU B 1 27 ? -4.750  -10.098 -1.584  1.00 19.13 ? 35 GLU B O   1 
ATOM 476 C CB  . GLU B 1 27 ? -3.646  -11.176 -4.289  1.00 18.65 ? 35 GLU B CB  1 
ATOM 477 C CG  . GLU B 1 27 ? -4.046  -11.489 -5.748  1.00 19.46 ? 35 GLU B CG  1 
ATOM 478 C CD  . GLU B 1 27 ? -2.972  -12.192 -6.599  1.00 16.03 ? 35 GLU B CD  1 
ATOM 479 O OE1 . GLU B 1 27 ? -1.796  -12.285 -6.258  1.00 17.71 ? 35 GLU B OE1 1 
ATOM 480 O OE2 . GLU B 1 27 ? -3.317  -12.681 -7.682  1.00 18.86 ? 35 GLU B OE2 1 
ATOM 481 N N   . LEU B 1 28 ? -3.161  -8.607  -1.795  1.00 19.28 ? 36 LEU B N   1 
ATOM 482 C CA  . LEU B 1 28 ? -2.851  -8.375  -0.418  1.00 16.41 ? 36 LEU B CA  1 
ATOM 483 C C   . LEU B 1 28 ? -2.391  -9.656  0.364   1.00 19.41 ? 36 LEU B C   1 
ATOM 484 O O   . LEU B 1 28 ? -2.756  -9.838  1.579   1.00 19.33 ? 36 LEU B O   1 
ATOM 485 C CB  . LEU B 1 28 ? -4.014  -7.786  0.211   1.00 15.33 ? 36 LEU B CB  1 
ATOM 486 C CG  . LEU B 1 28 ? -4.483  -6.378  0.188   1.00 17.58 ? 36 LEU B CG  1 
ATOM 487 C CD1 . LEU B 1 28 ? -5.364  -6.075  -1.013  1.00 15.61 ? 36 LEU B CD1 1 
ATOM 488 C CD2 . LEU B 1 28 ? -5.311  -6.315  1.567   1.00 13.02 ? 36 LEU B CD2 1 
ATOM 489 N N   . THR B 1 29 ? -1.653  -10.588 -0.280  1.00 17.48 ? 37 THR B N   1 
ATOM 490 C CA  . THR B 1 29 ? -0.942  -11.687 0.364   1.00 16.48 ? 37 THR B CA  1 
ATOM 491 C C   . THR B 1 29 ? 0.370   -12.071 -0.320  1.00 18.04 ? 37 THR B C   1 
ATOM 492 O O   . THR B 1 29 ? 0.606   -11.844 -1.538  1.00 17.77 ? 37 THR B O   1 
ATOM 493 C CB  . THR B 1 29 ? -1.936  -12.913 0.557   1.00 14.55 ? 37 THR B CB  1 
ATOM 494 O OG1 . THR B 1 29 ? -2.640  -12.774 1.795   1.00 17.27 ? 37 THR B OG1 1 
ATOM 495 C CG2 . THR B 1 29 ? -1.265  -14.211 0.496   1.00 18.03 ? 37 THR B CG2 1 
ATOM 496 N N   . CYS B 1 30 ? 1.334   -12.623 0.449   1.00 15.71 ? 38 CYS B N   1 
ATOM 497 C CA  . CYS B 1 30 ? 2.620   -12.978 -0.127  1.00 14.98 ? 38 CYS B CA  1 
ATOM 498 C C   . CYS B 1 30 ? 2.285   -14.109 -1.015  1.00 14.26 ? 38 CYS B C   1 
ATOM 499 O O   . CYS B 1 30 ? 1.683   -14.894 -0.576  1.00 15.78 ? 38 CYS B O   1 
ATOM 500 C CB  . CYS B 1 30 ? 3.530   -13.578 0.898   1.00 16.28 ? 38 CYS B CB  1 
ATOM 501 S SG  . CYS B 1 30 ? 3.703   -12.487 2.255   1.00 17.67 ? 38 CYS B SG  1 
ATOM 502 N N   . THR B 1 31 ? 2.791   -14.071 -2.216  1.00 17.84 ? 39 THR B N   1 
ATOM 503 C CA  . THR B 1 31 ? 2.359   -15.073 -3.296  1.00 16.16 ? 39 THR B CA  1 
ATOM 504 C C   . THR B 1 31 ? 3.520   -15.701 -3.979  1.00 19.26 ? 39 THR B C   1 
ATOM 505 O O   . THR B 1 31 ? 3.742   -16.962 -3.876  1.00 17.12 ? 39 THR B O   1 
ATOM 506 C CB  . THR B 1 31 ? 1.498   -14.251 -4.263  1.00 19.45 ? 39 THR B CB  1 
ATOM 507 O OG1 . THR B 1 31 ? 0.442   -13.606 -3.569  1.00 18.81 ? 39 THR B OG1 1 
ATOM 508 C CG2 . THR B 1 31 ? 0.960   -14.972 -5.454  1.00 17.63 ? 39 THR B CG2 1 
# 
loop_
_atom_site_anisotrop.id 
_atom_site_anisotrop.type_symbol 
_atom_site_anisotrop.pdbx_label_atom_id 
_atom_site_anisotrop.pdbx_label_alt_id 
_atom_site_anisotrop.pdbx_label_comp_id 
_atom_site_anisotrop.pdbx_label_asym_id 
_atom_site_anisotrop.pdbx_label_seq_id 
_atom_site_anisotrop.pdbx_PDB_ins_code 
_atom_site_anisotrop.U[1][1] 
_atom_site_anisotrop.U[2][2] 
_atom_site_anisotrop.U[3][3] 
_atom_site_anisotrop.U[1][2] 
_atom_site_anisotrop.U[1][3] 
_atom_site_anisotrop.U[2][3] 
_atom_site_anisotrop.pdbx_auth_seq_id 
_atom_site_anisotrop.pdbx_auth_comp_id 
_atom_site_anisotrop.pdbx_auth_asym_id 
_atom_site_anisotrop.pdbx_auth_atom_id 
1   N N   . PRO A 1  ? 0.2048 0.2375 0.2226 -0.0183 -0.0100 -0.0360 9  PRO A N   
2   C CA  . PRO A 1  ? 0.2294 0.1926 0.1946 -0.0020 -0.0120 -0.0548 9  PRO A CA  
3   C C   . PRO A 1  ? 0.1937 0.1803 0.2003 -0.0049 0.0312  -0.0414 9  PRO A C   
4   O O   . PRO A 1  ? 0.2201 0.2107 0.1607 -0.0175 -0.0012 -0.0594 9  PRO A O   
5   C CB  . PRO A 1  ? 0.2237 0.1991 0.1752 -0.0314 -0.0024 -0.0432 9  PRO A CB  
6   C CG  . PRO A 1  ? 0.2442 0.2250 0.2729 -0.0297 0.0074  -0.0263 9  PRO A CG  
7   C CD  . PRO A 1  ? 0.2138 0.2117 0.2178 -0.0161 0.0148  -0.0360 9  PRO A CD  
8   N N   . CYS A 2  ? 0.1969 0.1848 0.1714 -0.0375 -0.0217 -0.0578 10 CYS A N   
9   C CA  . CYS A 2  ? 0.2177 0.1755 0.2192 -0.0079 0.0432  -0.0320 10 CYS A CA  
10  C C   . CYS A 2  ? 0.1868 0.1608 0.1937 -0.0375 0.0308  -0.0370 10 CYS A C   
11  O O   . CYS A 2  ? 0.2300 0.1967 0.2159 -0.0074 0.0051  -0.0342 10 CYS A O   
12  C CB  . CYS A 2  ? 0.1973 0.1677 0.1466 -0.0184 0.0094  -0.0322 10 CYS A CB  
13  S SG  . CYS A 2  ? 0.2550 0.2012 0.2088 -0.0208 0.0155  -0.0384 10 CYS A SG  
14  N N   . LYS A 3  ? 0.2026 0.1805 0.1965 -0.0394 0.0008  -0.0499 11 LYS A N   
15  C CA  . LYS A 3  ? 0.1914 0.1845 0.1964 -0.0190 -0.0044 -0.0639 11 LYS A CA  
16  C C   . LYS A 3  ? 0.2204 0.1243 0.1920 -0.0408 -0.0006 -0.0609 11 LYS A C   
17  O O   . LYS A 3  ? 0.2275 0.1954 0.1479 -0.0198 0.0181  -0.0481 11 LYS A O   
18  C CB  . LYS A 3  ? 0.1897 0.1464 0.1752 -0.0170 -0.0017 -0.0729 11 LYS A CB  
19  C CG  . LYS A 3  ? 0.2361 0.1891 0.1579 -0.0393 0.0095  -0.0344 11 LYS A CG  
20  C CD  . LYS A 3  ? 0.2400 0.1916 0.1931 0.0117  0.0280  -0.0384 11 LYS A CD  
21  C CE  . LYS A 3  ? 0.2191 0.1580 0.1967 -0.0478 0.0045  -0.0135 11 LYS A CE  
22  N NZ  . LYS A 3  ? 0.2074 0.1749 0.2041 -0.0529 0.0010  -0.0484 11 LYS A NZ  
23  N N   . PHE A 4  ? 0.1751 0.2123 0.2235 -0.0339 -0.0234 -0.0433 12 PHE A N   
24  C CA  . PHE A 4  ? 0.1873 0.1807 0.2014 -0.0173 -0.0055 -0.0675 12 PHE A CA  
25  C C   . PHE A 4  ? 0.2216 0.1801 0.1814 -0.0269 0.0375  -0.0298 12 PHE A C   
26  O O   . PHE A 4  ? 0.2095 0.1809 0.1625 -0.0465 -0.0078 -0.0671 12 PHE A O   
27  C CB  . PHE A 4  ? 0.1978 0.1710 0.2050 -0.0470 -0.0149 -0.0589 12 PHE A CB  
28  C CG  . PHE A 4  ? 0.1931 0.1728 0.1629 -0.0336 0.0070  -0.0785 12 PHE A CG  
29  C CD1 . PHE A 4  ? 0.2376 0.2118 0.1660 -0.0322 0.0167  -0.0377 12 PHE A CD1 
30  C CD2 . PHE A 4  ? 0.2394 0.2111 0.2407 -0.0112 -0.0122 -0.0102 12 PHE A CD2 
31  C CE1 . PHE A 4  ? 0.2577 0.1764 0.1685 -0.0017 -0.0084 -0.0537 12 PHE A CE1 
32  C CE2 . PHE A 4  ? 0.2300 0.1828 0.1671 -0.0290 0.0001  -0.0410 12 PHE A CE2 
33  C CZ  . PHE A 4  ? 0.2215 0.1890 0.2035 -0.0047 0.0224  -0.0303 12 PHE A CZ  
34  N N   . TYR A 5  ? 0.2322 0.1593 0.2080 -0.0433 -0.0014 -0.0506 13 TYR A N   
35  C CA  . TYR A 5  ? 0.2186 0.1923 0.1780 -0.0055 0.0391  -0.0580 13 TYR A CA  
36  C C   . TYR A 5  ? 0.2179 0.2128 0.1725 -0.0214 0.0010  -0.0366 13 TYR A C   
37  O O   . TYR A 5  ? 0.1957 0.1496 0.2264 -0.0234 0.0144  -0.0712 13 TYR A O   
38  C CB  . TYR A 5  ? 0.2433 0.2342 0.1680 -0.0318 -0.0192 -0.0235 13 TYR A CB  
39  C CG  . TYR A 5  ? 0.2085 0.1908 0.2507 -0.0482 -0.0075 -0.0351 13 TYR A CG  
40  C CD1 . TYR A 5  ? 0.2371 0.1473 0.1657 -0.0309 0.0245  -0.0585 13 TYR A CD1 
41  C CD2 . TYR A 5  ? 0.2365 0.2232 0.2179 -0.0018 -0.0199 -0.0429 13 TYR A CD2 
42  C CE1 . TYR A 5  ? 0.2123 0.1468 0.2111 -0.0503 0.0075  -0.0625 13 TYR A CE1 
43  C CE2 . TYR A 5  ? 0.2215 0.1911 0.1743 -0.0236 0.0227  -0.0553 13 TYR A CE2 
44  C CZ  . TYR A 5  ? 0.2068 0.1884 0.1827 -0.0301 0.0021  -0.0267 13 TYR A CZ  
45  O OH  . TYR A 5  ? 0.2188 0.1637 0.1958 -0.0404 -0.0004 -0.0699 13 TYR A OH  
46  N N   . ILE A 6  ? 0.2197 0.1954 0.2116 -0.0524 -0.0258 -0.0286 14 ILE A N   
47  C CA  . ILE A 6  ? 0.2078 0.1961 0.1804 -0.0316 -0.0059 -0.0611 14 ILE A CA  
48  C C   . ILE A 6  ? 0.2129 0.1707 0.2548 -0.0232 0.0282  -0.0706 14 ILE A C   
49  O O   . ILE A 6  ? 0.2587 0.2060 0.1924 -0.0177 -0.0007 -0.0614 14 ILE A O   
50  C CB  . ILE A 6  ? 0.2399 0.2058 0.2298 0.0112  0.0305  -0.0443 14 ILE A CB  
51  C CG1 . ILE A 6  ? 0.2115 0.2465 0.1536 0.0025  -0.0052 -0.0663 14 ILE A CG1 
52  C CG2 . ILE A 6  ? 0.2384 0.2252 0.2427 0.0273  0.0438  -0.0354 14 ILE A CG2 
53  C CD1 . ILE A 6  ? 0.2744 0.1624 0.2358 -0.0534 -0.0212 -0.0164 14 ILE A CD1 
54  N N   . CYS A 7  ? 0.2212 0.1144 0.2175 0.0014  0.0405  -0.0753 15 CYS A N   
55  C CA  . CYS A 7  ? 0.2395 0.2199 0.2065 -0.0172 0.0458  -0.0234 15 CYS A CA  
56  C C   . CYS A 7  ? 0.2362 0.2241 0.2075 -0.0190 -0.0062 -0.0461 15 CYS A C   
57  O O   . CYS A 7  ? 0.2590 0.2447 0.2391 -0.0205 -0.0037 -0.0306 15 CYS A O   
58  C CB  . CYS A 7  ? 0.2362 0.2137 0.2070 -0.0603 0.0032  -0.0295 15 CYS A CB  
59  S SG  . CYS A 7  ? 0.2388 0.1852 0.2017 -0.0300 -0.0004 -0.0655 15 CYS A SG  
60  N N   . SER A 8  ? 0.2697 0.1640 0.1867 -0.0304 0.0042  -0.0343 16 SER A N   
61  C CA  . SER A 8  ? 0.2421 0.2563 0.2288 0.0227  0.0035  -0.0517 16 SER A CA  
62  C C   . SER A 8  ? 0.2332 0.2386 0.2236 -0.0258 0.0134  -0.0634 16 SER A C   
63  O O   . SER A 8  ? 0.2478 0.2450 0.1835 -0.0283 -0.0019 -0.0443 16 SER A O   
64  C CB  . SER A 8  ? 0.2253 0.2078 0.2430 -0.0223 0.0108  -0.0313 16 SER A CB  
65  O OG  . SER A 8  ? 0.2137 0.1962 0.2213 -0.0150 -0.0159 -0.0820 16 SER A OG  
66  N N   . ASN A 9  ? 0.2612 0.2044 0.2447 -0.0235 0.0389  -0.0519 17 ASN A N   
67  C CA  . ASN A 9  ? 0.2611 0.1904 0.2052 -0.0335 -0.0157 -0.0506 17 ASN A CA  
68  C C   . ASN A 9  ? 0.2869 0.1704 0.2665 -0.0447 -0.0277 -0.0435 17 ASN A C   
69  O O   . ASN A 9  ? 0.2656 0.2392 0.2169 -0.0371 -0.0113 -0.0751 17 ASN A O   
70  C CB  . ASN A 9  ? 0.2349 0.1785 0.2324 0.0080  0.0575  -0.0357 17 ASN A CB  
71  C CG  . ASN A 9  ? 0.2384 0.2069 0.1845 -0.0065 0.0347  -0.0632 17 ASN A CG  
72  O OD1 . ASN A 9  ? 0.2486 0.2037 0.2355 -0.0097 -0.0044 -0.0600 17 ASN A OD1 
73  N ND2 . ASN A 9  ? 0.2955 0.2137 0.2275 -0.0062 0.0165  -0.0335 17 ASN A ND2 
74  N N   . TRP A 10 ? 0.2688 0.2007 0.2284 0.0027  -0.0125 -0.0586 18 TRP A N   
75  C CA  . TRP A 10 ? 0.2390 0.1969 0.2243 -0.0305 0.0064  -0.0448 18 TRP A CA  
76  C C   . TRP A 10 ? 0.2160 0.1954 0.2254 -0.0075 0.0317  -0.0324 18 TRP A C   
77  O O   . TRP A 10 ? 0.2397 0.1692 0.1837 -0.0396 -0.0031 -0.0884 18 TRP A O   
78  C CB  . TRP A 10 ? 0.2233 0.2394 0.2130 -0.0094 0.0106  -0.0598 18 TRP A CB  
79  C CG  . TRP A 10 ? 0.2668 0.1923 0.2632 -0.0431 0.0471  -0.0153 18 TRP A CG  
80  C CD1 . TRP A 10 ? 0.2300 0.2121 0.1853 -0.0228 0.0295  -0.0716 18 TRP A CD1 
81  C CD2 . TRP A 10 ? 0.2288 0.2017 0.2779 -0.0278 0.0247  -0.0526 18 TRP A CD2 
82  N NE1 . TRP A 10 ? 0.2382 0.2031 0.1860 -0.0569 -0.0040 -0.0674 18 TRP A NE1 
83  C CE2 . TRP A 10 ? 0.2697 0.2149 0.2194 -0.0149 0.0625  -0.0365 18 TRP A CE2 
84  C CE3 . TRP A 10 ? 0.2683 0.2087 0.2116 -0.0110 0.0742  -0.0612 18 TRP A CE3 
85  C CZ2 . TRP A 10 ? 0.2155 0.1828 0.2173 -0.0407 0.0243  -0.0874 18 TRP A CZ2 
86  C CZ3 . TRP A 10 ? 0.2429 0.1900 0.2415 -0.0314 0.0229  -0.0680 18 TRP A CZ3 
87  C CH2 . TRP A 10 ? 0.2121 0.2174 0.2358 -0.0071 0.0138  -0.0410 18 TRP A CH2 
88  N N   . GLU A 11 ? 0.2505 0.2381 0.1906 -0.0106 -0.0082 -0.0438 19 GLU A N   
89  C CA  . GLU A 11 ? 0.2479 0.1946 0.1749 -0.0174 0.0276  -0.0348 19 GLU A CA  
90  C C   . GLU A 11 ? 0.2621 0.1519 0.1713 -0.0155 -0.0093 -0.0435 19 GLU A C   
91  O O   . GLU A 11 ? 0.2416 0.1825 0.2534 -0.0630 -0.0065 -0.0489 19 GLU A O   
92  C CB  . GLU A 11 ? 0.3207 0.2597 0.2059 -0.0326 0.0289  -0.0269 19 GLU A CB  
93  C CG  . GLU A 11 ? 0.2834 0.2442 0.1628 -0.0214 0.0378  -0.0232 19 GLU A CG  
94  C CD  . GLU A 11 ? 0.2265 0.2563 0.2056 -0.0383 0.0313  -0.0634 19 GLU A CD  
95  O OE1 . GLU A 11 ? 0.2937 0.2177 0.1966 -0.0179 0.0181  -0.0614 19 GLU A OE1 
96  O OE2 . GLU A 11 ? 0.2922 0.2166 0.2283 -0.0317 0.0309  -0.0768 19 GLU A OE2 
97  N N   . ALA A 12 ? 0.2474 0.2274 0.2133 -0.0028 0.0249  -0.0843 20 ALA A N   
98  C CA  . ALA A 12 ? 0.2066 0.1561 0.1870 -0.0337 0.0073  -0.0715 20 ALA A CA  
99  C C   . ALA A 12 ? 0.2096 0.2157 0.1880 -0.0005 0.0147  -0.0538 20 ALA A C   
100 O O   . ALA A 12 ? 0.2511 0.1932 0.1658 -0.0467 0.0119  -0.0698 20 ALA A O   
101 C CB  . ALA A 12 ? 0.1757 0.1611 0.2088 -0.0802 0.0133  -0.0384 20 ALA A CB  
102 N N   . ILE A 13 ? 0.2859 0.1727 0.1740 -0.0341 0.0011  -0.0499 21 ILE A N   
103 C CA  . ILE A 13 ? 0.2243 0.1883 0.1680 -0.0176 0.0152  -0.0619 21 ILE A CA  
104 C C   . ILE A 13 ? 0.2500 0.1661 0.2205 -0.0314 0.0264  -0.0246 21 ILE A C   
105 O O   . ILE A 13 ? 0.2608 0.2152 0.1971 -0.0315 0.0063  -0.0663 21 ILE A O   
106 C CB  . ILE A 13 ? 0.2073 0.1398 0.2320 -0.0422 0.0029  -0.0790 21 ILE A CB  
107 C CG1 . ILE A 13 ? 0.2450 0.2104 0.1181 -0.0072 0.0325  -0.0703 21 ILE A CG1 
108 C CG2 . ILE A 13 ? 0.2675 0.1470 0.1167 -0.0805 -0.0252 -0.0896 21 ILE A CG2 
109 C CD1 . ILE A 13 ? 0.2106 0.1636 0.1764 -0.0459 0.0206  -0.0456 21 ILE A CD1 
110 N N   . HIS A 14 ? 0.2319 0.1947 0.2146 0.0201  0.0408  -0.0648 22 HIS A N   
111 C CA  . HIS A 14 ? 0.2603 0.1980 0.2154 0.0174  0.0098  -0.0502 22 HIS A CA  
112 C C   . HIS A 14 ? 0.2510 0.1762 0.1923 -0.0244 0.0388  -0.0342 22 HIS A C   
113 O O   . HIS A 14 ? 0.2532 0.1549 0.1711 -0.0422 0.0034  -0.0648 22 HIS A O   
114 C CB  . HIS A 14 ? 0.2407 0.2148 0.2089 -0.0373 0.0082  -0.0430 22 HIS A CB  
115 C CG  . HIS A 14 ? 0.2583 0.2185 0.1640 -0.0150 0.0367  -0.0705 22 HIS A CG  
116 N ND1 . HIS A 14 ? 0.2640 0.2108 0.2218 -0.0687 0.0021  -0.0185 22 HIS A ND1 
117 C CD2 . HIS A 14 ? 0.1981 0.1670 0.2309 -0.0703 -0.0421 -0.0455 22 HIS A CD2 
118 C CE1 . HIS A 14 ? 0.2960 0.2038 0.2382 -0.0422 -0.0064 -0.0482 22 HIS A CE1 
119 N NE2 . HIS A 14 ? 0.2272 0.1937 0.1532 -0.0277 0.0078  -0.0438 22 HIS A NE2 
120 N N   . LYS A 15 ? 0.2474 0.2028 0.1752 -0.0397 0.0031  -0.0748 23 LYS A N   
121 C CA  . LYS A 15 ? 0.2215 0.2558 0.1998 0.0047  0.0028  -0.0407 23 LYS A CA  
122 C C   . LYS A 15 ? 0.2432 0.1861 0.1581 -0.0372 -0.0105 -0.0372 23 LYS A C   
123 O O   . LYS A 15 ? 0.2439 0.1866 0.1905 -0.0354 0.0066  -0.0375 23 LYS A O   
124 C CB  . LYS A 15 ? 0.2457 0.2157 0.2023 0.0059  -0.0088 -0.0707 23 LYS A CB  
125 C CG  . LYS A 15 ? 0.2321 0.1918 0.2090 0.0109  0.0106  -0.0341 23 LYS A CG  
126 C CD  . LYS A 15 ? 0.2164 0.1784 0.1966 -0.0245 0.0166  -0.0556 23 LYS A CD  
127 C CE  . LYS A 15 ? 0.2845 0.2260 0.1387 0.0129  0.0027  -0.0584 23 LYS A CE  
128 N NZ  . LYS A 15 ? 0.2807 0.1674 0.2315 -0.0435 0.0189  -0.0568 23 LYS A NZ  
129 N N   . SER A 16 ? 0.2476 0.2137 0.2376 -0.0062 0.0402  -0.0418 24 SER A N   
130 C CA  . SER A 16 ? 0.2033 0.1741 0.2393 -0.0403 0.0049  -0.0435 24 SER A CA  
131 C C   . SER A 16 ? 0.2105 0.1888 0.1463 0.0078  0.0427  -0.0359 24 SER A C   
132 O O   . SER A 16 ? 0.2105 0.2016 0.2018 -0.0035 0.0320  -0.0461 24 SER A O   
133 C CB  . SER A 16 ? 0.2244 0.2163 0.2298 -0.0276 0.0285  -0.0453 24 SER A CB  
134 O OG  . SER A 16 ? 0.2222 0.1887 0.1740 -0.0268 0.0111  -0.0397 24 SER A OG  
135 N N   . CYS A 17 ? 0.2109 0.1611 0.2150 -0.0307 0.0088  -0.0237 25 CYS A N   
136 C CA  . CYS A 17 ? 0.2291 0.1895 0.1926 -0.0002 0.0278  -0.0359 25 CYS A CA  
137 C C   . CYS A 17 ? 0.1955 0.1680 0.1796 -0.0254 0.0071  -0.0426 25 CYS A C   
138 O O   . CYS A 17 ? 0.2125 0.1885 0.1660 -0.0088 0.0432  -0.0780 25 CYS A O   
139 C CB  . CYS A 17 ? 0.2018 0.1924 0.2300 -0.0151 0.0268  -0.0373 25 CYS A CB  
140 S SG  . CYS A 17 ? 0.2246 0.2020 0.2197 -0.0272 0.0190  -0.0368 25 CYS A SG  
141 N N   . PRO A 18 ? 0.2360 0.1867 0.1900 -0.0296 0.0267  -0.0235 26 PRO A N   
142 C CA  . PRO A 18 ? 0.2417 0.1418 0.1685 -0.0246 0.0178  -0.0403 26 PRO A CA  
143 C C   . PRO A 18 ? 0.2154 0.1769 0.2611 -0.0175 0.0276  -0.0359 26 PRO A C   
144 O O   . PRO A 18 ? 0.2504 0.1692 0.1855 -0.0173 0.0417  -0.0658 26 PRO A O   
145 C CB  . PRO A 18 ? 0.2317 0.1604 0.1797 0.0036  0.0418  -0.0968 26 PRO A CB  
146 C CG  . PRO A 18 ? 0.2504 0.1827 0.1908 -0.0015 0.0077  -0.0601 26 PRO A CG  
147 C CD  . PRO A 18 ? 0.2353 0.2117 0.1664 -0.0163 0.0316  -0.0214 26 PRO A CD  
148 N N   . GLY A 19 ? 0.2249 0.1530 0.2181 -0.0150 0.0359  -0.0310 27 GLY A N   
149 C CA  . GLY A 19 ? 0.2216 0.1987 0.2325 -0.0122 -0.0090 -0.0728 27 GLY A CA  
150 C C   . GLY A 19 ? 0.1846 0.1474 0.1859 -0.0279 0.0262  -0.0395 27 GLY A C   
151 O O   . GLY A 19 ? 0.2336 0.2286 0.2129 -0.0082 0.0190  -0.0336 27 GLY A O   
152 N N   . ASN A 20 ? 0.2344 0.1795 0.1300 -0.0029 0.0188  -0.0476 28 ASN A N   
153 C CA  . ASN A 20 ? 0.2563 0.2173 0.2800 0.0058  0.0541  -0.0379 28 ASN A CA  
154 C C   . ASN A 20 ? 0.2555 0.1644 0.1911 0.0016  0.0501  -0.0402 28 ASN A C   
155 O O   . ASN A 20 ? 0.2468 0.2058 0.2043 0.0021  0.0583  -0.0335 28 ASN A O   
156 C CB  . ASN A 20 ? 0.2515 0.1483 0.2216 -0.0453 -0.0067 -0.0744 28 ASN A CB  
157 C CG  . ASN A 20 ? 0.2527 0.1821 0.2036 -0.0099 0.0599  -0.0033 28 ASN A CG  
158 O OD1 . ASN A 20 ? 0.2564 0.2173 0.2116 -0.0039 0.0109  -0.0360 28 ASN A OD1 
159 N ND2 . ASN A 20 ? 0.2999 0.1959 0.2374 -0.0079 0.0714  -0.0647 28 ASN A ND2 
160 N N   . THR A 21 ? 0.2148 0.2391 0.1972 0.0169  0.0447  -0.0408 29 THR A N   
161 C CA  . THR A 21 ? 0.2514 0.2233 0.2076 -0.0381 0.0145  -0.0161 29 THR A CA  
162 C C   . THR A 21 ? 0.2132 0.1872 0.1912 -0.0192 0.0246  -0.0198 29 THR A C   
163 O O   . THR A 21 ? 0.2515 0.1644 0.1889 -0.0403 -0.0103 -0.0308 29 THR A O   
164 C CB  . THR A 21 ? 0.2178 0.1771 0.2071 -0.0309 -0.0051 -0.0138 29 THR A CB  
165 O OG1 . THR A 21 ? 0.2355 0.1978 0.1887 -0.0246 0.0122  -0.0320 29 THR A OG1 
166 C CG2 . THR A 21 ? 0.2356 0.1679 0.0976 -0.0040 0.0430  -0.0647 29 THR A CG2 
167 N N   . ARG A 22 ? 0.2420 0.1529 0.1681 -0.0176 0.0363  -0.0670 30 ARG A N   
168 C CA  . ARG A 22 ? 0.2319 0.2507 0.1958 0.0008  0.0340  -0.0025 30 ARG A CA  
169 C C   . ARG A 22 ? 0.2292 0.2137 0.1741 0.0266  0.0020  -0.0394 30 ARG A C   
170 O O   . ARG A 22 ? 0.2139 0.1425 0.2054 -0.0476 -0.0219 -0.0708 30 ARG A O   
171 C CB  . ARG A 22 ? 0.1942 0.1677 0.1604 -0.0547 0.0101  -0.0757 30 ARG A CB  
172 C CG  . ARG A 22 ? 0.2501 0.1678 0.1697 0.0026  0.0052  -0.0609 30 ARG A CG  
173 C CD  . ARG A 22 ? 0.2192 0.2148 0.2278 -0.0264 0.0359  -0.0289 30 ARG A CD  
174 N NE  . ARG A 22 ? 0.2741 0.2297 0.1957 0.0080  0.0183  -0.0232 30 ARG A NE  
175 C CZ  . ARG A 22 ? 0.2266 0.1986 0.1917 0.0174  0.0300  -0.0160 30 ARG A CZ  
176 N NH1 . ARG A 22 ? 0.1997 0.2187 0.2444 -0.0374 -0.0153 -0.0165 30 ARG A NH1 
177 N NH2 . ARG A 22 ? 0.2503 0.1632 0.2243 -0.0016 0.0337  -0.0630 30 ARG A NH2 
178 N N   . TRP A 23 ? 0.2447 0.1831 0.1781 -0.0211 0.0214  -0.0463 31 TRP A N   
179 C CA  . TRP A 23 ? 0.1948 0.1714 0.1843 -0.0301 -0.0244 -0.0659 31 TRP A CA  
180 C C   . TRP A 23 ? 0.2090 0.1656 0.1183 -0.0107 0.0401  -0.0457 31 TRP A C   
181 O O   . TRP A 23 ? 0.2320 0.1833 0.2018 -0.0308 0.0179  -0.0315 31 TRP A O   
182 C CB  . TRP A 23 ? 0.2348 0.1912 0.1202 -0.0057 0.0030  -0.0453 31 TRP A CB  
183 C CG  . TRP A 23 ? 0.1675 0.1618 0.1995 -0.0291 -0.0092 -0.0450 31 TRP A CG  
184 C CD1 . TRP A 23 ? 0.2249 0.1954 0.1884 -0.0211 0.0003  -0.0541 31 TRP A CD1 
185 C CD2 . TRP A 23 ? 0.2481 0.2193 0.2183 0.0014  0.0325  -0.0127 31 TRP A CD2 
186 N NE1 . TRP A 23 ? 0.2196 0.1939 0.1892 -0.0089 0.0238  -0.0545 31 TRP A NE1 
187 C CE2 . TRP A 23 ? 0.2036 0.1989 0.1654 0.0004  0.0134  -0.0530 31 TRP A CE2 
188 C CE3 . TRP A 23 ? 0.2250 0.1725 0.1315 0.0085  0.0148  -0.0764 31 TRP A CE3 
189 C CZ2 . TRP A 23 ? 0.2140 0.2323 0.1548 0.0186  0.0385  -0.0352 31 TRP A CZ2 
190 C CZ3 . TRP A 23 ? 0.2151 0.2514 0.1636 0.0041  0.0018  -0.0589 31 TRP A CZ3 
191 C CH2 . TRP A 23 ? 0.1955 0.2232 0.2028 -0.0118 0.0096  -0.0302 31 TRP A CH2 
192 N N   . ASN A 24 ? 0.2164 0.1298 0.1953 -0.0022 0.0265  -0.0460 32 ASN A N   
193 C CA  . ASN A 24 ? 0.2024 0.2109 0.1564 -0.0467 -0.0167 -0.0276 32 ASN A CA  
194 C C   . ASN A 24 ? 0.2166 0.1698 0.1401 -0.0273 -0.0362 -0.0633 32 ASN A C   
195 O O   . ASN A 24 ? 0.2141 0.1720 0.1486 -0.0311 0.0064  -0.0691 32 ASN A O   
196 C CB  . ASN A 24 ? 0.2343 0.2046 0.1674 0.0086  0.0103  -0.0803 32 ASN A CB  
197 C CG  . ASN A 24 ? 0.2388 0.1989 0.1739 -0.0241 0.0148  -0.0456 32 ASN A CG  
198 O OD1 . ASN A 24 ? 0.2493 0.2059 0.1668 -0.0076 0.0171  -0.0563 32 ASN A OD1 
199 N ND2 . ASN A 24 ? 0.2864 0.2158 0.1873 0.0151  0.0229  -0.0693 32 ASN A ND2 
200 N N   . GLU A 25 ? 0.2261 0.1777 0.1888 -0.0345 0.0248  -0.0381 33 GLU A N   
201 C CA  . GLU A 25 ? 0.2174 0.1695 0.2208 -0.0323 -0.0171 -0.0630 33 GLU A CA  
202 C C   . GLU A 25 ? 0.2083 0.1676 0.2301 -0.0289 0.0111  -0.0563 33 GLU A C   
203 O O   . GLU A 25 ? 0.2122 0.1890 0.1199 -0.0351 -0.0272 -0.0669 33 GLU A O   
204 C CB  . GLU A 25 ? 0.2192 0.1439 0.1669 -0.0083 0.0540  -0.0694 33 GLU A CB  
205 C CG  . GLU A 25 ? 0.2368 0.1677 0.1798 -0.0108 0.0267  -0.1005 33 GLU A CG  
206 C CD  . GLU A 25 ? 0.1964 0.2561 0.1762 0.0005  -0.0146 -0.0575 33 GLU A CD  
207 O OE1 . GLU A 25 ? 0.2531 0.1897 0.1937 -0.0073 0.0090  -0.0652 33 GLU A OE1 
208 O OE2 . GLU A 25 ? 0.2387 0.1969 0.2145 -0.0173 -0.0159 -0.0327 33 GLU A OE2 
209 N N   . LYS A 26 ? 0.2143 0.2148 0.2087 -0.0169 -0.0022 -0.0760 34 LYS A N   
210 C CA  . LYS A 26 ? 0.2080 0.2033 0.1991 -0.0436 0.0033  -0.0593 34 LYS A CA  
211 C C   . LYS A 26 ? 0.1761 0.2040 0.2207 -0.0258 0.0104  -0.0410 34 LYS A C   
212 O O   . LYS A 26 ? 0.2329 0.1690 0.2272 -0.0303 0.0082  -0.0884 34 LYS A O   
213 C CB  . LYS A 26 ? 0.1766 0.1775 0.1730 -0.0301 0.0286  -0.0574 34 LYS A CB  
214 C CG  . LYS A 26 ? 0.1751 0.2174 0.1586 -0.0229 0.0075  -0.0543 34 LYS A CG  
215 C CD  . LYS A 26 ? 0.2355 0.1518 0.2059 -0.0446 -0.0087 -0.0421 34 LYS A CD  
216 C CE  . LYS A 26 ? 0.2385 0.1718 0.1984 -0.0106 0.0262  -0.0383 34 LYS A CE  
217 N NZ  . LYS A 26 ? 0.2469 0.1902 0.2098 -0.0503 -0.0198 -0.0782 34 LYS A NZ  
218 N N   . GLU A 27 ? 0.2252 0.2234 0.2044 -0.0178 -0.0010 -0.0404 35 GLU A N   
219 C CA  . GLU A 27 ? 0.2466 0.1716 0.2044 0.0171  0.0330  -0.0725 35 GLU A CA  
220 C C   . GLU A 27 ? 0.2348 0.1710 0.2159 -0.0648 -0.0488 -0.0078 35 GLU A C   
221 O O   . GLU A 27 ? 0.2467 0.2025 0.2197 -0.0332 -0.0149 -0.0423 35 GLU A O   
222 C CB  . GLU A 27 ? 0.2647 0.2760 0.1743 -0.0395 -0.0245 -0.0824 35 GLU A CB  
223 C CG  . GLU A 27 ? 0.2833 0.1555 0.2090 -0.0227 0.0087  -0.0430 35 GLU A CG  
224 C CD  . GLU A 27 ? 0.2589 0.2902 0.1641 0.0187  -0.0204 -0.0697 35 GLU A CD  
225 O OE1 . GLU A 27 ? 0.2594 0.2313 0.1795 -0.0489 -0.0114 -0.0620 35 GLU A OE1 
226 O OE2 . GLU A 27 ? 0.2447 0.2400 0.1881 -0.0489 -0.0287 -0.0567 35 GLU A OE2 
227 N N   . LEU A 28 ? 0.2972 0.2262 0.2149 -0.0371 -0.0131 -0.0442 36 LEU A N   
228 C CA  . LEU A 28 ? 0.2392 0.1975 0.1784 -0.0322 0.0040  -0.0530 36 LEU A CA  
229 C C   . LEU A 28 ? 0.2346 0.2033 0.2195 -0.0010 0.0079  -0.0347 36 LEU A C   
230 O O   . LEU A 28 ? 0.2278 0.1723 0.2139 -0.0262 -0.0052 -0.0355 36 LEU A O   
231 C CB  . LEU A 28 ? 0.2070 0.2249 0.1680 -0.0161 -0.0187 -0.0184 36 LEU A CB  
232 C CG  . LEU A 28 ? 0.2064 0.1873 0.2118 -0.0089 0.0089  -0.0521 36 LEU A CG  
233 C CD1 . LEU A 28 ? 0.2450 0.2214 0.2268 -0.0400 0.0234  -0.0268 36 LEU A CD1 
234 C CD2 . LEU A 28 ? 0.2223 0.2141 0.1688 0.0280  0.0259  -0.0495 36 LEU A CD2 
235 N N   . THR A 29 ? 0.2124 0.2358 0.2556 -0.0391 0.0202  -0.0529 37 THR A N   
236 C CA  . THR A 29 ? 0.2674 0.1762 0.1721 -0.0484 0.0105  -0.0279 37 THR A CA  
237 C C   . THR A 29 ? 0.2445 0.1905 0.2242 -0.0409 0.0257  -0.0149 37 THR A C   
238 O O   . THR A 29 ? 0.2671 0.1618 0.1833 -0.0221 0.0039  -0.0533 37 THR A O   
239 C CB  . THR A 29 ? 0.2564 0.2132 0.2378 -0.0040 0.0085  -0.0159 37 THR A CB  
240 O OG1 . THR A 29 ? 0.2687 0.2226 0.2417 -0.0156 -0.0061 -0.0299 37 THR A OG1 
241 C CG2 . THR A 29 ? 0.2420 0.2105 0.2091 -0.0537 -0.0229 -0.0736 37 THR A CG2 
242 N N   . CYS A 30 ? 0.2061 0.1877 0.2063 0.0001  0.0260  -0.0501 38 CYS A N   
243 C CA  . CYS A 30 ? 0.2284 0.2438 0.1965 -0.0353 0.0069  -0.0421 38 CYS A CA  
244 C C   . CYS A 30 ? 0.2342 0.1381 0.1541 -0.0423 0.0085  -0.0475 38 CYS A C   
245 O O   . CYS A 30 ? 0.2217 0.1855 0.2118 -0.0065 0.0066  -0.0461 38 CYS A O   
246 C CB  . CYS A 30 ? 0.2240 0.2213 0.1776 -0.0456 -0.0105 -0.0154 38 CYS A CB  
247 S SG  . CYS A 30 ? 0.2706 0.2090 0.2307 -0.0176 0.0135  -0.0497 38 CYS A SG  
248 N N   . THR A 31 ? 0.2958 0.2353 0.2046 0.0451  0.0103  -0.0483 39 THR A N   
249 C CA  . THR A 31 ? 0.2341 0.2295 0.1927 -0.0329 -0.0199 -0.0648 39 THR A CA  
250 C C   . THR A 31 ? 0.2218 0.1848 0.1952 -0.0419 0.0178  -0.0241 39 THR A C   
251 O O   . THR A 31 ? 0.2635 0.1476 0.1884 -0.0525 0.0145  -0.0527 39 THR A O   
252 C CB  . THR A 31 ? 0.2481 0.1724 0.1692 -0.0310 0.0090  -0.0307 39 THR A CB  
253 O OG1 . THR A 31 ? 0.2526 0.1080 0.1941 -0.0479 0.0033  -0.0620 39 THR A OG1 
254 C CG2 . THR A 31 ? 0.2181 0.2725 0.1632 -0.0004 0.0216  -0.0652 39 THR A CG2 
255 N N   . PRO B 1  ? 0.2271 0.1639 0.2103 -0.0258 0.0556  -0.0621 9  PRO B N   
256 C CA  . PRO B 1  ? 0.2286 0.2416 0.1620 0.0108  0.0078  -0.0576 9  PRO B CA  
257 C C   . PRO B 1  ? 0.2135 0.2042 0.1905 -0.0177 0.0067  -0.0592 9  PRO B C   
258 O O   . PRO B 1  ? 0.2869 0.2486 0.1932 -0.0257 -0.0178 -0.0692 9  PRO B O   
259 C CB  . PRO B 1  ? 0.2226 0.2672 0.1967 -0.0237 0.0271  -0.0103 9  PRO B CB  
260 C CG  . PRO B 1  ? 0.2265 0.2548 0.2085 -0.0444 0.0119  -0.0486 9  PRO B CG  
261 C CD  . PRO B 1  ? 0.2259 0.2330 0.2224 -0.0441 -0.0469 -0.0341 9  PRO B CD  
262 N N   . CYS B 2  ? 0.2441 0.1907 0.1420 -0.0146 -0.0079 -0.0866 10 CYS B N   
263 C CA  . CYS B 2  ? 0.1994 0.1831 0.1555 -0.0401 0.0173  -0.0776 10 CYS B CA  
264 C C   . CYS B 2  ? 0.2373 0.1643 0.1554 -0.0214 0.0180  -0.0375 10 CYS B C   
265 O O   . CYS B 2  ? 0.2112 0.2040 0.2106 -0.0104 -0.0015 -0.0831 10 CYS B O   
266 C CB  . CYS B 2  ? 0.2266 0.2007 0.1516 -0.0244 -0.0064 -0.0457 10 CYS B CB  
267 S SG  . CYS B 2  ? 0.2618 0.1932 0.1948 -0.0311 0.0098  -0.0637 10 CYS B SG  
268 N N   . LYS B 3  ? 0.2472 0.2107 0.2221 -0.0070 0.0003  -0.0664 11 LYS B N   
269 C CA  . LYS B 3  ? 0.2587 0.2390 0.1511 -0.0116 0.0227  -0.0426 11 LYS B CA  
270 C C   . LYS B 3  ? 0.2360 0.2135 0.1775 -0.0246 0.0017  -0.0603 11 LYS B C   
271 O O   . LYS B 3  ? 0.2495 0.1890 0.1698 -0.0411 -0.0062 -0.0565 11 LYS B O   
272 C CB  . LYS B 3  ? 0.2041 0.1894 0.2028 -0.0272 0.0387  -0.0306 11 LYS B CB  
273 C CG  . LYS B 3  ? 0.2294 0.2335 0.2226 -0.0246 -0.0333 -0.0406 11 LYS B CG  
274 C CD  . LYS B 3  ? 0.2066 0.1828 0.1973 -0.0251 0.0097  -0.0640 11 LYS B CD  
275 C CE  . LYS B 3  ? 0.2294 0.2430 0.2420 -0.0162 -0.0113 -0.0433 11 LYS B CE  
276 N NZ  . LYS B 3  ? 0.2386 0.2173 0.2026 -0.0001 0.0714  -0.0693 11 LYS B NZ  
277 N N   . PHE B 4  ? 0.1906 0.2729 0.1525 -0.0080 -0.0064 -0.0415 12 PHE B N   
278 C CA  . PHE B 4  ? 0.1970 0.2070 0.2178 -0.0191 0.0191  -0.0606 12 PHE B CA  
279 C C   . PHE B 4  ? 0.2823 0.1880 0.2001 0.0052  -0.0313 -0.0442 12 PHE B C   
280 O O   . PHE B 4  ? 0.2818 0.2062 0.1677 -0.0266 0.0031  -0.0511 12 PHE B O   
281 C CB  . PHE B 4  ? 0.2173 0.1980 0.1570 -0.0265 -0.0301 -0.0794 12 PHE B CB  
282 C CG  . PHE B 4  ? 0.1844 0.1871 0.2075 -0.0487 -0.0314 -0.0469 12 PHE B CG  
283 C CD1 . PHE B 4  ? 0.2382 0.1720 0.1919 -0.0282 -0.0180 -0.0670 12 PHE B CD1 
284 C CD2 . PHE B 4  ? 0.2279 0.1472 0.1607 -0.0628 -0.0218 -0.0756 12 PHE B CD2 
285 C CE1 . PHE B 4  ? 0.2027 0.1990 0.1992 -0.0466 0.0060  -0.0643 12 PHE B CE1 
286 C CE2 . PHE B 4  ? 0.2553 0.1851 0.0906 -0.0135 0.0220  -0.0772 12 PHE B CE2 
287 C CZ  . PHE B 4  ? 0.2253 0.2059 0.1694 -0.0199 0.0118  -0.0619 12 PHE B CZ  
288 N N   . TYR B 5  ? 0.2032 0.2344 0.2296 -0.0111 0.0154  -0.0599 13 TYR B N   
289 C CA  . TYR B 5  ? 0.2044 0.2028 0.1666 -0.0456 -0.0157 -0.0593 13 TYR B CA  
290 C C   . TYR B 5  ? 0.2277 0.2226 0.1943 -0.0095 0.0061  -0.0717 13 TYR B C   
291 O O   . TYR B 5  ? 0.2238 0.1902 0.2074 -0.0286 -0.0149 -0.0639 13 TYR B O   
292 C CB  . TYR B 5  ? 0.2324 0.2197 0.2767 -0.0019 0.0195  -0.0493 13 TYR B CB  
293 C CG  . TYR B 5  ? 0.2021 0.2427 0.2090 -0.0426 -0.0105 -0.0569 13 TYR B CG  
294 C CD1 . TYR B 5  ? 0.2016 0.1943 0.1687 -0.0186 0.0090  -0.0701 13 TYR B CD1 
295 C CD2 . TYR B 5  ? 0.2283 0.1717 0.1132 -0.0068 0.0489  -0.0994 13 TYR B CD2 
296 C CE1 . TYR B 5  ? 0.2572 0.2025 0.2059 -0.0597 -0.0014 -0.0395 13 TYR B CE1 
297 C CE2 . TYR B 5  ? 0.2471 0.2435 0.1813 -0.0276 -0.0005 -0.0652 13 TYR B CE2 
298 C CZ  . TYR B 5  ? 0.1943 0.2367 0.1822 -0.0086 0.0103  -0.0674 13 TYR B CZ  
299 O OH  . TYR B 5  ? 0.2475 0.1957 0.2213 -0.0562 -0.0150 -0.0303 13 TYR B OH  
300 N N   . ILE B 6  ? 0.2264 0.2017 0.1546 -0.0910 -0.0235 -0.0370 14 ILE B N   
301 C CA  . ILE B 6  ? 0.2203 0.1933 0.1923 -0.0085 0.0131  -0.0623 14 ILE B CA  
302 C C   . ILE B 6  ? 0.2054 0.2189 0.2111 -0.0201 -0.0081 -0.0703 14 ILE B C   
303 O O   . ILE B 6  ? 0.2348 0.1934 0.1662 -0.0281 -0.0034 -0.1003 14 ILE B O   
304 C CB  . ILE B 6  ? 0.2318 0.2689 0.1941 0.0126  0.0032  -0.0529 14 ILE B CB  
305 C CG1 . ILE B 6  ? 0.2247 0.2086 0.2660 -0.0269 -0.0264 -0.0587 14 ILE B CG1 
306 C CG2 . ILE B 6  ? 0.2226 0.2117 0.1837 -0.0430 0.0274  -0.0108 14 ILE B CG2 
307 C CD1 . ILE B 6  ? 0.2450 0.2400 0.1752 -0.0145 -0.0028 -0.0160 14 ILE B CD1 
308 N N   . CYS B 7  ? 0.2249 0.1221 0.1576 -0.0339 0.0077  -0.0610 15 CYS B N   
309 C CA  . CYS B 7  ? 0.2400 0.1851 0.2337 -0.0019 -0.0016 -0.0434 15 CYS B CA  
310 C C   . CYS B 7  ? 0.2597 0.2128 0.1990 -0.0318 0.0041  -0.0408 15 CYS B C   
311 O O   . CYS B 7  ? 0.2525 0.2440 0.2207 -0.0314 0.0054  -0.0206 15 CYS B O   
312 C CB  . CYS B 7  ? 0.2601 0.1828 0.1902 0.0005  0.0266  -0.0529 15 CYS B CB  
313 S SG  . CYS B 7  ? 0.2514 0.2019 0.2173 -0.0373 -0.0094 -0.0552 15 CYS B SG  
314 N N   . SER B 8  ? 0.2281 0.2341 0.1660 0.0079  0.0099  -0.0325 16 SER B N   
315 C CA  . SER B 8  ? 0.2695 0.2407 0.2684 -0.0071 0.0086  -0.0416 16 SER B CA  
316 C C   . SER B 8  ? 0.2556 0.1997 0.1757 -0.0154 0.0194  -0.0444 16 SER B C   
317 O O   . SER B 8  ? 0.2543 0.2206 0.1797 -0.0078 -0.0057 -0.0478 16 SER B O   
318 C CB  . SER B 8  ? 0.2647 0.2229 0.2144 -0.0321 -0.0144 -0.0632 16 SER B CB  
319 O OG  . SER B 8  ? 0.3074 0.2768 0.1842 -0.0272 0.0060  -0.0656 16 SER B OG  
320 N N   . ASN B 9  ? 0.2514 0.1549 0.2241 -0.0483 -0.0014 -0.0468 17 ASN B N   
321 C CA  . ASN B 9  ? 0.2990 0.2039 0.1928 -0.0001 0.0399  -0.0798 17 ASN B CA  
322 C C   . ASN B 9  ? 0.2506 0.2405 0.1780 -0.0083 -0.0033 -0.0478 17 ASN B C   
323 O O   . ASN B 9  ? 0.3182 0.1999 0.1961 -0.0567 0.0021  -0.0523 17 ASN B O   
324 C CB  . ASN B 9  ? 0.2718 0.2051 0.2342 -0.0053 0.0093  -0.0415 17 ASN B CB  
325 C CG  . ASN B 9  ? 0.2482 0.2463 0.1882 0.0023  -0.0017 -0.0546 17 ASN B CG  
326 O OD1 . ASN B 9  ? 0.2741 0.2244 0.2240 0.0309  0.0120  -0.0486 17 ASN B OD1 
327 N ND2 . ASN B 9  ? 0.2884 0.2222 0.2034 -0.0042 0.0010  -0.0447 17 ASN B ND2 
328 N N   . TRP B 10 ? 0.2742 0.1832 0.2025 0.0036  0.0352  -0.0540 18 TRP B N   
329 C CA  . TRP B 10 ? 0.2193 0.2006 0.1947 -0.0070 0.0249  -0.0599 18 TRP B CA  
330 C C   . TRP B 10 ? 0.2408 0.1740 0.1357 -0.0380 -0.0089 -0.0604 18 TRP B C   
331 O O   . TRP B 10 ? 0.2681 0.2326 0.2032 0.0138  0.0393  -0.0647 18 TRP B O   
332 C CB  . TRP B 10 ? 0.2445 0.1992 0.1833 -0.0031 0.0040  -0.0172 18 TRP B CB  
333 C CG  . TRP B 10 ? 0.2700 0.2025 0.2217 -0.0201 0.0129  -0.0152 18 TRP B CG  
334 C CD1 . TRP B 10 ? 0.2001 0.1568 0.2044 -0.0169 0.0045  -0.0566 18 TRP B CD1 
335 C CD2 . TRP B 10 ? 0.2148 0.2021 0.1666 -0.0474 -0.0269 -0.0665 18 TRP B CD2 
336 N NE1 . TRP B 10 ? 0.1875 0.1839 0.1759 -0.0578 -0.0195 -0.0681 18 TRP B NE1 
337 C CE2 . TRP B 10 ? 0.2165 0.1484 0.1664 -0.0533 -0.0187 -0.0869 18 TRP B CE2 
338 C CE3 . TRP B 10 ? 0.2652 0.1740 0.1855 0.0026  0.0179  -0.0551 18 TRP B CE3 
339 C CZ2 . TRP B 10 ? 0.2273 0.1803 0.1899 -0.0321 0.0110  -0.0463 18 TRP B CZ2 
340 C CZ3 . TRP B 10 ? 0.2493 0.1804 0.1488 -0.0118 -0.0149 -0.0849 18 TRP B CZ3 
341 C CH2 . TRP B 10 ? 0.2285 0.1844 0.1922 -0.0374 0.0069  -0.0492 18 TRP B CH2 
342 N N   . GLU B 11 ? 0.2311 0.1693 0.1765 0.0016  0.0243  -0.0730 19 GLU B N   
343 C CA  . GLU B 11 ? 0.2200 0.1733 0.2169 -0.0320 -0.0044 -0.0719 19 GLU B CA  
344 C C   . GLU B 11 ? 0.2277 0.2077 0.2027 -0.0108 0.0263  -0.0819 19 GLU B C   
345 O O   . GLU B 11 ? 0.2643 0.1913 0.2296 -0.0340 0.0027  -0.0523 19 GLU B O   
346 C CB  . GLU B 11 ? 0.2336 0.1500 0.1797 0.0101  0.0157  -0.0596 19 GLU B CB  
347 C CG  . GLU B 11 ? 0.2108 0.2218 0.2142 -0.0140 -0.0231 -0.0897 19 GLU B CG  
348 C CD  . GLU B 11 ? 0.2398 0.2425 0.1784 0.0693  0.0597  -0.0597 19 GLU B CD  
349 O OE1 . GLU B 11 ? 0.3101 0.2523 0.2166 -0.0067 -0.0050 -0.0626 19 GLU B OE1 
350 O OE2 . GLU B 11 ? 0.3303 0.2521 0.2407 0.0427  0.0203  -0.0255 19 GLU B OE2 
351 N N   . ALA B 12 ? 0.2411 0.2402 0.2338 0.0028  0.0211  -0.0988 20 ALA B N   
352 C CA  . ALA B 12 ? 0.2372 0.1650 0.1823 -0.0086 0.0367  -0.0700 20 ALA B CA  
353 C C   . ALA B 12 ? 0.2200 0.1855 0.2142 0.0010  0.0062  -0.0712 20 ALA B C   
354 O O   . ALA B 12 ? 0.2421 0.1877 0.1959 -0.0033 -0.0080 -0.0833 20 ALA B O   
355 C CB  . ALA B 12 ? 0.2358 0.2237 0.1995 -0.0021 0.0129  -0.0681 20 ALA B CB  
356 N N   . ILE B 13 ? 0.2460 0.1772 0.1726 -0.0127 0.0197  -0.0794 21 ILE B N   
357 C CA  . ILE B 13 ? 0.2558 0.1789 0.1484 -0.0101 0.0019  -0.0673 21 ILE B CA  
358 C C   . ILE B 13 ? 0.2412 0.2555 0.1460 0.0068  0.0100  -0.0483 21 ILE B C   
359 O O   . ILE B 13 ? 0.2561 0.2355 0.1775 -0.0374 -0.0159 -0.0548 21 ILE B O   
360 C CB  . ILE B 13 ? 0.2290 0.2004 0.1970 -0.0013 0.0190  -0.0729 21 ILE B CB  
361 C CG1 . ILE B 13 ? 0.2638 0.2421 0.1577 -0.0014 0.0217  -0.0728 21 ILE B CG1 
362 C CG2 . ILE B 13 ? 0.2539 0.1925 0.1702 -0.0046 0.0080  -0.0655 21 ILE B CG2 
363 C CD1 . ILE B 13 ? 0.2526 0.1600 0.1989 0.0211  0.0029  -0.0332 21 ILE B CD1 
364 N N   . HIS B 14 ? 0.2344 0.1880 0.1922 -0.0159 0.0490  -0.0557 22 HIS B N   
365 C CA  . HIS B 14 ? 0.2676 0.2347 0.2510 -0.0089 0.0236  -0.0572 22 HIS B CA  
366 C C   . HIS B 14 ? 0.2614 0.2377 0.1441 -0.0201 -0.0049 -0.0455 22 HIS B C   
367 O O   . HIS B 14 ? 0.2828 0.2553 0.2021 -0.0190 0.0007  -0.0424 22 HIS B O   
368 C CB  . HIS B 14 ? 0.2723 0.1992 0.2371 -0.0241 -0.0171 -0.0411 22 HIS B CB  
369 C CG  . HIS B 14 ? 0.2401 0.1697 0.1944 -0.0264 -0.0093 -0.0683 22 HIS B CG  
370 N ND1 . HIS B 14 ? 0.2595 0.2143 0.2087 -0.0422 -0.0046 -0.0447 22 HIS B ND1 
371 C CD2 . HIS B 14 ? 0.2270 0.1908 0.2051 -0.0508 -0.0160 -0.0492 22 HIS B CD2 
372 C CE1 . HIS B 14 ? 0.2315 0.2133 0.2696 -0.0065 -0.0026 -0.0106 22 HIS B CE1 
373 N NE2 . HIS B 14 ? 0.2276 0.2267 0.1836 -0.0321 0.0151  -0.0622 22 HIS B NE2 
374 N N   . LYS B 15 ? 0.2515 0.1808 0.2301 -0.0189 -0.0109 -0.0604 23 LYS B N   
375 C CA  . LYS B 15 ? 0.2235 0.2328 0.1964 -0.0132 0.0151  -0.0655 23 LYS B CA  
376 C C   . LYS B 15 ? 0.2551 0.1790 0.1837 -0.0413 0.0222  -0.0368 23 LYS B C   
377 O O   . LYS B 15 ? 0.2608 0.1985 0.2258 -0.0224 0.0054  -0.0502 23 LYS B O   
378 C CB  . LYS B 15 ? 0.2481 0.2196 0.2406 -0.0551 0.0256  -0.0984 23 LYS B CB  
379 C CG  . LYS B 15 ? 0.2182 0.2715 0.1609 -0.0341 -0.0041 -0.0326 23 LYS B CG  
380 C CD  . LYS B 15 ? 0.2469 0.2438 0.1653 -0.0214 0.0020  -0.0301 23 LYS B CD  
381 C CE  . LYS B 15 ? 0.2759 0.1470 0.1910 -0.0052 0.0223  -0.0878 23 LYS B CE  
382 N NZ  . LYS B 15 ? 0.2228 0.1852 0.1446 -0.0391 -0.0031 -0.0874 23 LYS B NZ  
383 N N   . SER B 16 ? 0.2723 0.2239 0.2015 0.0192  0.0257  -0.0430 24 SER B N   
384 C CA  . SER B 16 ? 0.2048 0.1750 0.2003 -0.0447 -0.0016 -0.0385 24 SER B CA  
385 C C   . SER B 16 ? 0.2268 0.1936 0.1678 -0.0214 0.0236  -0.0812 24 SER B C   
386 O O   . SER B 16 ? 0.2213 0.1829 0.1940 -0.0257 0.0109  -0.0651 24 SER B O   
387 C CB  . SER B 16 ? 0.2483 0.2502 0.1554 -0.0414 -0.0199 -0.0554 24 SER B CB  
388 O OG  . SER B 16 ? 0.2268 0.1913 0.1959 -0.0467 -0.0093 -0.0613 24 SER B OG  
389 N N   . CYS B 17 ? 0.2796 0.2324 0.2291 -0.0579 -0.0096 -0.0379 25 CYS B N   
390 C CA  . CYS B 17 ? 0.2518 0.1563 0.1814 -0.0242 -0.0070 -0.0768 25 CYS B CA  
391 C C   . CYS B 17 ? 0.2122 0.2455 0.2027 -0.0363 -0.0048 -0.0429 25 CYS B C   
392 O O   . CYS B 17 ? 0.2113 0.1996 0.1813 -0.0439 -0.0283 -0.0839 25 CYS B O   
393 C CB  . CYS B 17 ? 0.2473 0.1672 0.1647 -0.0111 -0.0075 -0.0702 25 CYS B CB  
394 S SG  . CYS B 17 ? 0.2454 0.2135 0.1859 -0.0110 0.0137  -0.0653 25 CYS B SG  
395 N N   . PRO B 18 ? 0.2441 0.2266 0.2420 -0.0102 0.0070  -0.0236 26 PRO B N   
396 C CA  . PRO B 18 ? 0.2546 0.1872 0.1823 -0.0139 0.0188  -0.0563 26 PRO B CA  
397 C C   . PRO B 18 ? 0.2285 0.1813 0.1713 -0.0244 -0.0079 -0.0677 26 PRO B C   
398 O O   . PRO B 18 ? 0.2144 0.1803 0.1661 0.0089  0.0381  -0.0607 26 PRO B O   
399 C CB  . PRO B 18 ? 0.2312 0.2164 0.2375 -0.0451 -0.0133 -0.0675 26 PRO B CB  
400 C CG  . PRO B 18 ? 0.2821 0.2087 0.1821 0.0359  0.0061  -0.0278 26 PRO B CG  
401 C CD  . PRO B 18 ? 0.2445 0.2249 0.1625 -0.0646 -0.0065 -0.0637 26 PRO B CD  
402 N N   . GLY B 19 ? 0.2114 0.2308 0.1197 -0.0247 -0.0106 -0.0750 27 GLY B N   
403 C CA  . GLY B 19 ? 0.2162 0.1547 0.2644 -0.0345 0.0233  -0.0525 27 GLY B CA  
404 C C   . GLY B 19 ? 0.2449 0.1966 0.1771 -0.0272 -0.0043 -0.0582 27 GLY B C   
405 O O   . GLY B 19 ? 0.2528 0.1921 0.1995 -0.0131 0.0136  -0.0643 27 GLY B O   
406 N N   . ASN B 20 ? 0.2544 0.1737 0.1747 -0.0368 -0.0203 -0.0485 28 ASN B N   
407 C CA  . ASN B 20 ? 0.2272 0.2116 0.1963 -0.0099 0.0275  -0.0725 28 ASN B CA  
408 C C   . ASN B 20 ? 0.2596 0.1616 0.1380 0.0001  0.0094  -0.0885 28 ASN B C   
409 O O   . ASN B 20 ? 0.2466 0.1783 0.2226 -0.0297 0.0364  -0.0460 28 ASN B O   
410 C CB  . ASN B 20 ? 0.2342 0.1589 0.1419 -0.0329 -0.0047 -0.0914 28 ASN B CB  
411 C CG  . ASN B 20 ? 0.2426 0.2075 0.1866 -0.0089 0.0385  -0.0197 28 ASN B CG  
412 O OD1 . ASN B 20 ? 0.3344 0.2045 0.2012 -0.0021 0.0399  -0.0675 28 ASN B OD1 
413 N ND2 . ASN B 20 ? 0.2885 0.2307 0.2216 0.0028  0.0070  -0.0429 28 ASN B ND2 
414 N N   . THR B 21 ? 0.2002 0.2078 0.2002 -0.0304 -0.0061 -0.0842 29 THR B N   
415 C CA  . THR B 21 ? 0.2507 0.1901 0.1911 -0.0366 -0.0118 -0.0390 29 THR B CA  
416 C C   . THR B 21 ? 0.2183 0.2021 0.1723 -0.0085 -0.0123 -0.0544 29 THR B C   
417 O O   . THR B 21 ? 0.2566 0.1995 0.2101 -0.0305 0.0088  -0.0770 29 THR B O   
418 C CB  . THR B 21 ? 0.2441 0.2003 0.1900 -0.0282 -0.0149 -0.0428 29 THR B CB  
419 O OG1 . THR B 21 ? 0.2820 0.1996 0.2208 -0.0224 -0.0129 -0.0345 29 THR B OG1 
420 C CG2 . THR B 21 ? 0.1957 0.1597 0.1887 -0.0600 -0.0130 -0.0591 29 THR B CG2 
421 N N   . ARG B 22 ? 0.3271 0.2008 0.2216 -0.0186 0.0014  -0.0391 30 ARG B N   
422 C CA  . ARG B 22 ? 0.2834 0.1833 0.2121 -0.0068 0.0113  -0.0231 30 ARG B CA  
423 C C   . ARG B 22 ? 0.2716 0.2126 0.2516 -0.0461 0.0360  -0.0347 30 ARG B C   
424 O O   . ARG B 22 ? 0.2483 0.2384 0.2163 -0.0398 -0.0099 -0.0511 30 ARG B O   
425 C CB  . ARG B 22 ? 0.2537 0.1528 0.1742 -0.0050 0.0182  -0.0885 30 ARG B CB  
426 C CG  . ARG B 22 ? 0.2502 0.2459 0.1592 -0.0331 0.0016  -0.0654 30 ARG B CG  
427 C CD  . ARG B 22 ? 0.2581 0.1596 0.1886 0.0312  0.0485  -0.0517 30 ARG B CD  
428 N NE  . ARG B 22 ? 0.2685 0.2444 0.2076 0.0037  0.0367  -0.0164 30 ARG B NE  
429 C CZ  . ARG B 22 ? 0.2378 0.2037 0.1938 0.0130  0.0238  -0.0216 30 ARG B CZ  
430 N NH1 . ARG B 22 ? 0.2741 0.2396 0.1834 -0.0112 0.0101  -0.0399 30 ARG B NH1 
431 N NH2 . ARG B 22 ? 0.2528 0.1987 0.2670 -0.0503 -0.0058 -0.0495 30 ARG B NH2 
432 N N   . TRP B 23 ? 0.2952 0.1837 0.1943 -0.0118 -0.0063 -0.0923 31 TRP B N   
433 C CA  . TRP B 23 ? 0.2382 0.2351 0.2262 -0.0421 -0.0185 -0.0666 31 TRP B CA  
434 C C   . TRP B 23 ? 0.2490 0.2097 0.1796 0.0137  0.0285  -0.0341 31 TRP B C   
435 O O   . TRP B 23 ? 0.2761 0.1967 0.1737 -0.0131 -0.0013 -0.0544 31 TRP B O   
436 C CB  . TRP B 23 ? 0.2782 0.1817 0.1406 -0.0108 0.0354  -0.0851 31 TRP B CB  
437 C CG  . TRP B 23 ? 0.1964 0.2348 0.2219 -0.0256 0.0051  -0.0215 31 TRP B CG  
438 C CD1 . TRP B 23 ? 0.2412 0.1740 0.2082 -0.0170 0.0100  -0.0580 31 TRP B CD1 
439 C CD2 . TRP B 23 ? 0.2828 0.2395 0.2315 0.0132  0.0330  -0.0090 31 TRP B CD2 
440 N NE1 . TRP B 23 ? 0.2126 0.2176 0.2316 -0.0660 -0.0202 -0.0477 31 TRP B NE1 
441 C CE2 . TRP B 23 ? 0.2654 0.2173 0.1401 0.0114  0.0339  -0.0422 31 TRP B CE2 
442 C CE3 . TRP B 23 ? 0.2492 0.1358 0.1936 -0.0044 0.0594  -0.0929 31 TRP B CE3 
443 C CZ2 . TRP B 23 ? 0.2049 0.1366 0.2350 -0.0601 -0.0134 -0.0785 31 TRP B CZ2 
444 C CZ3 . TRP B 23 ? 0.1751 0.2156 0.2569 -0.0250 -0.0087 -0.0496 31 TRP B CZ3 
445 C CH2 . TRP B 23 ? 0.2342 0.1842 0.1888 -0.0095 -0.0003 -0.0736 31 TRP B CH2 
446 N N   . ASN B 24 ? 0.2449 0.1808 0.1950 -0.0430 -0.0070 -0.0510 32 ASN B N   
447 C CA  . ASN B 24 ? 0.2446 0.1916 0.1761 -0.0065 -0.0020 -0.0676 32 ASN B CA  
448 C C   . ASN B 24 ? 0.2393 0.2227 0.1973 -0.0281 0.0276  -0.0529 32 ASN B C   
449 O O   . ASN B 24 ? 0.2690 0.2502 0.2163 -0.0229 0.0187  -0.0479 32 ASN B O   
450 C CB  . ASN B 24 ? 0.2759 0.1492 0.2144 -0.0161 -0.0109 -0.0518 32 ASN B CB  
451 C CG  . ASN B 24 ? 0.2883 0.1852 0.2041 -0.0066 -0.0260 -0.0570 32 ASN B CG  
452 O OD1 . ASN B 24 ? 0.2424 0.1798 0.2350 -0.0143 -0.0104 -0.0539 32 ASN B OD1 
453 N ND2 . ASN B 24 ? 0.3146 0.2489 0.2344 0.0005  0.0089  -0.0730 32 ASN B ND2 
454 N N   . GLU B 25 ? 0.2331 0.1904 0.1685 0.0109  -0.0022 -0.0631 33 GLU B N   
455 C CA  . GLU B 25 ? 0.2399 0.1712 0.1879 -0.0254 0.0039  -0.0735 33 GLU B CA  
456 C C   . GLU B 25 ? 0.2513 0.2381 0.1675 0.0241  0.0054  -0.0763 33 GLU B C   
457 O O   . GLU B 25 ? 0.2558 0.2256 0.1668 -0.0063 -0.0005 -0.0645 33 GLU B O   
458 C CB  . GLU B 25 ? 0.2526 0.2577 0.1950 -0.0173 0.0110  -0.0832 33 GLU B CB  
459 C CG  . GLU B 25 ? 0.2516 0.1502 0.2568 -0.0048 0.0027  -0.0900 33 GLU B CG  
460 C CD  . GLU B 25 ? 0.2334 0.2474 0.2047 -0.0447 -0.0168 -0.0755 33 GLU B CD  
461 O OE1 . GLU B 25 ? 0.2711 0.2032 0.1990 -0.0316 -0.0065 -0.0629 33 GLU B OE1 
462 O OE2 . GLU B 25 ? 0.2383 0.2400 0.2216 -0.0107 0.0238  -0.0613 33 GLU B OE2 
463 N N   . LYS B 26 ? 0.2602 0.2262 0.2269 -0.0354 -0.0127 -0.0773 34 LYS B N   
464 C CA  . LYS B 26 ? 0.2725 0.1892 0.1783 0.0220  0.0015  -0.0523 34 LYS B CA  
465 C C   . LYS B 26 ? 0.2097 0.2244 0.2768 -0.0024 -0.0021 -0.0281 34 LYS B C   
466 O O   . LYS B 26 ? 0.2595 0.2284 0.2754 -0.0242 -0.0046 -0.0661 34 LYS B O   
467 C CB  . LYS B 26 ? 0.2209 0.2098 0.1783 -0.0089 -0.0347 -0.0850 34 LYS B CB  
468 C CG  . LYS B 26 ? 0.2699 0.1789 0.1934 -0.0250 -0.0069 -0.0722 34 LYS B CG  
469 C CD  . LYS B 26 ? 0.2887 0.2516 0.1597 0.0496  0.0207  -0.0466 34 LYS B CD  
470 C CE  . LYS B 26 ? 0.2677 0.2062 0.1595 -0.0366 0.0035  -0.0849 34 LYS B CE  
471 N NZ  . LYS B 26 ? 0.3024 0.2229 0.1792 0.0171  -0.0012 -0.0820 34 LYS B NZ  
472 N N   . GLU B 27 ? 0.2601 0.1756 0.2456 -0.0348 0.0035  -0.0406 35 GLU B N   
473 C CA  . GLU B 27 ? 0.2599 0.2226 0.2172 0.0051  -0.0025 -0.0457 35 GLU B CA  
474 C C   . GLU B 27 ? 0.2160 0.2281 0.2133 -0.0363 -0.0141 -0.0193 35 GLU B C   
475 O O   . GLU B 27 ? 0.2562 0.2555 0.2150 -0.0309 -0.0032 -0.0505 35 GLU B O   
476 C CB  . GLU B 27 ? 0.2874 0.2184 0.2026 -0.0173 -0.0240 -0.0667 35 GLU B CB  
477 C CG  . GLU B 27 ? 0.2935 0.2500 0.1957 -0.0171 -0.0132 -0.0482 35 GLU B CG  
478 C CD  . GLU B 27 ? 0.2453 0.1460 0.2178 -0.0237 -0.0247 -0.0458 35 GLU B CD  
479 O OE1 . GLU B 27 ? 0.2868 0.1934 0.1924 -0.0203 -0.0218 -0.0686 35 GLU B OE1 
480 O OE2 . GLU B 27 ? 0.2882 0.2229 0.2053 -0.0110 -0.0157 -0.0406 35 GLU B OE2 
481 N N   . LEU B 28 ? 0.2810 0.2312 0.2200 -0.0204 -0.0044 -0.0723 36 LEU B N   
482 C CA  . LEU B 28 ? 0.2216 0.2069 0.1948 -0.0254 0.0022  -0.0416 36 LEU B CA  
483 C C   . LEU B 28 ? 0.2436 0.2787 0.2151 0.0041  0.0335  -0.0177 36 LEU B C   
484 O O   . LEU B 28 ? 0.2641 0.2775 0.1929 -0.0231 0.0058  -0.0632 36 LEU B O   
485 C CB  . LEU B 28 ? 0.2277 0.1417 0.2129 -0.0539 0.0194  -0.0771 36 LEU B CB  
486 C CG  . LEU B 28 ? 0.2471 0.2190 0.2017 0.0204  0.0169  -0.0277 36 LEU B CG  
487 C CD1 . LEU B 28 ? 0.2159 0.1771 0.2001 -0.0260 -0.0245 -0.1018 36 LEU B CD1 
488 C CD2 . LEU B 28 ? 0.2304 0.1457 0.1185 -0.0336 -0.0237 -0.0453 36 LEU B CD2 
489 N N   . THR B 29 ? 0.2576 0.1699 0.2364 -0.0519 -0.0094 -0.0503 37 THR B N   
490 C CA  . THR B 29 ? 0.2155 0.1854 0.2251 -0.0424 -0.0016 -0.0392 37 THR B CA  
491 C C   . THR B 29 ? 0.2765 0.2246 0.1841 -0.0241 -0.0016 -0.0350 37 THR B C   
492 O O   . THR B 29 ? 0.2696 0.2288 0.1766 -0.0276 -0.0326 -0.0426 37 THR B O   
493 C CB  . THR B 29 ? 0.2220 0.1429 0.1878 -0.0424 0.0038  -0.0435 37 THR B CB  
494 O OG1 . THR B 29 ? 0.2331 0.2114 0.2116 -0.0644 -0.0292 -0.0407 37 THR B OG1 
495 C CG2 . THR B 29 ? 0.2209 0.2357 0.2284 -0.0056 -0.0094 -0.0624 37 THR B CG2 
496 N N   . CYS B 30 ? 0.2241 0.1728 0.2000 -0.0119 0.0016  -0.0584 38 CYS B N   
497 C CA  . CYS B 30 ? 0.2330 0.1149 0.2210 -0.0268 0.0053  -0.0728 38 CYS B CA  
498 C C   . CYS B 30 ? 0.2018 0.1745 0.1655 -0.0586 -0.0305 -0.0793 38 CYS B C   
499 O O   . CYS B 30 ? 0.2343 0.1754 0.1896 -0.0056 0.0197  -0.0640 38 CYS B O   
500 C CB  . CYS B 30 ? 0.2501 0.1801 0.1881 -0.0156 -0.0018 -0.0795 38 CYS B CB  
501 S SG  . CYS B 30 ? 0.2591 0.2020 0.2104 -0.0271 0.0063  -0.0751 38 CYS B SG  
502 N N   . THR B 31 ? 0.2894 0.1841 0.2042 -0.0092 0.0091  -0.0781 39 THR B N   
503 C CA  . THR B 31 ? 0.2443 0.1842 0.1853 -0.0415 -0.0290 -0.0717 39 THR B CA  
504 C C   . THR B 31 ? 0.3012 0.2074 0.2232 -0.0033 0.0041  -0.0283 39 THR B C   
505 O O   . THR B 31 ? 0.3020 0.1779 0.1704 -0.0149 -0.0021 -0.0511 39 THR B O   
506 C CB  . THR B 31 ? 0.2515 0.2538 0.2339 -0.0057 -0.0142 -0.0626 39 THR B CB  
507 O OG1 . THR B 31 ? 0.2667 0.2465 0.2014 0.0037  -0.0161 -0.0711 39 THR B OG1 
508 C CG2 . THR B 31 ? 0.2557 0.1973 0.2167 -0.0534 -0.0198 -0.0821 39 THR B CG2 
# 
